data_6ZJZ
#
_entry.id   6ZJZ
#
_cell.length_a   146.362
_cell.length_b   98.245
_cell.length_c   141.095
_cell.angle_alpha   90.000
_cell.angle_beta   105.640
_cell.angle_gamma   90.000
#
_symmetry.space_group_name_H-M   'C 1 2 1'
#
loop_
_entity.id
_entity.type
_entity.pdbx_description
1 polymer 'Toll-like receptor 8'
2 branched alpha-D-mannopyranose-(1-2)-alpha-D-mannopyranose-(1-3)-[alpha-D-mannopyranose-(1-6)]beta-D-mannopyranose-(1-4)-2-acetamido-2-deoxy-beta-D-glucopyranose-(1-4)-2-acetamido-2-deoxy-beta-D-glucopyranose
3 branched beta-D-mannopyranose-(1-4)-2-acetamido-2-deoxy-beta-D-glucopyranose-(1-4)-2-acetamido-2-deoxy-beta-D-glucopyranose
4 branched alpha-D-mannopyranose-(1-3)-[alpha-D-mannopyranose-(1-6)]beta-D-mannopyranose-(1-4)-2-acetamido-2-deoxy-beta-D-glucopyranose-(1-4)-2-acetamido-2-deoxy-beta-D-glucopyranose
5 non-polymer 2-acetamido-2-deoxy-beta-D-glucopyranose
6 non-polymer 5-[(3~{R},5~{S})-3-azanyl-5-(trifluoromethyl)piperidin-1-yl]quinoline-8-carbonitrile
7 non-polymer 'FORMIC ACID'
8 water water
#
_entity_poly.entity_id   1
_entity_poly.type   'polypeptide(L)'
_entity_poly.pdbx_seq_one_letter_code
;EENFSRSYPCDEKKQNDSVIAECSNRRLQEVPQTVGKYVTELDLSDNFITHITNESFQGLQNLTKINLNHNPNVQHQNGN
PGIQSNGLNITDGAFLNLKNLRELLLEDNQLPQIPSGLPESLTELSLIQNNIYNITKEGISRLINLKNLYLAWNCYFNKV
CEKTNIEDGVFETLTNLELLSLSFNSLSHVPPKLPSSLRKLFLSNTQIKYISEEDFKGLINLTLLDLSGNCPRCFNAPFP
CVPCDGGASINIDRFAFQNLTQLRYLNLSSTSLRKINAAWFKNMPHLKVLDLEFNYLVGEIASGAFLTMLPRLEILDLSF
NYIKGSYPQHINISRNFSKLLSLRALHLRGYVFQELREDDFQPLMQLPNLSTINLGINFIKQIDFKLFQNFSNLEIIYLS
ENRISPLVKDTRQSYANSSSFQRHIRKRRSTDFEFDPHSNFYHFTRPLIKPQCAAYGKALDLSLNSIFFIGPNQFENLPD
IACLNLSANSNAQVLSGTEFSAIPHVKYLDLTNNRLDFDNASALTELSDLEVLDLSYNSHYFRIAGVTHHLEFIQNFTNL
KVLNLSHNNIYTLTDKYNLESKSLVELVFSGNRLDILWNDDDNRYISIFKGLKNLTRLDLSLNRLKHIPNEAFLNLPASL
TELHINDNMLKFFNWTLLQQFPRLELLDLRGNKLLFLTDSLSDFTSSLRTLLLSHNRISHLPSGFLSEVSSLKHLDLSSN
LLKTINKSALETKTTTKLSMLELHGNPFECTCDIGDFRRWMDEHLNVKIPRLVDVICASPGDQRGKSIVSLELTTCVSDV
T
;
_entity_poly.pdbx_strand_id   A,B
#
loop_
_chem_comp.id
_chem_comp.type
_chem_comp.name
_chem_comp.formula
BMA D-saccharide, beta linking beta-D-mannopyranose 'C6 H12 O6'
FMT non-polymer 'FORMIC ACID' 'C H2 O2'
MAN D-saccharide, alpha linking alpha-D-mannopyranose 'C6 H12 O6'
NAG D-saccharide, beta linking 2-acetamido-2-deoxy-beta-D-glucopyranose 'C8 H15 N O6'
QLH non-polymer 5-[(3~{R},5~{S})-3-azanyl-5-(trifluoromethyl)piperidin-1-yl]quinoline-8-carbonitrile 'C16 H15 F3 N4'
#
# COMPACT_ATOMS: atom_id res chain seq x y z
N SER A 5 -5.32 -42.25 -24.60
CA SER A 5 -4.73 -41.07 -25.24
C SER A 5 -4.76 -39.82 -24.35
N ARG A 6 -3.95 -38.80 -24.67
CA ARG A 6 -3.92 -37.51 -23.95
C ARG A 6 -4.98 -36.62 -24.54
N SER A 7 -5.88 -36.11 -23.69
CA SER A 7 -6.98 -35.27 -24.17
C SER A 7 -6.50 -33.92 -24.63
N TYR A 8 -7.21 -33.35 -25.63
CA TYR A 8 -6.88 -32.04 -26.14
C TYR A 8 -8.09 -31.46 -26.87
N PRO A 9 -8.43 -30.18 -26.63
CA PRO A 9 -7.75 -29.20 -25.76
C PRO A 9 -8.15 -29.24 -24.29
N CYS A 10 -9.17 -30.07 -23.93
CA CYS A 10 -9.75 -30.19 -22.58
C CYS A 10 -8.92 -31.07 -21.65
N ASP A 11 -9.18 -30.95 -20.35
CA ASP A 11 -8.54 -31.77 -19.33
C ASP A 11 -9.64 -32.69 -18.80
N GLU A 12 -9.73 -33.91 -19.34
CA GLU A 12 -10.77 -34.85 -18.91
C GLU A 12 -10.43 -35.45 -17.53
N LYS A 13 -11.41 -35.45 -16.63
CA LYS A 13 -11.17 -36.00 -15.27
C LYS A 13 -12.31 -36.95 -14.89
N LYS A 14 -12.04 -37.90 -14.00
CA LYS A 14 -13.09 -38.85 -13.55
C LYS A 14 -13.76 -38.22 -12.33
N GLN A 15 -15.05 -37.92 -12.43
CA GLN A 15 -15.77 -37.30 -11.28
C GLN A 15 -17.00 -38.12 -10.91
N ASN A 16 -17.09 -38.50 -9.64
CA ASN A 16 -18.26 -39.22 -9.10
C ASN A 16 -19.03 -40.06 -10.14
N ASP A 17 -18.40 -41.13 -10.66
CA ASP A 17 -19.03 -42.05 -11.61
C ASP A 17 -19.39 -41.46 -12.98
N SER A 18 -18.74 -40.33 -13.36
CA SER A 18 -18.92 -39.63 -14.63
C SER A 18 -17.53 -39.21 -15.18
N VAL A 19 -17.51 -38.73 -16.43
CA VAL A 19 -16.31 -38.18 -17.05
C VAL A 19 -16.64 -36.75 -17.40
N ILE A 20 -15.79 -35.83 -16.97
CA ILE A 20 -15.96 -34.40 -17.03
C ILE A 20 -14.87 -33.84 -17.91
N ALA A 21 -15.18 -32.79 -18.70
CA ALA A 21 -14.17 -32.12 -19.49
C ALA A 21 -13.99 -30.66 -19.03
N GLU A 22 -12.84 -30.35 -18.44
CA GLU A 22 -12.54 -28.98 -18.05
C GLU A 22 -11.90 -28.34 -19.28
N CYS A 23 -12.68 -27.54 -20.01
CA CYS A 23 -12.21 -26.93 -21.26
C CYS A 23 -12.29 -25.40 -21.26
N SER A 24 -12.19 -24.78 -20.09
CA SER A 24 -12.30 -23.34 -19.93
C SER A 24 -10.97 -22.60 -20.11
N ASN A 25 -11.01 -21.28 -20.40
CA ASN A 25 -9.81 -20.46 -20.53
C ASN A 25 -8.72 -21.07 -21.47
N ARG A 26 -9.14 -21.58 -22.64
CA ARG A 26 -8.20 -22.18 -23.60
C ARG A 26 -8.06 -21.35 -24.86
N ARG A 27 -8.70 -20.19 -24.96
CA ARG A 27 -8.64 -19.35 -26.16
C ARG A 27 -9.31 -19.98 -27.38
N LEU A 28 -10.24 -20.93 -27.17
CA LEU A 28 -10.95 -21.64 -28.24
C LEU A 28 -11.92 -20.76 -28.99
N GLN A 29 -11.82 -20.72 -30.33
CA GLN A 29 -12.72 -19.91 -31.17
C GLN A 29 -14.01 -20.64 -31.62
N GLU A 30 -14.07 -21.97 -31.37
CA GLU A 30 -15.21 -22.82 -31.65
C GLU A 30 -15.17 -24.05 -30.75
N VAL A 31 -16.32 -24.74 -30.60
CA VAL A 31 -16.47 -25.97 -29.80
C VAL A 31 -15.52 -27.03 -30.33
N PRO A 32 -14.58 -27.52 -29.51
CA PRO A 32 -13.67 -28.57 -30.01
C PRO A 32 -14.41 -29.82 -30.45
N GLN A 33 -14.00 -30.37 -31.59
CA GLN A 33 -14.58 -31.61 -32.08
C GLN A 33 -13.78 -32.86 -31.59
N THR A 34 -12.76 -32.65 -30.73
CA THR A 34 -11.91 -33.69 -30.18
C THR A 34 -12.23 -34.00 -28.72
N VAL A 35 -13.53 -34.02 -28.38
CA VAL A 35 -13.95 -34.31 -27.01
C VAL A 35 -14.37 -35.78 -26.93
N GLY A 36 -13.94 -36.47 -25.86
CA GLY A 36 -14.26 -37.87 -25.64
C GLY A 36 -15.74 -38.15 -25.63
N LYS A 37 -16.17 -39.25 -26.31
CA LYS A 37 -17.60 -39.62 -26.39
C LYS A 37 -18.19 -39.93 -25.01
N TYR A 38 -17.33 -40.43 -24.11
CA TYR A 38 -17.67 -40.78 -22.74
C TYR A 38 -17.92 -39.56 -21.83
N VAL A 39 -17.50 -38.35 -22.25
CA VAL A 39 -17.67 -37.12 -21.48
C VAL A 39 -19.15 -36.75 -21.35
N THR A 40 -19.61 -36.47 -20.12
CA THR A 40 -21.00 -36.10 -19.84
C THR A 40 -21.17 -34.63 -19.38
N GLU A 41 -20.08 -33.98 -18.98
CA GLU A 41 -20.16 -32.59 -18.56
C GLU A 41 -19.07 -31.83 -19.24
N LEU A 42 -19.44 -30.71 -19.90
CA LEU A 42 -18.49 -29.92 -20.64
C LEU A 42 -18.42 -28.47 -20.13
N ASP A 43 -17.25 -28.03 -19.66
CA ASP A 43 -17.08 -26.66 -19.23
C ASP A 43 -16.31 -25.91 -20.33
N LEU A 44 -16.98 -25.09 -21.13
CA LEU A 44 -16.35 -24.33 -22.20
C LEU A 44 -16.32 -22.81 -21.91
N SER A 45 -16.52 -22.40 -20.65
CA SER A 45 -16.54 -21.00 -20.26
C SER A 45 -15.23 -20.24 -20.51
N ASP A 46 -15.28 -18.88 -20.56
CA ASP A 46 -14.13 -18.00 -20.76
C ASP A 46 -13.30 -18.29 -22.02
N ASN A 47 -13.96 -18.49 -23.15
CA ASN A 47 -13.33 -18.75 -24.43
C ASN A 47 -13.77 -17.69 -25.46
N PHE A 48 -13.36 -17.86 -26.73
CA PHE A 48 -13.74 -16.97 -27.82
C PHE A 48 -14.79 -17.63 -28.74
N ILE A 49 -15.57 -18.60 -28.24
CA ILE A 49 -16.58 -19.28 -29.03
C ILE A 49 -17.66 -18.27 -29.42
N THR A 50 -17.91 -18.14 -30.70
CA THR A 50 -18.85 -17.16 -31.25
C THR A 50 -20.12 -17.79 -31.82
N HIS A 51 -20.04 -19.05 -32.26
CA HIS A 51 -21.18 -19.72 -32.86
C HIS A 51 -21.47 -21.09 -32.29
N ILE A 52 -22.76 -21.40 -32.11
CA ILE A 52 -23.25 -22.70 -31.66
C ILE A 52 -24.36 -23.11 -32.63
N THR A 53 -24.12 -24.18 -33.39
CA THR A 53 -25.03 -24.66 -34.43
C THR A 53 -25.56 -26.09 -34.11
N ASN A 54 -26.39 -26.69 -35.01
CA ASN A 54 -26.90 -28.06 -34.85
C ASN A 54 -25.72 -29.07 -34.84
N GLU A 55 -24.64 -28.77 -35.60
CA GLU A 55 -23.46 -29.64 -35.67
C GLU A 55 -22.34 -29.20 -34.68
N SER A 56 -22.67 -28.55 -33.54
CA SER A 56 -21.65 -28.11 -32.59
C SER A 56 -21.31 -29.18 -31.58
N PHE A 57 -22.32 -29.93 -31.15
CA PHE A 57 -22.10 -31.02 -30.19
C PHE A 57 -22.55 -32.37 -30.75
N GLN A 58 -22.58 -32.52 -32.10
CA GLN A 58 -23.05 -33.72 -32.81
C GLN A 58 -22.45 -35.05 -32.31
N GLY A 59 -21.14 -35.08 -32.02
CA GLY A 59 -20.49 -36.30 -31.54
C GLY A 59 -20.50 -36.50 -30.03
N LEU A 60 -21.32 -35.69 -29.31
CA LEU A 60 -21.38 -35.73 -27.85
C LEU A 60 -22.80 -35.89 -27.32
N GLN A 61 -23.52 -36.87 -27.87
CA GLN A 61 -24.91 -37.23 -27.57
C GLN A 61 -25.25 -37.45 -26.09
N ASN A 62 -24.29 -37.98 -25.30
CA ASN A 62 -24.44 -38.36 -23.89
C ASN A 62 -24.26 -37.22 -22.88
N LEU A 63 -24.09 -35.99 -23.36
CA LEU A 63 -23.93 -34.80 -22.51
C LEU A 63 -25.17 -34.51 -21.64
N THR A 64 -24.94 -34.19 -20.37
CA THR A 64 -25.97 -33.80 -19.39
C THR A 64 -25.77 -32.35 -18.90
N LYS A 65 -24.55 -31.80 -19.03
CA LYS A 65 -24.27 -30.45 -18.58
C LYS A 65 -23.34 -29.74 -19.56
N ILE A 66 -23.67 -28.50 -19.90
CA ILE A 66 -22.86 -27.69 -20.82
C ILE A 66 -22.73 -26.29 -20.21
N ASN A 67 -21.52 -25.78 -20.09
CA ASN A 67 -21.28 -24.44 -19.57
C ASN A 67 -20.63 -23.60 -20.67
N LEU A 68 -21.32 -22.57 -21.16
CA LEU A 68 -20.75 -21.71 -22.19
C LEU A 68 -20.61 -20.26 -21.73
N ASN A 69 -20.51 -20.03 -20.41
CA ASN A 69 -20.41 -18.70 -19.82
C ASN A 69 -19.26 -17.87 -20.36
N HIS A 70 -19.47 -16.56 -20.42
CA HIS A 70 -18.44 -15.61 -20.86
C HIS A 70 -17.87 -15.93 -22.24
N ASN A 71 -18.74 -16.13 -23.23
CA ASN A 71 -18.34 -16.41 -24.61
C ASN A 71 -19.11 -15.45 -25.52
N PRO A 72 -18.40 -14.72 -26.39
CA PRO A 72 -16.94 -14.69 -26.58
C PRO A 72 -16.28 -13.60 -25.75
N ASN A 73 -15.11 -13.90 -25.16
CA ASN A 73 -14.40 -12.92 -24.34
C ASN A 73 -13.66 -11.87 -25.20
N ASN A 86 -21.02 -8.52 -31.20
CA ASN A 86 -20.05 -9.16 -30.30
C ASN A 86 -20.68 -10.14 -29.28
N GLY A 87 -21.84 -10.70 -29.62
CA GLY A 87 -22.53 -11.65 -28.76
C GLY A 87 -22.40 -13.09 -29.24
N LEU A 88 -22.98 -14.03 -28.48
CA LEU A 88 -22.92 -15.44 -28.86
C LEU A 88 -24.07 -15.79 -29.80
N ASN A 89 -23.75 -16.27 -31.00
CA ASN A 89 -24.74 -16.64 -31.98
C ASN A 89 -25.12 -18.09 -31.79
N ILE A 90 -26.35 -18.36 -31.33
CA ILE A 90 -26.82 -19.73 -31.16
C ILE A 90 -27.99 -19.93 -32.12
N THR A 91 -27.95 -20.99 -32.93
CA THR A 91 -29.05 -21.26 -33.86
C THR A 91 -30.28 -21.86 -33.14
N ASP A 92 -31.47 -21.76 -33.75
CA ASP A 92 -32.68 -22.33 -33.15
C ASP A 92 -32.55 -23.85 -33.20
N GLY A 93 -32.77 -24.51 -32.07
CA GLY A 93 -32.68 -25.96 -31.98
C GLY A 93 -31.26 -26.50 -32.03
N ALA A 94 -30.27 -25.66 -31.68
CA ALA A 94 -28.88 -26.10 -31.66
C ALA A 94 -28.65 -27.18 -30.59
N PHE A 95 -29.38 -27.08 -29.45
CA PHE A 95 -29.26 -28.04 -28.35
C PHE A 95 -30.33 -29.14 -28.37
N LEU A 96 -31.31 -29.06 -29.27
CA LEU A 96 -32.40 -30.04 -29.34
C LEU A 96 -31.95 -31.51 -29.49
N ASN A 97 -30.84 -31.78 -30.21
CA ASN A 97 -30.30 -33.14 -30.40
C ASN A 97 -29.78 -33.79 -29.12
N LEU A 98 -29.45 -32.99 -28.08
CA LEU A 98 -28.94 -33.53 -26.80
C LEU A 98 -30.11 -33.97 -25.94
N LYS A 99 -30.54 -35.22 -26.13
CA LYS A 99 -31.69 -35.81 -25.46
C LYS A 99 -31.50 -36.04 -23.95
N ASN A 100 -30.27 -35.94 -23.44
CA ASN A 100 -30.01 -36.13 -22.01
C ASN A 100 -29.47 -34.85 -21.32
N LEU A 101 -29.53 -33.67 -22.01
CA LEU A 101 -29.02 -32.41 -21.46
C LEU A 101 -29.97 -31.90 -20.39
N ARG A 102 -29.45 -31.76 -19.18
CA ARG A 102 -30.19 -31.38 -18.00
C ARG A 102 -29.82 -30.01 -17.46
N GLU A 103 -28.56 -29.60 -17.64
CA GLU A 103 -28.09 -28.34 -17.12
C GLU A 103 -27.37 -27.56 -18.19
N LEU A 104 -27.90 -26.39 -18.60
CA LEU A 104 -27.27 -25.55 -19.61
C LEU A 104 -26.99 -24.18 -19.03
N LEU A 105 -25.71 -23.77 -18.97
CA LEU A 105 -25.37 -22.46 -18.45
C LEU A 105 -24.94 -21.53 -19.59
N LEU A 106 -25.72 -20.48 -19.85
CA LEU A 106 -25.45 -19.50 -20.89
C LEU A 106 -25.38 -18.09 -20.26
N GLU A 107 -24.46 -17.90 -19.32
CA GLU A 107 -24.31 -16.61 -18.65
C GLU A 107 -23.33 -15.71 -19.35
N ASP A 108 -23.57 -14.40 -19.31
CA ASP A 108 -22.67 -13.40 -19.89
C ASP A 108 -22.25 -13.72 -21.32
N ASN A 109 -23.25 -13.90 -22.21
CA ASN A 109 -23.04 -14.19 -23.63
C ASN A 109 -23.62 -13.10 -24.54
N GLN A 110 -24.09 -11.95 -23.97
CA GLN A 110 -24.74 -10.89 -24.75
C GLN A 110 -25.92 -11.42 -25.58
N LEU A 111 -26.73 -12.32 -25.00
CA LEU A 111 -27.88 -12.87 -25.74
C LEU A 111 -29.00 -11.83 -25.83
N PRO A 112 -29.54 -11.58 -27.02
CA PRO A 112 -30.63 -10.60 -27.14
C PRO A 112 -32.02 -11.13 -26.80
N GLN A 113 -32.18 -12.46 -26.81
CA GLN A 113 -33.41 -13.17 -26.51
C GLN A 113 -33.10 -14.61 -26.06
N ILE A 114 -34.05 -15.25 -25.35
CA ILE A 114 -33.89 -16.63 -24.89
C ILE A 114 -33.81 -17.55 -26.12
N PRO A 115 -32.76 -18.39 -26.19
CA PRO A 115 -32.61 -19.26 -27.35
C PRO A 115 -33.83 -20.13 -27.67
N SER A 116 -34.23 -20.14 -28.96
CA SER A 116 -35.35 -20.95 -29.42
C SER A 116 -34.96 -22.43 -29.53
N GLY A 117 -35.95 -23.29 -29.35
CA GLY A 117 -35.80 -24.73 -29.44
C GLY A 117 -34.85 -25.36 -28.45
N LEU A 118 -35.01 -25.04 -27.15
CA LEU A 118 -34.15 -25.62 -26.12
C LEU A 118 -34.72 -27.01 -25.72
N PRO A 119 -33.85 -28.00 -25.41
CA PRO A 119 -34.37 -29.33 -25.09
C PRO A 119 -35.30 -29.36 -23.88
N GLU A 120 -36.42 -30.11 -23.99
CA GLU A 120 -37.40 -30.27 -22.91
C GLU A 120 -36.82 -30.96 -21.67
N SER A 121 -35.69 -31.67 -21.83
CA SER A 121 -35.00 -32.40 -20.76
C SER A 121 -34.35 -31.53 -19.70
N LEU A 122 -34.19 -30.23 -20.00
CA LEU A 122 -33.55 -29.27 -19.10
C LEU A 122 -34.24 -29.17 -17.74
N THR A 123 -33.44 -29.27 -16.70
CA THR A 123 -33.88 -29.12 -15.32
C THR A 123 -33.20 -27.90 -14.67
N GLU A 124 -32.07 -27.42 -15.20
CA GLU A 124 -31.38 -26.25 -14.70
C GLU A 124 -30.97 -25.36 -15.87
N LEU A 125 -31.52 -24.13 -15.96
CA LEU A 125 -31.15 -23.21 -17.03
C LEU A 125 -30.75 -21.85 -16.48
N SER A 126 -29.55 -21.36 -16.84
CA SER A 126 -29.12 -20.03 -16.40
C SER A 126 -28.83 -19.14 -17.57
N LEU A 127 -29.49 -17.97 -17.58
CA LEU A 127 -29.33 -16.95 -18.62
C LEU A 127 -28.97 -15.58 -18.01
N ILE A 128 -28.24 -15.59 -16.89
CA ILE A 128 -27.80 -14.40 -16.14
C ILE A 128 -26.82 -13.57 -16.97
N GLN A 129 -26.81 -12.24 -16.77
CA GLN A 129 -25.89 -11.31 -17.44
C GLN A 129 -26.00 -11.32 -18.98
N ASN A 130 -27.23 -11.31 -19.52
CA ASN A 130 -27.43 -11.23 -20.96
C ASN A 130 -28.25 -9.94 -21.25
N ASN A 131 -28.75 -9.77 -22.46
CA ASN A 131 -29.58 -8.62 -22.80
C ASN A 131 -30.98 -9.10 -23.13
N ILE A 132 -31.52 -10.03 -22.33
CA ILE A 132 -32.86 -10.60 -22.55
C ILE A 132 -33.90 -9.71 -21.86
N TYR A 133 -34.75 -9.05 -22.65
CA TYR A 133 -35.77 -8.16 -22.10
C TYR A 133 -37.20 -8.71 -22.23
N ASN A 134 -37.40 -9.75 -23.05
CA ASN A 134 -38.72 -10.36 -23.23
C ASN A 134 -38.65 -11.83 -22.80
N ILE A 135 -39.33 -12.19 -21.71
CA ILE A 135 -39.41 -13.56 -21.20
C ILE A 135 -40.68 -14.14 -21.83
N THR A 136 -40.51 -14.94 -22.89
CA THR A 136 -41.62 -15.48 -23.68
C THR A 136 -41.95 -16.95 -23.43
N LYS A 137 -43.20 -17.34 -23.75
CA LYS A 137 -43.67 -18.72 -23.65
C LYS A 137 -42.92 -19.60 -24.68
N GLU A 138 -42.71 -19.06 -25.91
CA GLU A 138 -42.03 -19.70 -27.02
C GLU A 138 -40.66 -20.28 -26.64
N GLY A 139 -39.97 -19.62 -25.70
CA GLY A 139 -38.65 -20.05 -25.26
C GLY A 139 -38.57 -20.65 -23.88
N ILE A 140 -39.60 -20.46 -23.03
CA ILE A 140 -39.56 -20.97 -21.66
C ILE A 140 -40.61 -22.04 -21.35
N SER A 141 -41.87 -21.83 -21.75
CA SER A 141 -42.97 -22.72 -21.39
C SER A 141 -42.84 -24.19 -21.82
N ARG A 142 -42.12 -24.48 -22.89
CA ARG A 142 -41.94 -25.86 -23.36
C ARG A 142 -41.03 -26.71 -22.43
N LEU A 143 -40.26 -26.05 -21.54
CA LEU A 143 -39.29 -26.66 -20.60
C LEU A 143 -39.97 -27.04 -19.28
N ILE A 144 -41.00 -27.86 -19.36
CA ILE A 144 -41.78 -28.33 -18.20
C ILE A 144 -40.95 -29.05 -17.15
N ASN A 145 -39.73 -29.50 -17.49
CA ASN A 145 -38.88 -30.18 -16.54
C ASN A 145 -37.99 -29.29 -15.71
N LEU A 146 -37.96 -27.97 -15.99
CA LEU A 146 -37.13 -27.01 -15.27
C LEU A 146 -37.40 -27.03 -13.78
N LYS A 147 -36.34 -27.02 -13.00
CA LYS A 147 -36.36 -26.98 -11.54
C LYS A 147 -35.69 -25.64 -11.08
N ASN A 148 -34.58 -25.24 -11.72
CA ASN A 148 -33.90 -23.99 -11.40
C ASN A 148 -33.80 -23.10 -12.64
N LEU A 149 -34.33 -21.87 -12.54
CA LEU A 149 -34.32 -20.91 -13.65
C LEU A 149 -33.73 -19.58 -13.24
N TYR A 150 -32.56 -19.23 -13.77
CA TYR A 150 -31.89 -17.98 -13.46
C TYR A 150 -31.97 -17.01 -14.62
N LEU A 151 -32.71 -15.90 -14.43
CA LEU A 151 -32.80 -14.87 -15.46
C LEU A 151 -32.34 -13.49 -14.92
N ALA A 152 -31.59 -13.46 -13.80
CA ALA A 152 -31.09 -12.25 -13.17
C ALA A 152 -30.07 -11.48 -14.00
N TRP A 153 -29.91 -10.18 -13.74
CA TRP A 153 -28.96 -9.31 -14.40
C TRP A 153 -29.14 -9.20 -15.92
N ASN A 154 -30.38 -8.96 -16.40
CA ASN A 154 -30.61 -8.80 -17.83
C ASN A 154 -30.96 -7.35 -18.18
N CYS A 155 -31.81 -6.75 -17.34
CA CYS A 155 -32.26 -5.37 -17.48
C CYS A 155 -31.91 -4.63 -16.17
N TYR A 156 -30.63 -4.47 -15.86
CA TYR A 156 -30.23 -3.76 -14.64
C TYR A 156 -29.80 -2.30 -14.97
N PHE A 157 -28.95 -1.66 -14.12
CA PHE A 157 -28.40 -0.30 -14.28
C PHE A 157 -27.50 -0.36 -15.54
N ASN A 158 -28.13 -0.04 -16.70
CA ASN A 158 -27.62 -0.09 -18.08
C ASN A 158 -28.64 0.54 -19.04
N LYS A 159 -28.20 0.84 -20.28
CA LYS A 159 -29.05 1.46 -21.30
C LYS A 159 -29.76 0.41 -22.19
N VAL A 160 -30.65 0.89 -23.12
CA VAL A 160 -31.47 0.12 -24.07
C VAL A 160 -32.61 -0.66 -23.32
N CYS A 161 -32.33 -1.04 -22.07
CA CYS A 161 -33.18 -1.73 -21.12
C CYS A 161 -34.17 -0.71 -20.54
N GLU A 162 -35.46 -0.96 -20.73
CA GLU A 162 -36.49 -0.05 -20.21
C GLU A 162 -37.31 -0.77 -19.10
N LYS A 163 -37.90 -1.91 -19.45
CA LYS A 163 -38.67 -2.74 -18.54
C LYS A 163 -38.54 -4.19 -19.02
N THR A 164 -38.51 -5.14 -18.11
CA THR A 164 -38.50 -6.54 -18.49
C THR A 164 -39.98 -6.90 -18.71
N ASN A 165 -40.29 -7.49 -19.87
CA ASN A 165 -41.65 -7.93 -20.15
C ASN A 165 -41.73 -9.43 -19.90
N ILE A 166 -42.63 -9.82 -19.00
CA ILE A 166 -42.85 -11.21 -18.68
C ILE A 166 -44.26 -11.56 -19.14
N GLU A 167 -44.34 -12.31 -20.24
CA GLU A 167 -45.57 -12.79 -20.87
C GLU A 167 -46.48 -13.47 -19.83
N ASP A 168 -47.77 -13.13 -19.83
CA ASP A 168 -48.70 -13.68 -18.86
C ASP A 168 -48.80 -15.19 -18.87
N GLY A 169 -48.41 -15.81 -17.76
CA GLY A 169 -48.47 -17.26 -17.56
C GLY A 169 -47.32 -18.03 -18.17
N VAL A 170 -46.14 -17.40 -18.28
CA VAL A 170 -44.98 -18.08 -18.86
C VAL A 170 -44.45 -19.14 -17.89
N PHE A 171 -44.41 -18.83 -16.60
CA PHE A 171 -43.92 -19.77 -15.58
C PHE A 171 -45.00 -20.75 -15.10
N GLU A 172 -46.28 -20.46 -15.38
CA GLU A 172 -47.44 -21.25 -14.99
C GLU A 172 -47.33 -22.73 -15.37
N THR A 173 -46.79 -23.02 -16.56
CA THR A 173 -46.62 -24.38 -17.08
C THR A 173 -45.42 -25.13 -16.46
N LEU A 174 -44.47 -24.40 -15.86
CA LEU A 174 -43.28 -25.00 -15.26
C LEU A 174 -43.64 -25.49 -13.85
N THR A 175 -44.43 -26.56 -13.79
CA THR A 175 -44.94 -27.10 -12.52
C THR A 175 -43.92 -27.87 -11.68
N ASN A 176 -42.66 -27.93 -12.13
CA ASN A 176 -41.60 -28.59 -11.39
C ASN A 176 -40.56 -27.60 -10.85
N LEU A 177 -40.68 -26.30 -11.22
CA LEU A 177 -39.78 -25.22 -10.87
C LEU A 177 -39.74 -24.96 -9.37
N GLU A 178 -38.57 -25.04 -8.79
CA GLU A 178 -38.30 -24.83 -7.38
C GLU A 178 -37.48 -23.57 -7.08
N LEU A 179 -36.80 -23.00 -8.08
CA LEU A 179 -36.03 -21.78 -7.88
C LEU A 179 -36.25 -20.88 -9.06
N LEU A 180 -36.63 -19.64 -8.79
CA LEU A 180 -36.82 -18.65 -9.84
C LEU A 180 -36.07 -17.42 -9.40
N SER A 181 -35.08 -17.01 -10.18
CA SER A 181 -34.29 -15.82 -9.90
C SER A 181 -34.53 -14.78 -10.96
N LEU A 182 -35.22 -13.69 -10.60
CA LEU A 182 -35.46 -12.58 -11.52
C LEU A 182 -34.78 -11.28 -11.06
N SER A 183 -33.83 -11.35 -10.10
CA SER A 183 -33.13 -10.21 -9.53
C SER A 183 -32.40 -9.37 -10.56
N PHE A 184 -32.19 -8.09 -10.30
CA PHE A 184 -31.48 -7.15 -11.18
C PHE A 184 -32.08 -7.14 -12.58
N ASN A 185 -33.38 -6.82 -12.65
CA ASN A 185 -34.24 -6.71 -13.84
C ASN A 185 -35.33 -5.71 -13.47
N SER A 186 -35.68 -4.81 -14.40
CA SER A 186 -36.71 -3.84 -14.13
C SER A 186 -38.08 -4.51 -14.20
N LEU A 187 -38.60 -5.03 -13.08
CA LEU A 187 -39.90 -5.70 -13.08
C LEU A 187 -41.07 -4.80 -12.74
N SER A 188 -40.93 -3.99 -11.67
CA SER A 188 -41.94 -3.06 -11.18
C SER A 188 -43.15 -3.74 -10.51
N HIS A 189 -43.45 -4.98 -10.86
CA HIS A 189 -44.55 -5.74 -10.27
C HIS A 189 -44.12 -7.21 -10.17
N VAL A 190 -44.60 -7.92 -9.12
CA VAL A 190 -44.33 -9.34 -8.94
C VAL A 190 -45.07 -10.09 -10.05
N PRO A 191 -44.38 -10.90 -10.88
CA PRO A 191 -45.11 -11.58 -11.97
C PRO A 191 -46.26 -12.45 -11.49
N PRO A 192 -47.43 -12.33 -12.15
CA PRO A 192 -48.54 -13.22 -11.80
C PRO A 192 -48.36 -14.64 -12.39
N LYS A 193 -49.20 -15.58 -11.94
CA LYS A 193 -49.22 -16.96 -12.43
C LYS A 193 -47.88 -17.69 -12.28
N LEU A 194 -47.36 -17.67 -11.04
CA LEU A 194 -46.14 -18.37 -10.65
C LEU A 194 -46.53 -19.78 -10.16
N PRO A 195 -45.71 -20.82 -10.45
CA PRO A 195 -46.09 -22.18 -10.02
C PRO A 195 -45.93 -22.41 -8.52
N SER A 196 -46.95 -23.04 -7.90
CA SER A 196 -46.95 -23.38 -6.47
C SER A 196 -45.83 -24.34 -6.03
N SER A 197 -45.09 -24.92 -7.00
CA SER A 197 -43.95 -25.78 -6.71
C SER A 197 -42.74 -24.99 -6.19
N LEU A 198 -42.69 -23.64 -6.44
CA LEU A 198 -41.60 -22.75 -6.04
C LEU A 198 -41.16 -22.87 -4.60
N ARG A 199 -39.85 -22.80 -4.39
CA ARG A 199 -39.27 -22.87 -3.07
C ARG A 199 -38.43 -21.62 -2.79
N LYS A 200 -37.72 -21.11 -3.81
CA LYS A 200 -36.89 -19.92 -3.67
C LYS A 200 -37.28 -18.92 -4.75
N LEU A 201 -37.72 -17.74 -4.33
CA LEU A 201 -38.09 -16.67 -5.24
C LEU A 201 -37.17 -15.48 -4.96
N PHE A 202 -36.30 -15.16 -5.91
CA PHE A 202 -35.34 -14.07 -5.79
C PHE A 202 -35.82 -12.92 -6.63
N LEU A 203 -36.18 -11.81 -5.98
CA LEU A 203 -36.68 -10.61 -6.63
C LEU A 203 -35.93 -9.35 -6.14
N SER A 204 -34.62 -9.48 -5.92
CA SER A 204 -33.79 -8.38 -5.46
C SER A 204 -33.54 -7.34 -6.56
N ASN A 205 -33.52 -6.03 -6.23
CA ASN A 205 -33.29 -5.00 -7.24
C ASN A 205 -34.17 -5.13 -8.48
N THR A 206 -35.46 -5.30 -8.27
CA THR A 206 -36.43 -5.44 -9.36
C THR A 206 -37.36 -4.27 -9.52
N GLN A 207 -37.10 -3.17 -8.82
CA GLN A 207 -37.93 -1.98 -8.87
C GLN A 207 -39.35 -2.23 -8.43
N ILE A 208 -39.55 -3.17 -7.50
CA ILE A 208 -40.87 -3.46 -6.97
C ILE A 208 -41.11 -2.63 -5.72
N LYS A 209 -41.87 -1.55 -5.87
CA LYS A 209 -42.19 -0.61 -4.82
C LYS A 209 -43.34 -1.11 -3.90
N TYR A 210 -44.23 -1.98 -4.42
CA TYR A 210 -45.39 -2.44 -3.65
C TYR A 210 -45.61 -3.94 -3.79
N ILE A 211 -45.90 -4.60 -2.64
CA ILE A 211 -46.21 -6.02 -2.54
C ILE A 211 -47.60 -6.17 -2.01
N SER A 212 -48.50 -6.74 -2.82
CA SER A 212 -49.91 -6.93 -2.48
C SER A 212 -50.21 -8.32 -1.89
N GLU A 213 -51.46 -8.46 -1.41
CA GLU A 213 -52.05 -9.64 -0.80
C GLU A 213 -52.13 -10.84 -1.77
N GLU A 214 -52.24 -10.58 -3.08
CA GLU A 214 -52.35 -11.65 -4.08
C GLU A 214 -51.02 -12.04 -4.76
N ASP A 215 -49.93 -11.32 -4.47
CA ASP A 215 -48.65 -11.56 -5.12
C ASP A 215 -48.06 -12.94 -4.82
N PHE A 216 -48.07 -13.38 -3.55
CA PHE A 216 -47.51 -14.70 -3.22
C PHE A 216 -48.54 -15.69 -2.68
N LYS A 217 -49.85 -15.39 -2.80
CA LYS A 217 -50.92 -16.23 -2.21
C LYS A 217 -50.78 -17.72 -2.51
N GLY A 218 -50.51 -18.06 -3.77
CA GLY A 218 -50.40 -19.45 -4.17
C GLY A 218 -49.12 -20.18 -3.77
N LEU A 219 -48.07 -19.43 -3.44
CA LEU A 219 -46.78 -20.00 -3.11
C LEU A 219 -46.69 -20.57 -1.68
N ILE A 220 -47.41 -21.66 -1.44
CA ILE A 220 -47.47 -22.29 -0.11
C ILE A 220 -46.27 -23.17 0.25
N ASN A 221 -45.38 -23.42 -0.71
CA ASN A 221 -44.17 -24.22 -0.51
C ASN A 221 -42.89 -23.36 -0.47
N LEU A 222 -43.04 -22.02 -0.62
CA LEU A 222 -41.95 -21.08 -0.63
C LEU A 222 -41.22 -21.13 0.69
N THR A 223 -39.88 -21.34 0.64
CA THR A 223 -38.95 -21.38 1.77
C THR A 223 -38.01 -20.17 1.77
N LEU A 224 -37.79 -19.51 0.62
CA LEU A 224 -36.93 -18.33 0.54
C LEU A 224 -37.61 -17.26 -0.28
N LEU A 225 -37.58 -16.02 0.22
CA LEU A 225 -38.09 -14.87 -0.51
C LEU A 225 -37.09 -13.73 -0.39
N ASP A 226 -36.53 -13.29 -1.50
CA ASP A 226 -35.58 -12.18 -1.51
C ASP A 226 -36.25 -10.96 -2.14
N LEU A 227 -36.51 -9.91 -1.35
CA LEU A 227 -37.10 -8.66 -1.82
C LEU A 227 -36.17 -7.43 -1.58
N SER A 228 -34.88 -7.67 -1.31
CA SER A 228 -33.88 -6.63 -1.05
C SER A 228 -33.67 -5.71 -2.24
N GLY A 229 -33.20 -4.49 -2.00
CA GLY A 229 -32.88 -3.55 -3.07
C GLY A 229 -34.07 -2.92 -3.79
N ASN A 230 -35.27 -3.07 -3.24
CA ASN A 230 -36.48 -2.49 -3.79
C ASN A 230 -36.81 -1.39 -2.85
N CYS A 231 -36.75 -0.13 -3.34
CA CYS A 231 -36.79 1.12 -2.59
C CYS A 231 -35.47 1.19 -1.79
N PRO A 232 -34.32 1.23 -2.48
CA PRO A 232 -33.06 1.18 -1.75
C PRO A 232 -32.77 2.44 -0.97
N ARG A 233 -31.96 2.28 0.07
CA ARG A 233 -31.38 3.32 0.89
C ARG A 233 -30.14 3.58 0.07
N CYS A 234 -30.19 4.66 -0.71
CA CYS A 234 -29.28 4.98 -1.78
C CYS A 234 -27.88 5.50 -1.40
N PHE A 235 -27.73 6.25 -0.28
CA PHE A 235 -26.36 6.70 0.07
C PHE A 235 -25.41 5.55 0.46
N ASN A 236 -26.00 4.45 0.99
CA ASN A 236 -25.45 3.18 1.48
C ASN A 236 -25.39 2.06 0.44
N ALA A 237 -26.11 2.24 -0.66
CA ALA A 237 -26.26 1.18 -1.66
C ALA A 237 -24.96 0.69 -2.29
N PRO A 238 -24.82 -0.64 -2.52
CA PRO A 238 -23.64 -1.15 -3.23
C PRO A 238 -23.73 -0.98 -4.75
N PHE A 239 -24.90 -0.54 -5.27
CA PHE A 239 -25.15 -0.36 -6.70
C PHE A 239 -25.71 1.02 -6.98
N PRO A 240 -25.44 1.58 -8.18
CA PRO A 240 -26.06 2.85 -8.57
C PRO A 240 -27.58 2.73 -8.47
N CYS A 241 -28.23 3.61 -7.68
CA CYS A 241 -29.65 3.45 -7.46
C CYS A 241 -30.45 4.73 -7.48
N VAL A 242 -31.74 4.59 -7.74
CA VAL A 242 -32.71 5.67 -7.65
C VAL A 242 -33.69 5.21 -6.56
N PRO A 243 -33.87 6.03 -5.51
CA PRO A 243 -34.79 5.62 -4.46
C PRO A 243 -36.24 5.83 -4.86
N CYS A 244 -37.16 5.17 -4.13
CA CYS A 244 -38.60 5.34 -4.34
C CYS A 244 -38.98 6.80 -4.04
N ASP A 245 -39.94 7.36 -4.78
CA ASP A 245 -40.33 8.77 -4.63
C ASP A 245 -40.56 9.19 -3.17
N GLY A 246 -39.82 10.21 -2.75
CA GLY A 246 -39.86 10.75 -1.39
C GLY A 246 -39.09 9.91 -0.38
N GLY A 247 -38.10 9.17 -0.86
CA GLY A 247 -37.30 8.27 -0.03
C GLY A 247 -38.09 7.16 0.67
N ALA A 248 -39.36 6.94 0.23
CA ALA A 248 -40.29 5.96 0.77
C ALA A 248 -39.72 4.53 0.81
N SER A 249 -40.24 3.72 1.74
CA SER A 249 -39.85 2.34 1.92
C SER A 249 -40.69 1.42 1.02
N ILE A 250 -40.33 0.13 0.96
CA ILE A 250 -41.13 -0.85 0.24
C ILE A 250 -42.50 -0.93 0.96
N ASN A 251 -43.55 -0.96 0.17
CA ASN A 251 -44.89 -1.03 0.71
C ASN A 251 -45.29 -2.48 0.71
N ILE A 252 -45.29 -3.13 1.89
CA ILE A 252 -45.71 -4.54 1.96
C ILE A 252 -47.05 -4.63 2.67
N ASP A 253 -48.06 -5.14 1.98
CA ASP A 253 -49.40 -5.29 2.55
C ASP A 253 -49.39 -6.11 3.85
N ARG A 254 -50.32 -5.84 4.76
CA ARG A 254 -50.41 -6.54 6.04
C ARG A 254 -50.49 -8.07 5.87
N PHE A 255 -51.17 -8.54 4.81
CA PHE A 255 -51.32 -9.97 4.55
C PHE A 255 -50.56 -10.47 3.29
N ALA A 256 -49.38 -9.90 3.01
CA ALA A 256 -48.64 -10.29 1.81
C ALA A 256 -48.02 -11.67 1.98
N PHE A 257 -47.49 -11.94 3.19
CA PHE A 257 -46.80 -13.18 3.55
C PHE A 257 -47.73 -14.07 4.40
N GLN A 258 -49.01 -14.08 4.06
CA GLN A 258 -50.07 -14.77 4.77
C GLN A 258 -50.05 -16.31 4.59
N ASN A 259 -49.82 -16.80 3.38
CA ASN A 259 -49.78 -18.24 3.14
C ASN A 259 -48.37 -18.80 2.94
N LEU A 260 -47.33 -18.02 3.35
CA LEU A 260 -45.91 -18.42 3.24
C LEU A 260 -45.50 -19.05 4.57
N THR A 261 -46.17 -20.15 4.92
CA THR A 261 -45.99 -20.89 6.17
C THR A 261 -44.68 -21.63 6.24
N GLN A 262 -44.07 -21.93 5.10
CA GLN A 262 -42.80 -22.65 5.03
C GLN A 262 -41.59 -21.74 4.93
N LEU A 263 -41.76 -20.40 5.07
CA LEU A 263 -40.65 -19.49 4.86
C LEU A 263 -39.57 -19.64 5.91
N ARG A 264 -38.34 -19.82 5.46
CA ARG A 264 -37.14 -19.94 6.29
C ARG A 264 -36.21 -18.73 6.07
N TYR A 265 -36.16 -18.18 4.86
CA TYR A 265 -35.28 -17.05 4.55
C TYR A 265 -36.04 -15.88 3.95
N LEU A 266 -35.90 -14.70 4.55
CA LEU A 266 -36.55 -13.50 4.05
C LEU A 266 -35.51 -12.39 4.01
N ASN A 267 -35.23 -11.87 2.81
CA ASN A 267 -34.23 -10.84 2.62
C ASN A 267 -34.93 -9.54 2.31
N LEU A 268 -34.88 -8.63 3.25
CA LEU A 268 -35.49 -7.32 3.12
C LEU A 268 -34.41 -6.21 3.25
N SER A 269 -33.13 -6.51 2.88
CA SER A 269 -32.03 -5.53 3.00
C SER A 269 -32.16 -4.41 2.01
N SER A 270 -31.78 -3.20 2.40
CA SER A 270 -31.88 -2.03 1.53
C SER A 270 -33.26 -1.85 0.91
N THR A 271 -34.29 -1.76 1.74
CA THR A 271 -35.67 -1.53 1.28
C THR A 271 -36.26 -0.26 1.93
N SER A 272 -35.40 0.59 2.53
CA SER A 272 -35.70 1.84 3.20
C SER A 272 -36.77 1.72 4.27
N LEU A 273 -36.88 0.55 4.90
CA LEU A 273 -37.88 0.29 5.93
C LEU A 273 -37.69 1.15 7.17
N ARG A 274 -38.78 1.73 7.67
CA ARG A 274 -38.74 2.51 8.89
C ARG A 274 -39.55 1.81 9.98
N LYS A 275 -40.63 1.10 9.58
CA LYS A 275 -41.51 0.31 10.44
C LYS A 275 -41.55 -1.11 9.91
N ILE A 276 -41.62 -2.08 10.81
CA ILE A 276 -41.75 -3.49 10.47
C ILE A 276 -43.06 -4.00 11.03
N ASN A 277 -43.97 -4.36 10.14
CA ASN A 277 -45.30 -4.81 10.51
C ASN A 277 -45.20 -6.21 11.10
N ALA A 278 -45.46 -6.34 12.41
CA ALA A 278 -45.35 -7.61 13.13
C ALA A 278 -46.28 -8.68 12.58
N ALA A 279 -47.37 -8.28 11.87
CA ALA A 279 -48.32 -9.22 11.25
C ALA A 279 -47.69 -10.04 10.08
N TRP A 280 -46.56 -9.58 9.54
CA TRP A 280 -45.87 -10.27 8.46
C TRP A 280 -45.32 -11.63 8.89
N PHE A 281 -45.07 -11.82 10.20
CA PHE A 281 -44.46 -13.05 10.72
C PHE A 281 -45.43 -13.96 11.50
N LYS A 282 -46.71 -13.60 11.55
CA LYS A 282 -47.72 -14.36 12.28
C LYS A 282 -47.84 -15.79 11.72
N ASN A 283 -47.61 -15.98 10.40
CA ASN A 283 -47.75 -17.29 9.80
C ASN A 283 -46.44 -17.96 9.41
N MET A 284 -45.29 -17.38 9.80
CA MET A 284 -43.99 -17.99 9.53
C MET A 284 -43.31 -18.32 10.87
N PRO A 285 -43.74 -19.42 11.51
CA PRO A 285 -43.08 -19.81 12.76
C PRO A 285 -41.72 -20.48 12.54
N HIS A 286 -41.37 -20.81 11.29
CA HIS A 286 -40.13 -21.49 10.98
C HIS A 286 -39.06 -20.58 10.39
N LEU A 287 -39.28 -19.22 10.34
CA LEU A 287 -38.34 -18.25 9.74
C LEU A 287 -37.05 -18.35 10.50
N LYS A 288 -35.98 -18.70 9.81
CA LYS A 288 -34.67 -18.99 10.35
C LYS A 288 -33.65 -17.85 10.12
N VAL A 289 -33.68 -17.21 8.93
CA VAL A 289 -32.77 -16.13 8.58
C VAL A 289 -33.53 -14.89 8.11
N LEU A 290 -33.31 -13.75 8.74
CA LEU A 290 -33.99 -12.51 8.37
C LEU A 290 -32.94 -11.43 8.19
N ASP A 291 -32.84 -10.88 6.97
CA ASP A 291 -31.86 -9.87 6.64
C ASP A 291 -32.55 -8.52 6.57
N LEU A 292 -32.27 -7.66 7.55
CA LEU A 292 -32.85 -6.31 7.62
C LEU A 292 -31.80 -5.16 7.51
N GLU A 293 -30.61 -5.44 6.99
CA GLU A 293 -29.56 -4.44 6.85
C GLU A 293 -29.89 -3.33 5.86
N PHE A 294 -29.23 -2.16 5.97
CA PHE A 294 -29.37 -1.03 5.06
C PHE A 294 -30.79 -0.49 5.01
N ASN A 295 -31.37 -0.32 6.17
CA ASN A 295 -32.70 0.20 6.33
C ASN A 295 -32.67 1.40 7.33
N TYR A 296 -33.82 1.88 7.84
CA TYR A 296 -33.87 3.00 8.80
C TYR A 296 -34.53 2.47 10.07
N LEU A 297 -33.99 1.37 10.64
CA LEU A 297 -34.63 0.68 11.75
C LEU A 297 -34.06 0.92 13.17
N VAL A 298 -33.40 2.04 13.44
CA VAL A 298 -32.90 2.34 14.79
C VAL A 298 -34.03 2.33 15.83
N GLY A 299 -35.17 2.90 15.45
CA GLY A 299 -36.34 2.95 16.30
C GLY A 299 -36.96 1.57 16.48
N GLU A 300 -36.95 0.74 15.43
CA GLU A 300 -37.51 -0.61 15.52
C GLU A 300 -36.62 -1.56 16.35
N ILE A 301 -35.30 -1.33 16.35
CA ILE A 301 -34.40 -2.10 17.20
C ILE A 301 -34.71 -1.77 18.71
N ALA A 302 -35.13 -0.53 19.01
CA ALA A 302 -35.45 -0.06 20.36
C ALA A 302 -36.80 -0.53 20.89
N SER A 303 -37.76 -0.82 20.01
CA SER A 303 -39.11 -1.19 20.43
C SER A 303 -39.78 -2.04 19.35
N GLY A 304 -39.12 -3.12 18.98
CA GLY A 304 -39.60 -3.98 17.91
C GLY A 304 -40.68 -4.92 18.35
N ALA A 305 -41.90 -4.70 17.85
CA ALA A 305 -43.00 -5.63 18.15
C ALA A 305 -42.74 -6.96 17.42
N PHE A 306 -42.08 -6.91 16.21
CA PHE A 306 -41.77 -8.05 15.37
C PHE A 306 -40.86 -9.06 16.06
N LEU A 307 -40.03 -8.61 17.02
CA LEU A 307 -39.10 -9.45 17.79
C LEU A 307 -39.83 -10.59 18.54
N THR A 308 -41.10 -10.38 18.88
CA THR A 308 -41.91 -11.39 19.57
C THR A 308 -42.51 -12.46 18.61
N MET A 309 -42.31 -12.30 17.28
CA MET A 309 -42.86 -13.21 16.27
C MET A 309 -41.83 -14.16 15.69
N LEU A 310 -40.58 -14.16 16.19
CA LEU A 310 -39.48 -14.96 15.63
C LEU A 310 -38.81 -15.93 16.65
N PRO A 311 -39.55 -16.93 17.16
CA PRO A 311 -38.96 -17.86 18.12
C PRO A 311 -38.03 -18.89 17.51
N ARG A 312 -38.06 -19.07 16.17
CA ARG A 312 -37.16 -20.02 15.53
C ARG A 312 -36.09 -19.36 14.67
N LEU A 313 -35.93 -18.01 14.77
CA LEU A 313 -34.91 -17.24 14.04
C LEU A 313 -33.54 -17.56 14.60
N GLU A 314 -32.56 -17.90 13.72
CA GLU A 314 -31.20 -18.26 14.07
C GLU A 314 -30.21 -17.19 13.64
N ILE A 315 -30.47 -16.49 12.51
CA ILE A 315 -29.62 -15.41 12.06
C ILE A 315 -30.42 -14.15 11.84
N LEU A 316 -29.99 -13.06 12.50
CA LEU A 316 -30.63 -11.77 12.39
C LEU A 316 -29.54 -10.79 12.02
N ASP A 317 -29.81 -10.01 10.97
CA ASP A 317 -28.89 -9.02 10.50
C ASP A 317 -29.56 -7.65 10.48
N LEU A 318 -29.10 -6.76 11.37
CA LEU A 318 -29.60 -5.39 11.45
C LEU A 318 -28.45 -4.37 11.24
N SER A 319 -27.51 -4.74 10.36
CA SER A 319 -26.36 -3.92 10.08
C SER A 319 -26.72 -2.70 9.23
N PHE A 320 -25.86 -1.67 9.31
CA PHE A 320 -25.89 -0.44 8.58
C PHE A 320 -27.24 0.21 8.58
N ASN A 321 -27.83 0.27 9.76
CA ASN A 321 -29.11 0.94 9.96
C ASN A 321 -28.91 2.31 10.62
N TYR A 322 -27.66 2.86 10.62
CA TYR A 322 -27.33 4.14 11.27
C TYR A 322 -28.18 5.29 10.78
N ILE A 323 -28.36 6.31 11.66
CA ILE A 323 -29.10 7.50 11.29
C ILE A 323 -28.07 8.50 10.77
N LYS A 324 -28.26 8.97 9.53
CA LYS A 324 -27.34 9.94 8.88
C LYS A 324 -27.17 11.19 9.74
N GLY A 325 -25.93 11.49 10.12
CA GLY A 325 -25.58 12.65 10.93
C GLY A 325 -25.53 12.43 12.43
N SER A 326 -25.88 11.23 12.86
CA SER A 326 -26.00 10.83 14.27
C SER A 326 -24.81 9.93 14.77
N TYR A 327 -24.45 10.10 16.04
CA TYR A 327 -23.42 9.29 16.71
C TYR A 327 -23.91 9.23 18.16
N PRO A 328 -24.94 8.40 18.44
CA PRO A 328 -25.49 8.36 19.80
C PRO A 328 -24.53 7.80 20.84
N GLN A 329 -24.72 8.15 22.12
CA GLN A 329 -23.88 7.72 23.23
C GLN A 329 -24.06 6.21 23.48
N HIS A 330 -25.29 5.67 23.30
CA HIS A 330 -25.57 4.26 23.55
C HIS A 330 -26.46 3.61 22.48
N ILE A 331 -26.49 2.29 22.48
CA ILE A 331 -27.36 1.53 21.59
C ILE A 331 -28.64 1.19 22.40
N ASN A 332 -29.82 1.36 21.78
CA ASN A 332 -31.07 1.04 22.44
C ASN A 332 -31.58 -0.24 21.81
N ILE A 333 -31.50 -1.35 22.58
CA ILE A 333 -31.90 -2.71 22.22
C ILE A 333 -33.18 -3.03 23.00
N SER A 334 -34.27 -3.34 22.28
CA SER A 334 -35.55 -3.68 22.91
C SER A 334 -35.39 -4.92 23.76
N ARG A 335 -36.08 -4.95 24.87
CA ARG A 335 -36.10 -6.12 25.75
C ARG A 335 -36.72 -7.33 25.02
N ASN A 336 -37.56 -7.08 23.96
CA ASN A 336 -38.19 -8.13 23.16
C ASN A 336 -37.16 -8.96 22.33
N PHE A 337 -35.88 -8.60 22.39
CA PHE A 337 -34.76 -9.36 21.81
C PHE A 337 -34.56 -10.67 22.60
N SER A 338 -35.04 -10.74 23.87
CA SER A 338 -35.02 -11.92 24.75
C SER A 338 -36.01 -13.00 24.28
N LYS A 339 -36.98 -12.65 23.41
CA LYS A 339 -37.95 -13.57 22.83
C LYS A 339 -37.41 -14.31 21.59
N LEU A 340 -36.15 -14.02 21.18
CA LEU A 340 -35.48 -14.64 20.04
C LEU A 340 -34.72 -15.86 20.57
N LEU A 341 -35.44 -16.82 21.13
CA LEU A 341 -34.89 -18.01 21.76
C LEU A 341 -33.98 -18.88 20.90
N SER A 342 -34.16 -18.91 19.56
CA SER A 342 -33.33 -19.75 18.69
C SER A 342 -32.11 -19.04 18.12
N LEU A 343 -31.89 -17.77 18.49
CA LEU A 343 -30.82 -16.95 17.93
C LEU A 343 -29.43 -17.53 18.12
N ARG A 344 -28.68 -17.67 17.01
CA ARG A 344 -27.31 -18.15 16.97
C ARG A 344 -26.34 -17.01 16.62
N ALA A 345 -26.76 -16.10 15.74
CA ALA A 345 -25.92 -15.00 15.29
C ALA A 345 -26.66 -13.67 15.21
N LEU A 346 -26.07 -12.62 15.79
CA LEU A 346 -26.65 -11.29 15.69
C LEU A 346 -25.64 -10.42 15.04
N HIS A 347 -25.98 -9.81 13.88
CA HIS A 347 -25.09 -8.88 13.17
C HIS A 347 -25.57 -7.46 13.34
N LEU A 348 -24.79 -6.66 14.02
CA LEU A 348 -25.14 -5.28 14.32
C LEU A 348 -24.01 -4.35 13.91
N ARG A 349 -23.46 -4.51 12.71
CA ARG A 349 -22.41 -3.60 12.23
C ARG A 349 -23.05 -2.28 11.81
N GLY A 350 -22.28 -1.22 11.79
CA GLY A 350 -22.77 0.08 11.32
C GLY A 350 -24.00 0.67 11.98
N TYR A 351 -24.20 0.39 13.26
CA TYR A 351 -25.24 1.05 14.04
C TYR A 351 -24.69 2.45 14.40
N VAL A 352 -23.35 2.51 14.74
CA VAL A 352 -22.55 3.71 15.01
C VAL A 352 -22.99 4.37 16.31
N PHE A 353 -22.34 3.98 17.39
CA PHE A 353 -22.61 4.50 18.72
C PHE A 353 -21.31 4.51 19.55
N GLN A 354 -21.28 5.32 20.62
CA GLN A 354 -20.08 5.59 21.39
C GLN A 354 -19.79 4.70 22.60
N GLU A 355 -20.79 4.10 23.25
CA GLU A 355 -20.54 3.28 24.42
C GLU A 355 -21.46 2.08 24.54
N LEU A 356 -20.89 0.93 24.90
CA LEU A 356 -21.68 -0.26 25.15
C LEU A 356 -21.61 -0.54 26.65
N ARG A 357 -22.76 -0.43 27.31
CA ARG A 357 -22.87 -0.70 28.74
C ARG A 357 -23.40 -2.10 28.96
N GLU A 358 -23.07 -2.68 30.11
CA GLU A 358 -23.47 -4.03 30.50
C GLU A 358 -24.98 -4.21 30.42
N ASP A 359 -25.74 -3.19 30.78
CA ASP A 359 -27.20 -3.27 30.80
C ASP A 359 -27.88 -3.17 29.43
N ASP A 360 -27.24 -2.51 28.45
CA ASP A 360 -27.83 -2.39 27.10
C ASP A 360 -27.97 -3.75 26.45
N PHE A 361 -27.06 -4.69 26.77
CA PHE A 361 -27.04 -6.05 26.21
C PHE A 361 -27.68 -7.14 27.11
N GLN A 362 -28.43 -6.70 28.15
CA GLN A 362 -29.15 -7.57 29.08
C GLN A 362 -30.20 -8.45 28.33
N PRO A 363 -31.00 -7.94 27.35
CA PRO A 363 -31.95 -8.83 26.65
C PRO A 363 -31.32 -10.04 25.98
N LEU A 364 -30.05 -9.92 25.54
CA LEU A 364 -29.35 -10.98 24.83
C LEU A 364 -28.70 -12.02 25.71
N MET A 365 -28.47 -11.72 26.98
CA MET A 365 -27.77 -12.63 27.89
C MET A 365 -28.51 -13.91 28.23
N GLN A 366 -29.82 -14.00 27.90
CA GLN A 366 -30.59 -15.20 28.19
C GLN A 366 -30.74 -16.17 27.02
N LEU A 367 -30.31 -15.78 25.84
CA LEU A 367 -30.42 -16.56 24.62
C LEU A 367 -29.42 -17.71 24.70
N PRO A 368 -29.94 -18.93 24.83
CA PRO A 368 -29.05 -20.07 25.04
C PRO A 368 -28.17 -20.45 23.88
N ASN A 369 -28.56 -20.12 22.63
CA ASN A 369 -27.78 -20.60 21.48
C ASN A 369 -27.00 -19.51 20.75
N LEU A 370 -26.98 -18.28 21.31
CA LEU A 370 -26.28 -17.13 20.78
C LEU A 370 -24.76 -17.31 20.84
N SER A 371 -24.15 -17.68 19.71
CA SER A 371 -22.72 -17.90 19.66
C SER A 371 -21.92 -16.78 18.95
N THR A 372 -22.57 -15.93 18.15
CA THR A 372 -21.89 -14.83 17.47
C THR A 372 -22.57 -13.50 17.73
N ILE A 373 -21.80 -12.49 18.21
CA ILE A 373 -22.25 -11.10 18.30
C ILE A 373 -21.29 -10.31 17.37
N ASN A 374 -21.83 -9.72 16.30
CA ASN A 374 -21.05 -9.00 15.32
C ASN A 374 -21.23 -7.50 15.54
N LEU A 375 -20.28 -6.84 16.17
CA LEU A 375 -20.35 -5.40 16.43
C LEU A 375 -19.27 -4.62 15.69
N GLY A 376 -18.85 -5.11 14.54
CA GLY A 376 -17.84 -4.44 13.74
C GLY A 376 -18.35 -3.13 13.17
N ILE A 377 -17.44 -2.21 12.86
CA ILE A 377 -17.69 -0.89 12.26
C ILE A 377 -18.78 -0.12 13.01
N ASN A 378 -18.62 0.03 14.34
CA ASN A 378 -19.58 0.79 15.18
C ASN A 378 -18.96 2.05 15.81
N PHE A 379 -17.63 2.15 15.80
CA PHE A 379 -16.85 3.25 16.35
C PHE A 379 -17.07 3.39 17.86
N ILE A 380 -17.30 2.26 18.55
CA ILE A 380 -17.54 2.24 19.98
C ILE A 380 -16.26 2.65 20.69
N LYS A 381 -16.33 3.69 21.52
CA LYS A 381 -15.17 4.20 22.24
C LYS A 381 -14.89 3.45 23.55
N GLN A 382 -15.94 2.95 24.17
CA GLN A 382 -15.83 2.30 25.48
C GLN A 382 -16.77 1.12 25.54
N ILE A 383 -16.27 -0.04 25.94
CA ILE A 383 -17.10 -1.23 26.13
C ILE A 383 -16.87 -1.76 27.53
N ASP A 384 -17.94 -2.09 28.25
CA ASP A 384 -17.83 -2.70 29.57
C ASP A 384 -17.63 -4.19 29.31
N PHE A 385 -16.37 -4.65 29.11
CA PHE A 385 -16.04 -6.04 28.73
C PHE A 385 -16.55 -7.12 29.71
N LYS A 386 -16.85 -6.75 30.98
CA LYS A 386 -17.39 -7.73 31.93
C LYS A 386 -18.74 -8.28 31.46
N LEU A 387 -19.48 -7.55 30.58
CA LEU A 387 -20.78 -8.00 30.09
C LEU A 387 -20.70 -9.32 29.32
N PHE A 388 -19.58 -9.60 28.64
CA PHE A 388 -19.41 -10.79 27.81
C PHE A 388 -19.41 -12.10 28.61
N GLN A 389 -19.01 -12.03 29.86
CA GLN A 389 -19.01 -13.18 30.77
C GLN A 389 -20.44 -13.65 31.02
N ASN A 390 -21.40 -12.70 31.14
CA ASN A 390 -22.80 -13.01 31.40
C ASN A 390 -23.55 -13.63 30.16
N PHE A 391 -22.81 -14.26 29.22
CA PHE A 391 -23.42 -14.92 28.07
C PHE A 391 -23.28 -16.45 28.15
N SER A 392 -24.36 -17.16 27.86
CA SER A 392 -24.41 -18.63 27.89
C SER A 392 -23.30 -19.32 27.05
N ASN A 393 -23.26 -19.14 25.69
CA ASN A 393 -22.21 -19.78 24.93
C ASN A 393 -21.75 -18.98 23.74
N LEU A 394 -21.06 -17.88 24.06
CA LEU A 394 -20.44 -17.00 23.09
C LEU A 394 -19.22 -17.74 22.55
N GLU A 395 -19.02 -17.66 21.25
CA GLU A 395 -17.88 -18.27 20.60
C GLU A 395 -17.08 -17.25 19.81
N ILE A 396 -17.78 -16.24 19.23
CA ILE A 396 -17.23 -15.19 18.41
C ILE A 396 -17.70 -13.83 18.92
N ILE A 397 -16.74 -12.97 19.34
CA ILE A 397 -16.98 -11.59 19.78
C ILE A 397 -16.21 -10.72 18.78
N TYR A 398 -16.90 -10.20 17.77
CA TYR A 398 -16.31 -9.45 16.70
C TYR A 398 -16.46 -7.94 16.94
N LEU A 399 -15.34 -7.29 17.27
CA LEU A 399 -15.31 -5.88 17.59
C LEU A 399 -14.33 -5.09 16.73
N SER A 400 -14.07 -5.56 15.52
CA SER A 400 -13.17 -4.89 14.60
C SER A 400 -13.77 -3.56 14.15
N GLU A 401 -12.90 -2.57 13.86
CA GLU A 401 -13.24 -1.26 13.40
C GLU A 401 -14.10 -0.50 14.41
N ASN A 402 -13.77 -0.61 15.68
CA ASN A 402 -14.38 0.21 16.72
C ASN A 402 -13.27 1.21 17.20
N ARG A 403 -13.47 1.91 18.31
CA ARG A 403 -12.49 2.88 18.79
C ARG A 403 -12.04 2.60 20.23
N ILE A 404 -11.82 1.33 20.59
CA ILE A 404 -11.33 0.97 21.91
C ILE A 404 -9.88 1.43 22.08
N SER A 405 -9.61 2.15 23.16
CA SER A 405 -8.33 2.77 23.51
C SER A 405 -7.57 1.94 24.59
N PRO A 406 -6.28 2.22 24.91
CA PRO A 406 -5.63 1.52 26.02
C PRO A 406 -6.31 1.85 27.36
N LEU A 407 -6.73 0.80 28.07
CA LEU A 407 -7.45 0.90 29.35
C LEU A 407 -6.47 0.97 30.47
N VAL A 408 -6.37 2.13 31.15
CA VAL A 408 -5.46 2.35 32.24
C VAL A 408 -6.24 2.47 33.55
N PHE A 435 -17.09 -8.43 -10.68
CA PHE A 435 -17.77 -8.95 -9.50
C PHE A 435 -18.57 -10.24 -9.78
N ASP A 436 -18.98 -10.94 -8.72
CA ASP A 436 -19.73 -12.17 -8.85
C ASP A 436 -21.20 -11.83 -8.72
N PRO A 437 -22.00 -12.12 -9.75
CA PRO A 437 -23.45 -11.82 -9.65
C PRO A 437 -24.24 -12.84 -8.82
N HIS A 438 -23.63 -13.99 -8.51
CA HIS A 438 -24.22 -15.04 -7.68
C HIS A 438 -23.72 -14.88 -6.23
N SER A 439 -23.59 -13.64 -5.76
CA SER A 439 -23.12 -13.39 -4.42
C SER A 439 -24.16 -12.67 -3.56
N ASN A 440 -23.92 -12.68 -2.25
CA ASN A 440 -24.78 -12.03 -1.27
C ASN A 440 -24.19 -10.62 -1.15
N PHE A 441 -24.91 -9.64 -1.69
CA PHE A 441 -24.42 -8.28 -1.72
C PHE A 441 -24.62 -7.49 -0.43
N TYR A 442 -25.55 -7.91 0.42
CA TYR A 442 -25.82 -7.15 1.63
C TYR A 442 -25.21 -7.76 2.90
N HIS A 443 -24.96 -9.09 2.90
CA HIS A 443 -24.46 -9.81 4.07
C HIS A 443 -23.01 -10.23 3.98
N PHE A 444 -22.27 -10.10 5.09
CA PHE A 444 -20.88 -10.57 5.16
C PHE A 444 -20.92 -12.08 5.43
N THR A 445 -20.76 -12.90 4.38
CA THR A 445 -20.85 -14.36 4.44
C THR A 445 -19.55 -15.09 4.93
N ARG A 446 -18.36 -14.51 4.64
CA ARG A 446 -17.07 -15.06 5.04
C ARG A 446 -16.96 -15.17 6.57
N PRO A 447 -16.12 -16.08 7.13
CA PRO A 447 -15.98 -16.14 8.59
C PRO A 447 -15.46 -14.81 9.14
N LEU A 448 -16.08 -14.28 10.21
CA LEU A 448 -15.67 -13.01 10.84
C LEU A 448 -14.25 -13.09 11.34
N ILE A 449 -13.91 -14.20 12.00
CA ILE A 449 -12.57 -14.52 12.49
C ILE A 449 -12.09 -15.74 11.70
N LYS A 450 -10.79 -15.85 11.42
CA LYS A 450 -10.22 -16.99 10.71
C LYS A 450 -10.59 -18.28 11.43
N PRO A 451 -11.11 -19.26 10.69
CA PRO A 451 -11.48 -20.54 11.31
C PRO A 451 -10.33 -21.19 12.09
N GLN A 452 -9.09 -21.04 11.59
CA GLN A 452 -7.91 -21.59 12.25
C GLN A 452 -7.72 -21.01 13.63
N CYS A 453 -8.20 -19.77 13.87
CA CYS A 453 -8.11 -19.10 15.14
C CYS A 453 -9.29 -19.52 16.01
N ALA A 454 -10.53 -19.34 15.48
CA ALA A 454 -11.77 -19.63 16.16
C ALA A 454 -11.89 -21.09 16.67
N ALA A 455 -11.27 -22.05 15.94
CA ALA A 455 -11.22 -23.47 16.27
C ALA A 455 -10.66 -23.76 17.64
N TYR A 456 -9.87 -22.85 18.20
CA TYR A 456 -9.24 -23.04 19.52
C TYR A 456 -10.13 -22.70 20.67
N GLY A 457 -11.12 -21.85 20.48
CA GLY A 457 -12.05 -21.48 21.55
C GLY A 457 -12.67 -20.12 21.33
N LYS A 458 -13.22 -19.48 22.44
CA LYS A 458 -13.83 -18.14 22.43
C LYS A 458 -12.88 -17.17 21.72
N ALA A 459 -13.35 -16.51 20.65
CA ALA A 459 -12.55 -15.60 19.84
C ALA A 459 -12.95 -14.17 20.09
N LEU A 460 -11.95 -13.29 20.23
CA LEU A 460 -12.17 -11.87 20.44
C LEU A 460 -11.43 -11.12 19.37
N ASP A 461 -12.15 -10.44 18.49
CA ASP A 461 -11.50 -9.66 17.44
C ASP A 461 -11.52 -8.20 17.80
N LEU A 462 -10.36 -7.63 18.17
CA LEU A 462 -10.24 -6.21 18.50
C LEU A 462 -9.26 -5.53 17.50
N SER A 463 -9.28 -5.96 16.23
CA SER A 463 -8.41 -5.39 15.22
C SER A 463 -8.96 -4.04 14.76
N LEU A 464 -8.08 -3.19 14.20
CA LEU A 464 -8.48 -1.89 13.68
C LEU A 464 -9.22 -1.01 14.70
N ASN A 465 -8.67 -0.86 15.94
CA ASN A 465 -9.21 -0.03 17.05
C ASN A 465 -8.08 0.98 17.48
N SER A 466 -8.22 1.82 18.57
CA SER A 466 -7.12 2.71 18.96
C SER A 466 -6.29 2.18 20.12
N ILE A 467 -6.02 0.88 20.15
CA ILE A 467 -5.20 0.29 21.22
C ILE A 467 -3.74 0.49 20.83
N PHE A 468 -3.22 1.72 21.01
CA PHE A 468 -1.83 2.03 20.63
C PHE A 468 -0.77 1.48 21.58
N PHE A 469 -1.19 1.00 22.77
CA PHE A 469 -0.42 0.26 23.76
C PHE A 469 -1.39 -0.64 24.56
N ILE A 470 -0.89 -1.72 25.17
CA ILE A 470 -1.74 -2.63 25.94
C ILE A 470 -1.85 -2.10 27.37
N GLY A 471 -2.99 -1.49 27.68
CA GLY A 471 -3.22 -0.92 29.00
C GLY A 471 -3.16 -1.92 30.13
N PRO A 472 -2.84 -1.44 31.34
CA PRO A 472 -2.79 -2.35 32.50
C PRO A 472 -4.08 -3.16 32.72
N ASN A 473 -5.25 -2.56 32.38
CA ASN A 473 -6.55 -3.19 32.55
C ASN A 473 -7.21 -3.56 31.23
N GLN A 474 -6.45 -3.67 30.14
CA GLN A 474 -6.91 -3.93 28.80
C GLN A 474 -7.78 -5.16 28.66
N PHE A 475 -7.43 -6.25 29.35
CA PHE A 475 -8.17 -7.52 29.24
C PHE A 475 -8.84 -7.95 30.54
N GLU A 476 -9.12 -7.00 31.43
CA GLU A 476 -9.77 -7.22 32.72
C GLU A 476 -11.21 -7.68 32.50
N ASN A 477 -11.69 -8.62 33.34
CA ASN A 477 -13.07 -9.11 33.29
C ASN A 477 -13.45 -9.80 31.99
N LEU A 478 -12.46 -10.32 31.25
CA LEU A 478 -12.76 -11.00 29.99
C LEU A 478 -12.93 -12.49 30.24
N PRO A 479 -13.86 -13.15 29.49
CA PRO A 479 -13.97 -14.61 29.62
C PRO A 479 -12.68 -15.36 29.20
N ASP A 480 -12.71 -16.69 29.12
CA ASP A 480 -11.52 -17.46 28.75
C ASP A 480 -11.32 -17.34 27.24
N ILE A 481 -10.58 -16.31 26.81
CA ILE A 481 -10.32 -16.10 25.39
C ILE A 481 -9.19 -17.03 24.91
N ALA A 482 -9.44 -17.81 23.85
CA ALA A 482 -8.42 -18.69 23.26
C ALA A 482 -7.88 -18.16 21.94
N CYS A 483 -8.59 -17.23 21.28
CA CYS A 483 -8.23 -16.69 20.00
C CYS A 483 -8.36 -15.17 20.10
N LEU A 484 -7.26 -14.43 19.93
CA LEU A 484 -7.30 -12.97 20.06
C LEU A 484 -6.65 -12.25 18.87
N ASN A 485 -7.41 -11.36 18.23
CA ASN A 485 -6.91 -10.54 17.13
C ASN A 485 -6.72 -9.11 17.60
N LEU A 486 -5.49 -8.64 17.58
CA LEU A 486 -5.19 -7.26 17.90
C LEU A 486 -4.49 -6.61 16.69
N SER A 487 -4.82 -7.05 15.46
CA SER A 487 -4.20 -6.56 14.25
C SER A 487 -4.49 -5.11 13.96
N ALA A 488 -3.55 -4.41 13.31
CA ALA A 488 -3.70 -3.05 12.84
C ALA A 488 -4.22 -2.06 13.89
N ASN A 489 -3.59 -2.02 15.03
CA ASN A 489 -3.95 -1.08 16.10
C ASN A 489 -2.92 0.01 16.32
N SER A 490 -1.82 0.00 15.51
CA SER A 490 -0.74 0.96 15.68
C SER A 490 -0.10 0.75 17.09
N ASN A 491 -0.08 -0.51 17.55
CA ASN A 491 0.35 -0.86 18.89
C ASN A 491 1.84 -0.92 18.98
N ALA A 492 2.45 -0.02 19.78
CA ALA A 492 3.91 -0.02 19.93
C ALA A 492 4.34 -0.42 21.36
N GLN A 493 3.60 -1.34 21.98
CA GLN A 493 3.90 -1.88 23.30
C GLN A 493 5.28 -2.56 23.40
N VAL A 494 5.96 -2.38 24.53
CA VAL A 494 7.21 -3.07 24.84
C VAL A 494 6.78 -4.32 25.64
N LEU A 495 6.63 -5.45 24.95
CA LEU A 495 6.19 -6.71 25.53
C LEU A 495 7.18 -7.20 26.61
N SER A 496 6.69 -7.37 27.84
CA SER A 496 7.50 -7.76 28.99
C SER A 496 7.13 -9.09 29.67
N GLY A 497 5.93 -9.59 29.44
CA GLY A 497 5.49 -10.84 30.05
C GLY A 497 4.40 -10.67 31.11
N THR A 498 3.71 -9.51 31.08
CA THR A 498 2.62 -9.19 32.02
C THR A 498 1.32 -8.74 31.35
N GLU A 499 1.40 -8.35 30.07
CA GLU A 499 0.30 -7.73 29.33
C GLU A 499 -0.90 -8.62 29.11
N PHE A 500 -0.67 -9.90 28.90
CA PHE A 500 -1.74 -10.84 28.63
C PHE A 500 -1.99 -11.77 29.80
N SER A 501 -1.66 -11.37 31.03
CA SER A 501 -1.85 -12.23 32.19
C SER A 501 -3.33 -12.40 32.58
N ALA A 502 -4.21 -11.46 32.19
CA ALA A 502 -5.64 -11.55 32.50
C ALA A 502 -6.38 -12.56 31.63
N ILE A 503 -5.84 -12.90 30.46
CA ILE A 503 -6.41 -13.91 29.56
C ILE A 503 -5.25 -14.86 29.21
N PRO A 504 -4.79 -15.71 30.17
CA PRO A 504 -3.55 -16.46 29.93
C PRO A 504 -3.68 -17.71 29.06
N HIS A 505 -4.90 -18.07 28.63
CA HIS A 505 -5.06 -19.27 27.83
C HIS A 505 -5.24 -19.00 26.35
N VAL A 506 -4.62 -17.93 25.84
CA VAL A 506 -4.69 -17.63 24.42
C VAL A 506 -3.80 -18.65 23.71
N LYS A 507 -4.36 -19.28 22.66
CA LYS A 507 -3.72 -20.31 21.87
C LYS A 507 -3.30 -19.80 20.51
N TYR A 508 -4.05 -18.83 19.95
CA TYR A 508 -3.77 -18.21 18.66
C TYR A 508 -3.83 -16.69 18.89
N LEU A 509 -2.71 -16.00 18.71
CA LEU A 509 -2.64 -14.54 18.87
C LEU A 509 -2.21 -13.84 17.57
N ASP A 510 -3.08 -12.98 17.02
CA ASP A 510 -2.77 -12.23 15.82
C ASP A 510 -2.37 -10.81 16.22
N LEU A 511 -1.10 -10.50 16.07
CA LEU A 511 -0.57 -9.18 16.38
C LEU A 511 -0.07 -8.47 15.10
N THR A 512 -0.55 -8.86 13.90
CA THR A 512 -0.05 -8.28 12.64
C THR A 512 -0.32 -6.79 12.42
N ASN A 513 0.50 -6.13 11.56
CA ASN A 513 0.32 -4.73 11.22
C ASN A 513 0.35 -3.83 12.43
N ASN A 514 1.32 -4.06 13.29
CA ASN A 514 1.52 -3.25 14.47
C ASN A 514 3.00 -2.78 14.50
N ARG A 515 3.39 -2.12 15.61
CA ARG A 515 4.71 -1.55 15.81
C ARG A 515 5.32 -2.07 17.11
N LEU A 516 5.11 -3.34 17.38
CA LEU A 516 5.53 -4.02 18.61
C LEU A 516 7.01 -4.16 18.78
N ASP A 517 7.41 -4.19 20.05
CA ASP A 517 8.76 -4.36 20.55
C ASP A 517 8.76 -5.63 21.39
N PHE A 518 9.35 -6.70 20.87
CA PHE A 518 9.38 -7.99 21.60
C PHE A 518 10.80 -8.42 21.93
N ASP A 519 11.71 -7.43 22.10
CA ASP A 519 13.10 -7.70 22.41
C ASP A 519 13.32 -8.29 23.79
N ASN A 520 12.37 -8.10 24.73
CA ASN A 520 12.53 -8.68 26.06
C ASN A 520 12.37 -10.19 25.94
N ALA A 521 13.29 -10.98 26.52
CA ALA A 521 13.20 -12.44 26.43
C ALA A 521 11.98 -13.01 27.18
N SER A 522 11.26 -12.17 27.94
CA SER A 522 10.04 -12.56 28.64
C SER A 522 8.77 -12.18 27.87
N ALA A 523 8.90 -11.58 26.67
CA ALA A 523 7.76 -11.14 25.87
C ALA A 523 6.82 -12.28 25.53
N LEU A 524 5.52 -12.15 25.89
CA LEU A 524 4.45 -13.13 25.62
C LEU A 524 4.59 -14.46 26.35
N THR A 525 5.57 -14.59 27.25
CA THR A 525 5.76 -15.86 27.98
C THR A 525 4.62 -16.16 28.95
N GLU A 526 3.78 -15.15 29.32
CA GLU A 526 2.60 -15.36 30.18
C GLU A 526 1.52 -16.21 29.47
N LEU A 527 1.60 -16.33 28.14
CA LEU A 527 0.71 -17.12 27.30
C LEU A 527 1.41 -18.45 27.08
N SER A 528 1.52 -19.21 28.14
CA SER A 528 2.21 -20.50 28.17
C SER A 528 1.61 -21.56 27.24
N ASP A 529 0.31 -21.43 26.90
CA ASP A 529 -0.38 -22.37 26.01
C ASP A 529 -0.34 -21.98 24.54
N LEU A 530 0.28 -20.84 24.20
CA LEU A 530 0.36 -20.30 22.85
C LEU A 530 0.85 -21.34 21.85
N GLU A 531 0.06 -21.55 20.79
CA GLU A 531 0.35 -22.48 19.70
C GLU A 531 0.60 -21.71 18.40
N VAL A 532 -0.21 -20.68 18.08
CA VAL A 532 0.00 -19.88 16.88
C VAL A 532 0.28 -18.41 17.22
N LEU A 533 1.30 -17.80 16.61
CA LEU A 533 1.67 -16.41 16.82
C LEU A 533 1.93 -15.72 15.49
N ASP A 534 1.10 -14.72 15.17
CA ASP A 534 1.26 -13.99 13.92
C ASP A 534 1.81 -12.59 14.19
N LEU A 535 3.08 -12.35 13.82
CA LEU A 535 3.74 -11.07 14.00
C LEU A 535 4.07 -10.41 12.65
N SER A 536 3.35 -10.75 11.57
CA SER A 536 3.58 -10.19 10.23
C SER A 536 3.48 -8.69 10.17
N TYR A 537 4.29 -8.04 9.31
CA TYR A 537 4.26 -6.60 9.06
C TYR A 537 4.46 -5.79 10.32
N ASN A 538 5.53 -6.07 11.03
CA ASN A 538 5.81 -5.40 12.28
C ASN A 538 7.14 -4.67 12.22
N SER A 539 7.24 -3.49 12.83
CA SER A 539 8.48 -2.73 12.85
C SER A 539 8.53 -1.85 14.08
N HIS A 540 9.73 -1.58 14.65
CA HIS A 540 9.86 -0.69 15.83
C HIS A 540 9.34 0.70 15.44
N TYR A 541 8.55 1.33 16.34
CA TYR A 541 7.95 2.63 16.08
C TYR A 541 8.96 3.77 15.95
N PHE A 542 10.09 3.69 16.69
CA PHE A 542 11.07 4.77 16.78
C PHE A 542 12.44 4.47 16.16
N ARG A 543 12.88 3.21 16.09
CA ARG A 543 14.20 2.90 15.50
C ARG A 543 14.21 3.24 14.01
N ILE A 544 15.13 4.14 13.64
CA ILE A 544 15.31 4.64 12.29
C ILE A 544 16.64 4.13 11.69
N ALA A 545 17.78 4.37 12.39
CA ALA A 545 19.10 3.99 11.88
C ALA A 545 19.43 2.47 11.99
N GLY A 546 19.16 1.86 13.14
CA GLY A 546 19.46 0.44 13.31
C GLY A 546 18.32 -0.29 13.99
N VAL A 547 17.95 -1.50 13.48
CA VAL A 547 16.87 -2.34 14.06
C VAL A 547 17.39 -3.76 14.34
N THR A 548 17.79 -4.05 15.60
CA THR A 548 18.33 -5.37 15.97
C THR A 548 17.31 -6.23 16.78
N HIS A 549 16.86 -7.33 16.17
CA HIS A 549 15.88 -8.24 16.76
C HIS A 549 16.48 -9.21 17.79
N HIS A 550 15.68 -9.58 18.80
CA HIS A 550 16.05 -10.53 19.85
C HIS A 550 14.89 -11.52 19.90
N LEU A 551 15.16 -12.74 19.45
CA LEU A 551 14.13 -13.77 19.34
C LEU A 551 14.31 -14.85 20.39
N GLU A 552 14.83 -14.49 21.57
CA GLU A 552 15.04 -15.45 22.64
C GLU A 552 13.72 -15.89 23.27
N PHE A 553 12.66 -15.06 23.22
CA PHE A 553 11.37 -15.38 23.82
C PHE A 553 10.76 -16.68 23.27
N ILE A 554 11.06 -17.00 22.00
CA ILE A 554 10.56 -18.19 21.30
C ILE A 554 10.96 -19.51 21.97
N GLN A 555 12.12 -19.54 22.64
CA GLN A 555 12.57 -20.75 23.34
C GLN A 555 11.74 -21.04 24.60
N ASN A 556 11.00 -20.04 25.15
CA ASN A 556 10.20 -20.22 26.37
C ASN A 556 8.94 -21.06 26.18
N PHE A 557 8.42 -21.14 24.93
CA PHE A 557 7.17 -21.84 24.65
C PHE A 557 7.29 -23.33 24.47
N THR A 558 6.54 -24.09 25.28
CA THR A 558 6.56 -25.53 25.16
C THR A 558 5.54 -26.06 24.12
N ASN A 559 4.54 -25.25 23.72
CA ASN A 559 3.53 -25.71 22.77
C ASN A 559 3.47 -24.89 21.47
N LEU A 560 4.36 -23.88 21.27
CA LEU A 560 4.32 -23.07 20.05
C LEU A 560 4.59 -23.90 18.81
N LYS A 561 3.66 -23.88 17.84
CA LYS A 561 3.75 -24.69 16.62
C LYS A 561 3.94 -23.84 15.37
N VAL A 562 3.21 -22.72 15.26
CA VAL A 562 3.30 -21.85 14.08
C VAL A 562 3.71 -20.44 14.45
N LEU A 563 4.77 -19.92 13.80
CA LEU A 563 5.26 -18.55 14.04
C LEU A 563 5.45 -17.87 12.70
N ASN A 564 4.79 -16.72 12.53
CA ASN A 564 4.90 -15.96 11.30
C ASN A 564 5.58 -14.63 11.60
N LEU A 565 6.83 -14.50 11.16
CA LEU A 565 7.64 -13.26 11.28
C LEU A 565 7.80 -12.60 9.89
N SER A 566 6.82 -12.79 8.99
CA SER A 566 6.90 -12.24 7.66
C SER A 566 6.89 -10.74 7.68
N HIS A 567 7.61 -10.14 6.75
CA HIS A 567 7.75 -8.70 6.56
C HIS A 567 8.09 -7.94 7.83
N ASN A 568 8.98 -8.50 8.65
CA ASN A 568 9.52 -7.83 9.84
C ASN A 568 10.85 -7.10 9.52
N ASN A 569 11.40 -7.33 8.31
CA ASN A 569 12.63 -6.73 7.81
C ASN A 569 13.79 -6.99 8.77
N ILE A 570 13.92 -8.25 9.20
CA ILE A 570 14.97 -8.70 10.11
C ILE A 570 16.31 -8.86 9.42
N TYR A 571 17.30 -8.04 9.84
CA TYR A 571 18.64 -8.13 9.24
C TYR A 571 19.75 -8.32 10.27
N THR A 572 19.45 -8.30 11.59
CA THR A 572 20.45 -8.55 12.66
C THR A 572 19.83 -9.05 13.97
N LEU A 573 20.46 -10.05 14.61
CA LEU A 573 20.04 -10.65 15.91
C LEU A 573 20.98 -10.20 17.07
N THR A 574 20.43 -10.00 18.28
CA THR A 574 21.18 -9.39 19.37
C THR A 574 22.19 -10.37 20.11
N ASP A 575 21.83 -10.96 21.28
CA ASP A 575 22.72 -11.79 22.10
C ASP A 575 22.69 -13.23 21.62
N LYS A 576 21.47 -13.73 21.33
CA LYS A 576 21.27 -15.06 20.81
C LYS A 576 21.10 -14.91 19.30
N TYR A 577 22.18 -15.15 18.56
CA TYR A 577 22.25 -15.06 17.09
C TYR A 577 21.58 -16.24 16.35
N ASN A 578 20.92 -17.16 17.09
CA ASN A 578 20.32 -18.33 16.47
C ASN A 578 19.09 -18.89 17.24
N LEU A 579 17.92 -18.81 16.58
CA LEU A 579 16.58 -19.21 17.00
C LEU A 579 16.54 -20.64 17.52
N GLU A 580 15.82 -20.89 18.65
CA GLU A 580 15.72 -22.23 19.26
C GLU A 580 14.29 -22.59 19.76
N SER A 581 13.81 -23.81 19.44
CA SER A 581 12.50 -24.33 19.86
C SER A 581 12.37 -25.85 19.68
N LYS A 582 11.85 -26.54 20.70
CA LYS A 582 11.65 -27.98 20.60
C LYS A 582 10.28 -28.31 19.95
N SER A 583 9.29 -27.38 20.01
CA SER A 583 7.93 -27.59 19.52
C SER A 583 7.63 -27.00 18.16
N LEU A 584 8.29 -25.90 17.79
CA LEU A 584 8.02 -25.22 16.52
C LEU A 584 7.98 -26.15 15.30
N VAL A 585 6.86 -26.14 14.57
CA VAL A 585 6.63 -26.99 13.40
C VAL A 585 6.80 -26.17 12.10
N GLU A 586 6.32 -24.90 12.12
CA GLU A 586 6.30 -24.02 10.96
C GLU A 586 6.82 -22.61 11.27
N LEU A 587 7.76 -22.13 10.44
CA LEU A 587 8.31 -20.79 10.58
C LEU A 587 8.19 -20.08 9.26
N VAL A 588 7.49 -18.95 9.26
CA VAL A 588 7.36 -18.13 8.08
C VAL A 588 8.33 -16.95 8.25
N PHE A 589 9.39 -16.93 7.44
CA PHE A 589 10.41 -15.89 7.50
C PHE A 589 10.47 -15.02 6.22
N SER A 590 9.39 -15.00 5.42
CA SER A 590 9.41 -14.18 4.20
C SER A 590 9.50 -12.68 4.49
N GLY A 591 9.98 -11.88 3.52
CA GLY A 591 10.10 -10.44 3.68
C GLY A 591 11.13 -9.97 4.69
N ASN A 592 12.14 -10.81 4.94
CA ASN A 592 13.21 -10.45 5.88
C ASN A 592 14.54 -10.26 5.10
N ARG A 593 15.70 -10.12 5.79
CA ARG A 593 16.96 -9.91 5.09
C ARG A 593 17.98 -11.02 5.33
N LEU A 594 17.65 -12.25 4.94
CA LEU A 594 18.61 -13.36 5.06
C LEU A 594 19.83 -13.16 4.17
N ASP A 595 19.73 -12.29 3.14
CA ASP A 595 20.87 -11.96 2.30
C ASP A 595 21.90 -11.21 3.17
N ILE A 596 21.46 -10.29 4.04
CA ILE A 596 22.34 -9.58 4.96
C ILE A 596 22.86 -10.51 6.06
N LEU A 597 21.98 -11.27 6.73
CA LEU A 597 22.38 -12.20 7.81
C LEU A 597 23.39 -13.26 7.32
N TRP A 598 23.09 -13.95 6.22
CA TRP A 598 23.98 -14.99 5.70
C TRP A 598 25.23 -14.43 4.95
N ASN A 599 25.28 -13.11 4.74
CA ASN A 599 26.43 -12.41 4.15
C ASN A 599 27.32 -11.81 5.25
N ASP A 600 27.20 -12.27 6.50
CA ASP A 600 27.95 -11.79 7.65
C ASP A 600 29.41 -12.13 7.51
N ASP A 601 30.30 -11.14 7.74
CA ASP A 601 31.74 -11.37 7.68
C ASP A 601 32.16 -12.37 8.76
N ASP A 602 31.56 -12.30 9.94
CA ASP A 602 31.91 -13.20 11.04
C ASP A 602 31.13 -14.52 11.05
N ASN A 603 30.19 -14.71 10.09
CA ASN A 603 29.34 -15.90 9.98
C ASN A 603 28.60 -16.17 11.29
N ARG A 604 28.01 -15.12 11.85
CA ARG A 604 27.27 -15.22 13.11
C ARG A 604 25.93 -15.93 12.94
N TYR A 605 25.32 -15.79 11.77
CA TYR A 605 24.00 -16.37 11.53
C TYR A 605 24.06 -17.63 10.67
N ILE A 606 25.15 -18.41 10.81
CA ILE A 606 25.37 -19.64 10.05
C ILE A 606 24.47 -20.79 10.53
N SER A 607 24.00 -20.75 11.79
CA SER A 607 23.11 -21.76 12.36
C SER A 607 21.81 -21.12 12.89
N ILE A 608 21.36 -20.02 12.24
CA ILE A 608 20.23 -19.21 12.63
C ILE A 608 18.96 -20.04 12.93
N PHE A 609 18.69 -21.12 12.17
CA PHE A 609 17.47 -21.91 12.40
C PHE A 609 17.75 -23.36 12.82
N LYS A 610 19.00 -23.70 13.18
CA LYS A 610 19.39 -25.06 13.56
C LYS A 610 18.74 -25.52 14.85
N GLY A 611 18.48 -24.58 15.77
CA GLY A 611 17.86 -24.83 17.06
C GLY A 611 16.39 -25.21 17.00
N LEU A 612 15.74 -25.02 15.83
CA LEU A 612 14.34 -25.37 15.62
C LEU A 612 14.29 -26.86 15.27
N LYS A 613 14.61 -27.70 16.26
CA LYS A 613 14.75 -29.14 16.14
C LYS A 613 13.55 -29.90 15.59
N ASN A 614 12.34 -29.33 15.63
CA ASN A 614 11.16 -30.04 15.11
C ASN A 614 10.51 -29.36 13.89
N LEU A 615 11.20 -28.38 13.28
CA LEU A 615 10.66 -27.69 12.12
C LEU A 615 10.41 -28.65 10.95
N THR A 616 9.22 -28.60 10.37
CA THR A 616 8.87 -29.36 9.17
C THR A 616 8.56 -28.42 8.00
N ARG A 617 8.19 -27.14 8.28
CA ARG A 617 7.90 -26.15 7.25
C ARG A 617 8.67 -24.84 7.47
N LEU A 618 9.46 -24.41 6.46
CA LEU A 618 10.23 -23.19 6.56
C LEU A 618 10.03 -22.37 5.30
N ASP A 619 9.56 -21.12 5.45
CA ASP A 619 9.35 -20.20 4.33
C ASP A 619 10.42 -19.13 4.32
N LEU A 620 11.31 -19.19 3.35
CA LEU A 620 12.40 -18.23 3.17
C LEU A 620 12.21 -17.39 1.90
N SER A 621 10.99 -17.30 1.37
CA SER A 621 10.72 -16.51 0.19
C SER A 621 10.93 -15.01 0.46
N LEU A 622 11.11 -14.21 -0.58
CA LEU A 622 11.27 -12.76 -0.44
C LEU A 622 12.36 -12.32 0.56
N ASN A 623 13.51 -12.99 0.59
CA ASN A 623 14.63 -12.58 1.44
C ASN A 623 15.81 -12.04 0.62
N ARG A 624 15.58 -11.68 -0.68
CA ARG A 624 16.59 -11.13 -1.61
C ARG A 624 17.84 -12.01 -1.74
N LEU A 625 17.70 -13.32 -1.60
CA LEU A 625 18.83 -14.23 -1.62
C LEU A 625 19.39 -14.47 -3.01
N LYS A 626 20.68 -14.11 -3.21
CA LYS A 626 21.37 -14.41 -4.47
C LYS A 626 21.94 -15.83 -4.43
N HIS A 627 22.30 -16.34 -3.24
CA HIS A 627 22.84 -17.69 -3.02
C HIS A 627 22.87 -18.01 -1.51
N ILE A 628 22.64 -19.28 -1.14
CA ILE A 628 22.70 -19.67 0.27
C ILE A 628 24.02 -20.38 0.56
N PRO A 629 24.86 -19.83 1.46
CA PRO A 629 26.14 -20.49 1.79
C PRO A 629 25.99 -21.98 2.10
N ASN A 630 26.87 -22.84 1.59
CA ASN A 630 26.80 -24.28 1.82
C ASN A 630 26.63 -24.67 3.29
N GLU A 631 27.38 -24.01 4.18
CA GLU A 631 27.28 -24.28 5.62
C GLU A 631 25.99 -23.73 6.22
N ALA A 632 25.46 -22.63 5.67
CA ALA A 632 24.18 -22.08 6.14
C ALA A 632 23.03 -22.99 5.71
N PHE A 633 23.13 -23.62 4.53
CA PHE A 633 22.10 -24.53 4.03
C PHE A 633 22.16 -25.83 4.82
N LEU A 634 23.36 -26.37 5.03
CA LEU A 634 23.54 -27.59 5.81
C LEU A 634 23.03 -27.45 7.25
N ASN A 635 22.97 -26.21 7.77
CA ASN A 635 22.49 -25.98 9.12
C ASN A 635 20.98 -25.78 9.24
N LEU A 636 20.21 -25.90 8.13
CA LEU A 636 18.74 -25.85 8.23
C LEU A 636 18.30 -27.16 8.93
N PRO A 637 17.18 -27.20 9.67
CA PRO A 637 16.81 -28.44 10.37
C PRO A 637 16.64 -29.65 9.44
N ALA A 638 17.28 -30.79 9.78
CA ALA A 638 17.16 -32.01 8.96
C ALA A 638 15.75 -32.60 8.95
N SER A 639 14.89 -32.15 9.88
CA SER A 639 13.49 -32.58 10.03
C SER A 639 12.56 -31.94 9.00
N LEU A 640 13.04 -30.95 8.24
CA LEU A 640 12.27 -30.28 7.23
C LEU A 640 11.66 -31.24 6.21
N THR A 641 10.40 -30.96 5.86
CA THR A 641 9.62 -31.70 4.86
C THR A 641 9.19 -30.76 3.73
N GLU A 642 9.04 -29.45 4.02
CA GLU A 642 8.66 -28.43 3.05
C GLU A 642 9.53 -27.25 3.24
N LEU A 643 10.29 -26.91 2.20
CA LEU A 643 11.20 -25.78 2.22
C LEU A 643 10.87 -24.88 1.05
N HIS A 644 10.58 -23.59 1.32
CA HIS A 644 10.25 -22.64 0.26
C HIS A 644 11.31 -21.56 0.16
N ILE A 645 12.10 -21.55 -0.91
CA ILE A 645 13.07 -20.47 -1.14
C ILE A 645 12.65 -19.68 -2.41
N ASN A 646 11.34 -19.68 -2.74
CA ASN A 646 10.80 -19.02 -3.92
C ASN A 646 10.90 -17.49 -3.87
N ASP A 647 10.79 -16.82 -5.02
CA ASP A 647 10.78 -15.37 -5.12
C ASP A 647 11.94 -14.69 -4.38
N ASN A 648 13.13 -15.17 -4.67
CA ASN A 648 14.38 -14.60 -4.21
C ASN A 648 15.15 -14.25 -5.54
N MET A 649 16.48 -14.27 -5.56
CA MET A 649 17.25 -14.01 -6.77
C MET A 649 18.34 -15.07 -6.93
N LEU A 650 18.08 -16.30 -6.46
CA LEU A 650 19.05 -17.39 -6.49
C LEU A 650 19.64 -17.64 -7.84
N LYS A 651 20.95 -17.44 -7.94
CA LYS A 651 21.72 -17.72 -9.15
C LYS A 651 22.36 -19.12 -9.08
N PHE A 652 22.52 -19.68 -7.86
CA PHE A 652 23.14 -20.97 -7.61
C PHE A 652 22.41 -21.79 -6.53
N PHE A 653 22.40 -23.11 -6.70
CA PHE A 653 21.81 -24.01 -5.72
C PHE A 653 22.58 -25.32 -5.74
N ASN A 654 23.33 -25.60 -4.66
CA ASN A 654 24.12 -26.83 -4.53
C ASN A 654 23.19 -27.99 -4.18
N TRP A 655 22.71 -28.71 -5.21
CA TRP A 655 21.81 -29.85 -5.04
C TRP A 655 22.36 -30.97 -4.18
N THR A 656 23.69 -31.06 -4.05
CA THR A 656 24.36 -32.09 -3.25
C THR A 656 23.89 -32.06 -1.81
N LEU A 657 23.70 -30.84 -1.27
CA LEU A 657 23.28 -30.63 0.11
C LEU A 657 21.93 -31.25 0.44
N LEU A 658 21.10 -31.59 -0.57
CA LEU A 658 19.82 -32.26 -0.32
C LEU A 658 19.96 -33.62 0.36
N GLN A 659 21.19 -34.14 0.48
CA GLN A 659 21.54 -35.39 1.14
C GLN A 659 21.27 -35.32 2.65
N GLN A 660 21.46 -34.14 3.26
CA GLN A 660 21.26 -33.93 4.70
C GLN A 660 19.78 -33.79 5.11
N PHE A 661 18.83 -33.93 4.15
CA PHE A 661 17.40 -33.76 4.41
C PHE A 661 16.60 -34.98 3.93
N PRO A 662 16.67 -36.10 4.68
CA PRO A 662 15.97 -37.32 4.25
C PRO A 662 14.45 -37.25 4.28
N ARG A 663 13.87 -36.22 4.89
CA ARG A 663 12.42 -36.12 4.98
C ARG A 663 11.80 -35.08 4.05
N LEU A 664 12.62 -34.27 3.38
CA LEU A 664 12.19 -33.24 2.45
C LEU A 664 11.32 -33.81 1.33
N GLU A 665 10.05 -33.42 1.28
CA GLU A 665 9.12 -33.86 0.26
C GLU A 665 8.81 -32.74 -0.73
N LEU A 666 8.87 -31.47 -0.31
CA LEU A 666 8.56 -30.35 -1.19
C LEU A 666 9.69 -29.36 -1.14
N LEU A 667 10.21 -28.99 -2.30
CA LEU A 667 11.24 -27.98 -2.42
C LEU A 667 10.73 -26.99 -3.44
N ASP A 668 10.53 -25.76 -3.01
CA ASP A 668 9.97 -24.72 -3.85
C ASP A 668 11.02 -23.68 -4.20
N LEU A 669 11.51 -23.68 -5.44
CA LEU A 669 12.52 -22.74 -5.86
C LEU A 669 12.05 -21.79 -6.97
N ARG A 670 10.72 -21.65 -7.17
CA ARG A 670 10.11 -20.78 -8.18
C ARG A 670 10.54 -19.33 -8.08
N GLY A 671 10.47 -18.59 -9.19
CA GLY A 671 10.77 -17.17 -9.18
C GLY A 671 12.17 -16.81 -8.77
N ASN A 672 13.16 -17.58 -9.23
CA ASN A 672 14.56 -17.28 -8.95
C ASN A 672 15.30 -17.07 -10.30
N LYS A 673 16.62 -17.24 -10.35
CA LYS A 673 17.38 -17.05 -11.58
C LYS A 673 18.34 -18.24 -11.83
N LEU A 674 17.95 -19.46 -11.38
CA LEU A 674 18.74 -20.67 -11.50
C LEU A 674 18.91 -21.08 -12.96
N LEU A 675 20.11 -21.56 -13.34
CA LEU A 675 20.42 -21.99 -14.71
C LEU A 675 20.72 -23.48 -14.84
N PHE A 676 21.21 -24.10 -13.75
CA PHE A 676 21.60 -25.50 -13.80
C PHE A 676 20.83 -26.40 -12.86
N LEU A 677 20.61 -27.62 -13.33
CA LEU A 677 19.94 -28.73 -12.67
C LEU A 677 20.96 -29.85 -12.58
N THR A 678 20.99 -30.58 -11.46
CA THR A 678 21.93 -31.69 -11.31
C THR A 678 21.50 -32.91 -12.10
N ASP A 679 22.47 -33.60 -12.73
CA ASP A 679 22.17 -34.83 -13.45
C ASP A 679 22.07 -36.05 -12.49
N SER A 680 22.44 -35.87 -11.20
CA SER A 680 22.48 -36.91 -10.18
C SER A 680 21.48 -36.62 -9.02
N LEU A 681 20.24 -36.24 -9.37
CA LEU A 681 19.24 -35.96 -8.33
C LEU A 681 18.95 -37.17 -7.45
N SER A 682 18.95 -38.39 -8.00
CA SER A 682 18.72 -39.61 -7.20
C SER A 682 19.88 -39.92 -6.24
N ASP A 683 21.08 -39.40 -6.51
CA ASP A 683 22.22 -39.55 -5.63
C ASP A 683 22.08 -38.64 -4.37
N PHE A 684 21.26 -37.55 -4.46
CA PHE A 684 21.11 -36.60 -3.35
C PHE A 684 19.82 -36.72 -2.58
N THR A 685 18.78 -37.32 -3.18
CA THR A 685 17.49 -37.44 -2.51
C THR A 685 16.76 -38.71 -2.87
N SER A 686 15.96 -39.17 -1.94
CA SER A 686 15.12 -40.33 -2.11
C SER A 686 13.69 -40.08 -1.56
N SER A 687 13.43 -38.88 -0.99
CA SER A 687 12.14 -38.50 -0.40
C SER A 687 11.42 -37.38 -1.18
N LEU A 688 12.16 -36.59 -1.96
CA LEU A 688 11.56 -35.47 -2.68
C LEU A 688 10.43 -35.89 -3.63
N ARG A 689 9.21 -35.39 -3.37
CA ARG A 689 8.06 -35.70 -4.19
C ARG A 689 7.67 -34.53 -5.11
N THR A 690 7.85 -33.29 -4.63
CA THR A 690 7.51 -32.13 -5.43
C THR A 690 8.71 -31.23 -5.63
N LEU A 691 8.95 -30.81 -6.87
CA LEU A 691 10.07 -29.93 -7.19
C LEU A 691 9.51 -28.78 -8.02
N LEU A 692 9.39 -27.61 -7.41
CA LEU A 692 8.82 -26.46 -8.07
C LEU A 692 9.93 -25.54 -8.59
N LEU A 693 10.00 -25.38 -9.92
CA LEU A 693 11.06 -24.60 -10.54
C LEU A 693 10.59 -23.59 -11.58
N SER A 694 9.27 -23.31 -11.65
CA SER A 694 8.78 -22.33 -12.62
C SER A 694 9.37 -20.95 -12.40
N HIS A 695 9.49 -20.17 -13.49
CA HIS A 695 10.04 -18.83 -13.45
C HIS A 695 11.49 -18.84 -13.02
N ASN A 696 12.28 -19.60 -13.74
CA ASN A 696 13.72 -19.65 -13.55
C ASN A 696 14.38 -19.53 -14.96
N ARG A 697 15.71 -19.71 -15.07
CA ARG A 697 16.39 -19.58 -16.35
C ARG A 697 16.95 -20.91 -16.81
N ILE A 698 16.23 -22.01 -16.55
CA ILE A 698 16.68 -23.33 -16.93
C ILE A 698 16.52 -23.53 -18.43
N SER A 699 17.64 -23.74 -19.14
CA SER A 699 17.59 -23.97 -20.59
C SER A 699 17.91 -25.40 -21.00
N HIS A 700 18.43 -26.23 -20.06
CA HIS A 700 18.82 -27.59 -20.39
C HIS A 700 18.42 -28.55 -19.30
N LEU A 701 17.70 -29.62 -19.70
CA LEU A 701 17.27 -30.71 -18.82
C LEU A 701 18.34 -31.80 -18.91
N PRO A 702 19.08 -32.08 -17.82
CA PRO A 702 20.18 -33.06 -17.90
C PRO A 702 19.73 -34.52 -18.02
N SER A 703 20.54 -35.30 -18.74
CA SER A 703 20.35 -36.74 -19.01
C SER A 703 20.19 -37.55 -17.70
N GLY A 704 18.96 -37.71 -17.22
CA GLY A 704 18.72 -38.41 -15.97
C GLY A 704 17.29 -38.27 -15.45
N PHE A 705 16.67 -37.08 -15.64
CA PHE A 705 15.30 -36.84 -15.18
C PHE A 705 14.26 -37.81 -15.78
N VAL A 709 14.95 -40.45 -10.14
CA VAL A 709 14.18 -40.04 -8.97
C VAL A 709 12.81 -40.73 -8.87
N SER A 710 12.80 -41.92 -8.27
CA SER A 710 11.57 -42.72 -8.09
C SER A 710 10.54 -42.08 -7.12
N SER A 711 11.01 -41.17 -6.26
CA SER A 711 10.14 -40.46 -5.32
C SER A 711 9.41 -39.29 -5.97
N LEU A 712 10.02 -38.66 -6.99
CA LEU A 712 9.45 -37.49 -7.64
C LEU A 712 8.14 -37.77 -8.35
N LYS A 713 7.08 -37.09 -7.91
CA LYS A 713 5.73 -37.22 -8.46
C LYS A 713 5.32 -35.94 -9.20
N HIS A 714 5.71 -34.76 -8.70
CA HIS A 714 5.37 -33.49 -9.35
C HIS A 714 6.62 -32.69 -9.71
N LEU A 715 6.84 -32.44 -11.01
CA LEU A 715 7.97 -31.65 -11.48
C LEU A 715 7.47 -30.42 -12.25
N ASP A 716 7.69 -29.23 -11.67
CA ASP A 716 7.25 -27.97 -12.27
C ASP A 716 8.41 -27.29 -12.98
N LEU A 717 8.45 -27.43 -14.29
CA LEU A 717 9.46 -26.77 -15.11
C LEU A 717 8.87 -25.70 -16.03
N SER A 718 7.65 -25.23 -15.74
CA SER A 718 6.99 -24.23 -16.57
C SER A 718 7.67 -22.86 -16.47
N SER A 719 7.42 -21.97 -17.42
CA SER A 719 7.99 -20.63 -17.47
C SER A 719 9.51 -20.59 -17.27
N ASN A 720 10.24 -21.43 -18.01
CA ASN A 720 11.70 -21.48 -18.00
C ASN A 720 12.21 -21.14 -19.44
N LEU A 721 13.42 -21.58 -19.83
CA LEU A 721 14.00 -21.25 -21.13
C LEU A 721 14.32 -22.48 -21.97
N LEU A 722 13.57 -23.56 -21.79
CA LEU A 722 13.79 -24.79 -22.52
C LEU A 722 13.36 -24.70 -23.96
N LYS A 723 14.29 -24.96 -24.88
CA LYS A 723 13.96 -25.00 -26.30
C LYS A 723 13.57 -26.43 -26.71
N THR A 724 14.11 -27.44 -26.02
CA THR A 724 13.83 -28.84 -26.35
C THR A 724 14.08 -29.73 -25.13
N ILE A 725 13.59 -30.98 -25.20
CA ILE A 725 13.84 -31.98 -24.18
C ILE A 725 14.47 -33.22 -24.88
N ASN A 726 15.80 -33.46 -24.67
CA ASN A 726 16.56 -34.56 -25.27
C ASN A 726 15.91 -35.93 -24.99
N THR A 735 11.84 -47.14 -15.17
CA THR A 735 10.52 -46.56 -15.42
C THR A 735 10.19 -45.49 -14.37
N THR A 736 9.87 -44.23 -14.79
CA THR A 736 9.59 -43.18 -13.80
C THR A 736 8.17 -43.26 -13.17
N LYS A 737 8.08 -42.75 -11.94
CA LYS A 737 6.89 -42.67 -11.10
C LYS A 737 6.33 -41.23 -11.04
N LEU A 738 6.58 -40.43 -12.09
CA LEU A 738 6.17 -39.04 -12.25
C LEU A 738 4.70 -38.98 -12.62
N SER A 739 3.90 -38.19 -11.90
CA SER A 739 2.47 -38.06 -12.14
C SER A 739 2.06 -36.69 -12.72
N MET A 740 2.94 -35.69 -12.63
CA MET A 740 2.67 -34.37 -13.19
C MET A 740 3.93 -33.69 -13.67
N LEU A 741 3.86 -33.10 -14.85
CA LEU A 741 4.99 -32.40 -15.41
C LEU A 741 4.44 -31.11 -15.98
N GLU A 742 4.84 -29.97 -15.42
CA GLU A 742 4.39 -28.68 -15.92
C GLU A 742 5.43 -28.15 -16.89
N LEU A 743 5.03 -27.82 -18.12
CA LEU A 743 5.98 -27.35 -19.14
C LEU A 743 5.55 -26.11 -19.90
N HIS A 744 4.37 -25.56 -19.61
CA HIS A 744 3.87 -24.37 -20.29
C HIS A 744 4.81 -23.18 -20.09
N GLY A 745 4.87 -22.25 -21.04
CA GLY A 745 5.68 -21.04 -20.90
C GLY A 745 7.14 -21.14 -21.28
N ASN A 746 7.51 -22.20 -21.98
CA ASN A 746 8.88 -22.43 -22.39
C ASN A 746 9.03 -22.14 -23.88
N PRO A 747 10.18 -21.60 -24.33
CA PRO A 747 10.34 -21.31 -25.75
C PRO A 747 10.71 -22.52 -26.60
N PHE A 748 9.77 -23.46 -26.74
CA PHE A 748 9.97 -24.68 -27.48
C PHE A 748 10.24 -24.42 -28.93
N GLU A 749 11.26 -25.10 -29.44
CA GLU A 749 11.66 -25.09 -30.83
C GLU A 749 11.02 -26.33 -31.45
N CYS A 750 10.00 -26.09 -32.27
CA CYS A 750 9.19 -27.12 -32.88
C CYS A 750 9.68 -27.62 -34.22
N THR A 751 10.95 -28.06 -34.26
CA THR A 751 11.55 -28.70 -35.44
C THR A 751 11.36 -30.25 -35.24
N CYS A 752 12.04 -31.10 -36.04
CA CYS A 752 11.95 -32.56 -35.85
C CYS A 752 12.54 -33.01 -34.47
N ASP A 753 13.27 -32.09 -33.77
CA ASP A 753 13.89 -32.29 -32.46
C ASP A 753 12.84 -32.45 -31.36
N ILE A 754 11.66 -31.83 -31.52
CA ILE A 754 10.59 -31.98 -30.55
C ILE A 754 9.86 -33.35 -30.67
N GLY A 755 10.11 -34.08 -31.76
CA GLY A 755 9.49 -35.37 -32.04
C GLY A 755 9.81 -36.45 -31.04
N ASP A 756 11.04 -36.43 -30.47
CA ASP A 756 11.44 -37.46 -29.50
C ASP A 756 10.65 -37.28 -28.21
N PHE A 757 10.51 -36.02 -27.75
CA PHE A 757 9.75 -35.70 -26.54
C PHE A 757 8.27 -36.01 -26.76
N ARG A 758 7.74 -35.70 -27.96
CA ARG A 758 6.36 -35.99 -28.33
C ARG A 758 6.09 -37.48 -28.24
N ARG A 759 7.07 -38.32 -28.65
CA ARG A 759 6.97 -39.79 -28.55
C ARG A 759 6.92 -40.24 -27.08
N TRP A 760 7.68 -39.55 -26.21
CA TRP A 760 7.75 -39.79 -24.76
C TRP A 760 6.40 -39.48 -24.14
N MET A 761 5.77 -38.37 -24.56
CA MET A 761 4.44 -37.97 -24.08
C MET A 761 3.39 -39.01 -24.41
N ASP A 762 3.53 -39.71 -25.54
CA ASP A 762 2.55 -40.71 -25.96
C ASP A 762 2.74 -42.04 -25.23
N GLU A 763 3.99 -42.38 -24.85
CA GLU A 763 4.29 -43.63 -24.14
C GLU A 763 3.90 -43.55 -22.67
N HIS A 764 4.07 -42.37 -22.06
CA HIS A 764 3.78 -42.18 -20.64
C HIS A 764 2.53 -41.36 -20.42
N LEU A 765 1.37 -41.95 -20.68
CA LEU A 765 0.10 -41.25 -20.52
C LEU A 765 -0.27 -41.01 -19.06
N ASN A 766 0.40 -41.70 -18.10
CA ASN A 766 0.15 -41.50 -16.66
C ASN A 766 0.66 -40.12 -16.20
N VAL A 767 1.76 -39.62 -16.84
CA VAL A 767 2.36 -38.31 -16.58
C VAL A 767 1.44 -37.21 -17.10
N LYS A 768 0.62 -36.60 -16.23
CA LYS A 768 -0.27 -35.53 -16.66
C LYS A 768 0.49 -34.26 -16.91
N ILE A 769 0.35 -33.72 -18.11
CA ILE A 769 0.97 -32.47 -18.48
C ILE A 769 -0.15 -31.46 -18.58
N PRO A 770 -0.32 -30.63 -17.55
CA PRO A 770 -1.42 -29.66 -17.57
C PRO A 770 -1.16 -28.50 -18.53
N ARG A 771 -2.26 -27.84 -18.93
CA ARG A 771 -2.29 -26.67 -19.79
C ARG A 771 -1.54 -26.92 -21.09
N LEU A 772 -1.91 -27.98 -21.82
CA LEU A 772 -1.28 -28.32 -23.09
C LEU A 772 -1.44 -27.25 -24.14
N VAL A 773 -2.49 -26.42 -24.07
CA VAL A 773 -2.68 -25.27 -24.97
C VAL A 773 -1.64 -24.17 -24.74
N ASP A 774 -0.98 -24.17 -23.56
CA ASP A 774 0.03 -23.21 -23.18
C ASP A 774 1.47 -23.72 -23.33
N VAL A 775 1.65 -25.00 -23.74
CA VAL A 775 2.95 -25.58 -24.05
C VAL A 775 3.04 -25.30 -25.55
N ILE A 776 3.57 -24.11 -25.88
CA ILE A 776 3.58 -23.51 -27.22
C ILE A 776 4.95 -23.40 -27.90
N CYS A 777 4.94 -23.48 -29.24
CA CYS A 777 6.10 -23.32 -30.10
C CYS A 777 6.46 -21.88 -30.14
N ALA A 778 7.73 -21.56 -29.91
CA ALA A 778 8.25 -20.22 -30.04
C ALA A 778 8.86 -20.05 -31.45
N SER A 779 9.45 -21.13 -32.00
CA SER A 779 10.09 -21.19 -33.30
C SER A 779 9.84 -22.56 -33.94
N PRO A 780 9.90 -22.70 -35.29
CA PRO A 780 10.09 -21.63 -36.28
C PRO A 780 8.84 -20.73 -36.44
N GLY A 781 8.88 -19.75 -37.35
CA GLY A 781 7.74 -18.85 -37.56
C GLY A 781 6.47 -19.59 -37.94
N ASP A 782 6.66 -20.67 -38.72
CA ASP A 782 5.70 -21.65 -39.25
C ASP A 782 4.89 -22.31 -38.10
N GLN A 783 5.57 -22.63 -37.01
CA GLN A 783 4.93 -23.28 -35.86
C GLN A 783 4.59 -22.33 -34.73
N ARG A 784 5.16 -21.12 -34.71
CA ARG A 784 4.93 -20.16 -33.62
C ARG A 784 3.45 -19.95 -33.26
N GLY A 785 3.15 -19.99 -31.96
CA GLY A 785 1.80 -19.80 -31.48
C GLY A 785 1.02 -21.08 -31.29
N LYS A 786 1.31 -22.08 -32.12
CA LYS A 786 0.63 -23.38 -32.02
C LYS A 786 1.19 -24.15 -30.82
N SER A 787 0.40 -25.09 -30.31
CA SER A 787 0.79 -25.96 -29.20
C SER A 787 1.77 -27.04 -29.71
N ILE A 788 2.74 -27.47 -28.90
CA ILE A 788 3.71 -28.49 -29.32
C ILE A 788 3.00 -29.82 -29.74
N VAL A 789 1.75 -30.01 -29.33
CA VAL A 789 0.95 -31.14 -29.79
C VAL A 789 0.39 -30.76 -31.17
N SER A 790 0.41 -31.70 -32.12
CA SER A 790 -0.08 -31.54 -33.48
C SER A 790 0.55 -30.35 -34.24
N PHE B 4 37.13 25.56 -25.32
CA PHE B 4 36.10 25.15 -26.27
C PHE B 4 36.14 23.66 -26.62
N SER B 5 35.65 22.80 -25.69
CA SER B 5 35.52 21.35 -25.84
C SER B 5 34.59 20.72 -24.80
N ARG B 6 33.92 19.62 -25.20
CA ARG B 6 32.94 18.88 -24.39
C ARG B 6 33.62 18.04 -23.31
N SER B 7 33.25 18.31 -22.05
CA SER B 7 33.82 17.60 -20.92
C SER B 7 33.36 16.15 -20.78
N TYR B 8 34.31 15.26 -20.52
CA TYR B 8 34.10 13.84 -20.26
C TYR B 8 35.16 13.39 -19.25
N PRO B 9 34.78 12.61 -18.23
CA PRO B 9 33.44 12.05 -17.96
C PRO B 9 32.49 12.97 -17.17
N CYS B 10 33.00 14.13 -16.69
CA CYS B 10 32.30 15.13 -15.86
C CYS B 10 31.39 16.04 -16.67
N ASP B 11 30.46 16.71 -16.00
CA ASP B 11 29.59 17.70 -16.64
C ASP B 11 30.08 19.06 -16.15
N GLU B 12 30.56 19.94 -17.07
CA GLU B 12 31.13 21.27 -16.74
C GLU B 12 30.07 22.38 -16.58
N LYS B 13 30.25 23.25 -15.55
CA LYS B 13 29.35 24.37 -15.24
C LYS B 13 30.15 25.64 -14.90
N VAL B 19 33.53 27.47 -11.78
CA VAL B 19 33.55 26.38 -12.75
C VAL B 19 33.47 25.04 -12.03
N ILE B 20 32.26 24.48 -11.93
CA ILE B 20 32.07 23.22 -11.22
C ILE B 20 32.14 22.02 -12.17
N ALA B 21 32.64 20.88 -11.68
CA ALA B 21 32.73 19.64 -12.46
C ALA B 21 31.93 18.52 -11.79
N GLU B 22 30.65 18.40 -12.14
CA GLU B 22 29.77 17.37 -11.57
C GLU B 22 30.24 16.03 -12.11
N CYS B 23 31.00 15.28 -11.32
CA CYS B 23 31.57 14.02 -11.77
C CYS B 23 31.17 12.82 -10.88
N SER B 24 30.02 12.90 -10.25
CA SER B 24 29.53 11.87 -9.35
C SER B 24 28.76 10.74 -10.04
N ASN B 25 28.62 9.57 -9.40
CA ASN B 25 27.85 8.44 -9.94
C ASN B 25 28.17 8.10 -11.42
N ARG B 26 29.47 8.10 -11.77
CA ARG B 26 29.96 7.82 -13.13
C ARG B 26 30.70 6.48 -13.23
N ARG B 27 30.69 5.63 -12.16
CA ARG B 27 31.39 4.33 -12.11
C ARG B 27 32.90 4.44 -12.35
N LEU B 28 33.50 5.62 -12.06
CA LEU B 28 34.92 5.87 -12.25
C LEU B 28 35.80 5.10 -11.27
N GLN B 29 36.80 4.37 -11.78
CA GLN B 29 37.72 3.61 -10.92
C GLN B 29 38.97 4.40 -10.47
N GLU B 30 39.17 5.58 -11.06
CA GLU B 30 40.27 6.50 -10.73
C GLU B 30 39.85 7.93 -11.10
N VAL B 31 40.52 8.91 -10.49
CA VAL B 31 40.27 10.33 -10.75
C VAL B 31 40.59 10.64 -12.21
N PRO B 32 39.59 11.13 -12.96
CA PRO B 32 39.83 11.43 -14.37
C PRO B 32 40.92 12.47 -14.60
N GLN B 33 41.77 12.23 -15.59
CA GLN B 33 42.80 13.20 -15.96
C GLN B 33 42.31 14.18 -17.07
N THR B 34 41.03 14.10 -17.46
CA THR B 34 40.41 14.93 -18.49
C THR B 34 39.48 16.00 -17.86
N VAL B 35 39.93 16.61 -16.75
CA VAL B 35 39.17 17.67 -16.08
C VAL B 35 39.74 19.02 -16.48
N GLY B 36 38.87 19.97 -16.81
CA GLY B 36 39.27 21.31 -17.23
C GLY B 36 40.14 22.02 -16.21
N LYS B 37 41.21 22.69 -16.66
CA LYS B 37 42.14 23.42 -15.77
C LYS B 37 41.45 24.56 -15.01
N TYR B 38 40.48 25.18 -15.66
CA TYR B 38 39.68 26.28 -15.12
C TYR B 38 38.75 25.84 -13.97
N VAL B 39 38.40 24.53 -13.90
CA VAL B 39 37.51 23.98 -12.86
C VAL B 39 38.04 24.29 -11.46
N THR B 40 37.18 24.86 -10.59
CA THR B 40 37.55 25.24 -9.22
C THR B 40 36.93 24.33 -8.14
N GLU B 41 35.89 23.57 -8.47
CA GLU B 41 35.22 22.67 -7.52
C GLU B 41 34.95 21.33 -8.22
N LEU B 42 35.39 20.21 -7.64
CA LEU B 42 35.19 18.91 -8.29
C LEU B 42 34.45 17.93 -7.41
N ASP B 43 33.30 17.43 -7.89
CA ASP B 43 32.48 16.46 -7.16
C ASP B 43 32.72 15.06 -7.71
N LEU B 44 33.49 14.22 -7.01
CA LEU B 44 33.78 12.86 -7.45
C LEU B 44 33.09 11.80 -6.57
N SER B 45 32.08 12.17 -5.79
CA SER B 45 31.38 11.25 -4.89
C SER B 45 30.67 10.09 -5.59
N ASP B 46 30.35 9.00 -4.84
CA ASP B 46 29.63 7.81 -5.31
C ASP B 46 30.26 7.13 -6.54
N ASN B 47 31.59 6.95 -6.49
CA ASN B 47 32.41 6.32 -7.53
C ASN B 47 33.27 5.15 -6.97
N PHE B 48 33.94 4.42 -7.85
CA PHE B 48 34.78 3.30 -7.45
C PHE B 48 36.26 3.70 -7.29
N ILE B 49 36.54 4.99 -7.04
CA ILE B 49 37.91 5.47 -6.89
C ILE B 49 38.52 4.84 -5.65
N THR B 50 39.66 4.16 -5.83
CA THR B 50 40.35 3.42 -4.78
C THR B 50 41.65 4.06 -4.33
N HIS B 51 42.29 4.86 -5.20
CA HIS B 51 43.57 5.47 -4.85
C HIS B 51 43.65 6.96 -5.17
N ILE B 52 44.27 7.73 -4.26
CA ILE B 52 44.52 9.16 -4.41
C ILE B 52 45.99 9.40 -4.09
N THR B 53 46.77 9.78 -5.10
CA THR B 53 48.23 9.95 -4.98
C THR B 53 48.67 11.43 -5.20
N ASN B 54 50.01 11.71 -5.18
CA ASN B 54 50.54 13.05 -5.43
C ASN B 54 50.19 13.49 -6.88
N GLU B 55 50.15 12.52 -7.82
CA GLU B 55 49.83 12.78 -9.23
C GLU B 55 48.35 12.57 -9.54
N SER B 56 47.45 12.69 -8.55
CA SER B 56 46.01 12.51 -8.82
C SER B 56 45.38 13.78 -9.36
N PHE B 57 45.68 14.93 -8.72
CA PHE B 57 45.13 16.22 -9.15
C PHE B 57 46.23 17.15 -9.66
N GLN B 58 47.34 16.60 -10.19
CA GLN B 58 48.51 17.35 -10.67
C GLN B 58 48.20 18.49 -11.65
N GLY B 59 47.28 18.25 -12.59
CA GLY B 59 46.90 19.26 -13.58
C GLY B 59 45.80 20.19 -13.13
N LEU B 63 42.10 24.36 -7.89
CA LEU B 63 41.04 23.73 -7.11
C LEU B 63 40.92 24.35 -5.70
N THR B 64 39.68 24.63 -5.26
CA THR B 64 39.36 25.12 -3.92
C THR B 64 38.48 24.12 -3.16
N LYS B 65 37.75 23.23 -3.87
CA LYS B 65 36.87 22.27 -3.23
C LYS B 65 36.95 20.90 -3.93
N ILE B 66 37.04 19.82 -3.13
CA ILE B 66 37.10 18.46 -3.66
C ILE B 66 36.17 17.60 -2.84
N ASN B 67 35.28 16.83 -3.49
CA ASN B 67 34.36 15.94 -2.80
C ASN B 67 34.65 14.51 -3.24
N LEU B 68 35.11 13.65 -2.32
CA LEU B 68 35.39 12.25 -2.65
C LEU B 68 34.54 11.27 -1.84
N ASN B 69 33.37 11.72 -1.36
CA ASN B 69 32.48 10.92 -0.51
C ASN B 69 32.05 9.60 -1.15
N HIS B 70 31.85 8.57 -0.31
CA HIS B 70 31.38 7.26 -0.74
C HIS B 70 32.26 6.63 -1.83
N ASN B 71 33.57 6.59 -1.60
CA ASN B 71 34.53 5.99 -2.53
C ASN B 71 35.41 5.02 -1.74
N PRO B 72 35.51 3.76 -2.18
CA PRO B 72 34.87 3.15 -3.36
C PRO B 72 33.55 2.48 -3.00
N ASN B 73 32.52 2.63 -3.86
CA ASN B 73 31.21 2.04 -3.61
C ASN B 73 31.19 0.53 -3.89
N GLY B 87 38.79 0.02 1.47
CA GLY B 87 38.77 1.44 1.80
C GLY B 87 39.48 2.32 0.79
N LEU B 88 39.45 3.65 1.01
CA LEU B 88 40.12 4.58 0.09
C LEU B 88 41.58 4.77 0.49
N ASN B 89 42.50 4.46 -0.42
CA ASN B 89 43.92 4.60 -0.16
C ASN B 89 44.36 6.00 -0.57
N ILE B 90 44.71 6.85 0.40
CA ILE B 90 45.20 8.19 0.11
C ILE B 90 46.65 8.26 0.59
N THR B 91 47.57 8.72 -0.27
CA THR B 91 48.97 8.81 0.12
C THR B 91 49.22 10.05 0.99
N ASP B 92 50.32 10.05 1.76
CA ASP B 92 50.68 11.18 2.62
C ASP B 92 51.07 12.35 1.71
N GLY B 93 50.48 13.50 1.92
CA GLY B 93 50.78 14.69 1.12
C GLY B 93 50.20 14.66 -0.28
N ALA B 94 49.16 13.84 -0.50
CA ALA B 94 48.51 13.75 -1.81
C ALA B 94 47.85 15.09 -2.18
N PHE B 95 47.30 15.81 -1.17
CA PHE B 95 46.64 17.10 -1.38
C PHE B 95 47.53 18.32 -1.13
N LEU B 96 48.76 18.12 -0.63
CA LEU B 96 49.68 19.22 -0.32
C LEU B 96 49.97 20.18 -1.51
N ASN B 97 50.01 19.67 -2.75
CA ASN B 97 50.25 20.50 -3.95
C ASN B 97 49.14 21.51 -4.26
N LEU B 98 47.92 21.29 -3.75
CA LEU B 98 46.78 22.19 -3.98
C LEU B 98 46.85 23.36 -3.01
N LYS B 99 47.58 24.42 -3.40
CA LYS B 99 47.83 25.60 -2.59
C LYS B 99 46.58 26.48 -2.36
N ASN B 100 45.50 26.26 -3.11
CA ASN B 100 44.27 27.05 -2.93
C ASN B 100 43.08 26.20 -2.44
N LEU B 101 43.31 24.95 -2.00
CA LEU B 101 42.25 24.07 -1.52
C LEU B 101 41.72 24.52 -0.16
N ARG B 102 40.43 24.85 -0.08
CA ARG B 102 39.83 25.31 1.16
C ARG B 102 38.70 24.41 1.69
N GLU B 103 38.22 23.45 0.88
CA GLU B 103 37.17 22.54 1.35
C GLU B 103 37.40 21.11 0.81
N LEU B 104 37.68 20.16 1.71
CA LEU B 104 37.91 18.78 1.31
C LEU B 104 36.91 17.87 2.00
N LEU B 105 36.06 17.16 1.23
CA LEU B 105 35.09 16.24 1.83
C LEU B 105 35.52 14.79 1.59
N LEU B 106 35.84 14.07 2.67
CA LEU B 106 36.25 12.67 2.61
C LEU B 106 35.33 11.82 3.51
N GLU B 107 34.04 11.85 3.23
CA GLU B 107 33.07 11.09 4.03
C GLU B 107 32.86 9.70 3.51
N ASP B 108 32.56 8.74 4.40
CA ASP B 108 32.27 7.36 4.03
C ASP B 108 33.27 6.74 3.05
N ASN B 109 34.56 6.77 3.41
CA ASN B 109 35.65 6.22 2.61
C ASN B 109 36.40 5.08 3.33
N GLN B 110 35.88 4.57 4.47
CA GLN B 110 36.54 3.55 5.27
C GLN B 110 37.99 3.93 5.61
N LEU B 111 38.25 5.20 5.96
CA LEU B 111 39.60 5.64 6.31
C LEU B 111 39.97 5.14 7.70
N PRO B 112 41.15 4.51 7.84
CA PRO B 112 41.56 4.00 9.16
C PRO B 112 42.19 5.06 10.09
N GLN B 113 42.64 6.18 9.50
CA GLN B 113 43.28 7.30 10.18
C GLN B 113 43.13 8.59 9.33
N ILE B 114 43.25 9.76 9.98
CA ILE B 114 43.17 11.05 9.29
C ILE B 114 44.35 11.15 8.32
N PRO B 115 44.07 11.47 7.05
CA PRO B 115 45.17 11.57 6.06
C PRO B 115 46.32 12.49 6.46
N SER B 116 47.56 11.98 6.35
CA SER B 116 48.76 12.76 6.67
C SER B 116 49.06 13.79 5.57
N GLY B 117 49.68 14.90 5.97
CA GLY B 117 50.09 15.97 5.07
C GLY B 117 48.96 16.68 4.35
N LEU B 118 47.92 17.11 5.09
CA LEU B 118 46.81 17.84 4.47
C LEU B 118 47.18 19.33 4.32
N PRO B 119 46.76 20.01 3.22
CA PRO B 119 47.17 21.41 3.03
C PRO B 119 46.73 22.35 4.16
N GLU B 120 47.63 23.25 4.58
CA GLU B 120 47.36 24.25 5.62
C GLU B 120 46.27 25.25 5.23
N SER B 121 45.98 25.38 3.92
CA SER B 121 44.96 26.29 3.38
C SER B 121 43.51 25.88 3.71
N LEU B 122 43.29 24.62 4.13
CA LEU B 122 41.97 24.10 4.42
C LEU B 122 41.21 24.91 5.46
N THR B 123 39.98 25.27 5.10
CA THR B 123 39.04 26.01 5.94
C THR B 123 37.81 25.15 6.32
N GLU B 124 37.54 24.05 5.57
CA GLU B 124 36.43 23.12 5.84
C GLU B 124 36.89 21.69 5.57
N LEU B 125 36.88 20.83 6.59
CA LEU B 125 37.29 19.43 6.41
C LEU B 125 36.24 18.48 6.98
N SER B 126 35.75 17.51 6.19
CA SER B 126 34.80 16.53 6.69
C SER B 126 35.34 15.12 6.55
N LEU B 127 35.32 14.35 7.65
CA LEU B 127 35.83 12.99 7.68
C LEU B 127 34.82 12.03 8.32
N ILE B 128 33.53 12.25 8.09
CA ILE B 128 32.43 11.44 8.64
C ILE B 128 32.39 10.01 8.06
N GLN B 129 31.80 9.06 8.80
CA GLN B 129 31.54 7.67 8.39
C GLN B 129 32.76 6.84 7.96
N ASN B 130 33.95 7.21 8.42
CA ASN B 130 35.16 6.42 8.16
C ASN B 130 35.35 5.47 9.40
N ASN B 131 36.60 5.09 9.72
CA ASN B 131 36.97 4.24 10.86
C ASN B 131 38.14 4.91 11.60
N ILE B 132 38.06 6.23 11.80
CA ILE B 132 39.10 7.01 12.47
C ILE B 132 38.87 6.96 13.98
N TYR B 133 39.78 6.31 14.71
CA TYR B 133 39.66 6.17 16.17
C TYR B 133 40.70 7.01 16.94
N ASN B 134 41.73 7.52 16.26
CA ASN B 134 42.75 8.34 16.91
C ASN B 134 42.79 9.70 16.22
N ILE B 135 42.40 10.76 16.96
CA ILE B 135 42.43 12.14 16.49
C ILE B 135 43.77 12.68 16.95
N THR B 136 44.75 12.76 16.02
CA THR B 136 46.11 13.16 16.34
C THR B 136 46.51 14.58 15.91
N LYS B 137 47.55 15.13 16.58
CA LYS B 137 48.11 16.45 16.26
C LYS B 137 48.78 16.42 14.87
N GLU B 138 49.46 15.30 14.56
CA GLU B 138 50.18 15.06 13.30
C GLU B 138 49.28 15.27 12.07
N GLY B 139 47.99 14.97 12.20
CA GLY B 139 47.04 15.11 11.12
C GLY B 139 46.07 16.27 11.22
N ILE B 140 45.90 16.86 12.42
CA ILE B 140 44.94 17.96 12.60
C ILE B 140 45.57 19.30 12.96
N SER B 141 46.48 19.33 13.97
CA SER B 141 47.10 20.55 14.51
C SER B 141 47.76 21.52 13.51
N ARG B 142 48.34 21.02 12.41
CA ARG B 142 49.01 21.90 11.44
C ARG B 142 48.05 22.66 10.50
N LEU B 143 46.73 22.35 10.57
CA LEU B 143 45.72 22.98 9.71
C LEU B 143 45.06 24.14 10.49
N ILE B 144 45.89 25.13 10.89
CA ILE B 144 45.47 26.32 11.68
C ILE B 144 44.36 27.15 11.05
N ASN B 145 44.11 26.96 9.73
CA ASN B 145 43.06 27.71 9.05
C ASN B 145 41.68 27.10 9.14
N LEU B 146 41.53 25.92 9.78
CA LEU B 146 40.23 25.27 9.85
C LEU B 146 39.16 26.10 10.52
N LYS B 147 37.98 26.10 9.92
CA LYS B 147 36.82 26.79 10.43
C LYS B 147 35.73 25.75 10.75
N ASN B 148 35.52 24.75 9.86
CA ASN B 148 34.52 23.71 10.09
C ASN B 148 35.19 22.35 10.06
N LEU B 149 35.08 21.55 11.15
CA LEU B 149 35.69 20.22 11.23
C LEU B 149 34.66 19.16 11.62
N TYR B 150 34.36 18.25 10.71
CA TYR B 150 33.40 17.18 10.94
C TYR B 150 34.08 15.84 11.11
N LEU B 151 34.04 15.26 12.31
CA LEU B 151 34.62 13.95 12.57
C LEU B 151 33.55 12.96 13.12
N ALA B 152 32.26 13.25 12.92
CA ALA B 152 31.13 12.44 13.39
C ALA B 152 31.03 11.08 12.72
N TRP B 153 30.37 10.13 13.38
CA TRP B 153 30.13 8.79 12.86
C TRP B 153 31.41 8.00 12.53
N ASN B 154 32.39 7.95 13.45
CA ASN B 154 33.61 7.18 13.22
C ASN B 154 33.68 5.96 14.15
N CYS B 155 33.28 6.15 15.40
CA CYS B 155 33.26 5.12 16.42
C CYS B 155 31.82 5.07 16.99
N TYR B 156 30.82 4.68 16.16
CA TYR B 156 29.44 4.61 16.66
C TYR B 156 29.05 3.14 17.02
N PHE B 157 27.77 2.70 16.87
CA PHE B 157 27.36 1.34 17.24
C PHE B 157 27.90 0.20 16.30
N ASN B 158 29.13 0.36 15.76
CA ASN B 158 29.88 -0.56 14.91
C ASN B 158 31.05 -1.20 15.69
N LYS B 159 31.51 -2.36 15.21
CA LYS B 159 32.58 -3.18 15.81
C LYS B 159 34.00 -2.61 15.65
N VAL B 160 35.01 -3.24 16.31
CA VAL B 160 36.46 -2.86 16.31
C VAL B 160 36.69 -1.52 17.09
N CYS B 161 35.67 -0.66 17.10
CA CYS B 161 35.59 0.64 17.75
C CYS B 161 35.38 0.40 19.26
N GLU B 162 36.30 0.96 20.06
CA GLU B 162 36.32 0.84 21.50
C GLU B 162 36.03 2.20 22.16
N LYS B 163 36.89 3.21 21.90
CA LYS B 163 36.76 4.58 22.41
C LYS B 163 37.63 5.49 21.58
N THR B 164 37.09 6.64 21.15
CA THR B 164 37.85 7.59 20.33
C THR B 164 38.90 8.29 21.18
N ASN B 165 40.18 8.17 20.80
CA ASN B 165 41.24 8.83 21.53
C ASN B 165 41.50 10.18 20.90
N ILE B 166 41.36 11.23 21.71
CA ILE B 166 41.61 12.57 21.26
C ILE B 166 42.84 13.09 22.02
N GLU B 167 43.98 13.17 21.29
CA GLU B 167 45.28 13.63 21.78
C GLU B 167 45.13 14.96 22.51
N ASP B 168 45.74 15.09 23.69
CA ASP B 168 45.61 16.31 24.49
C ASP B 168 46.10 17.56 23.77
N GLY B 169 45.17 18.49 23.54
CA GLY B 169 45.45 19.77 22.90
C GLY B 169 45.53 19.74 21.39
N VAL B 170 44.81 18.82 20.76
CA VAL B 170 44.83 18.71 19.30
C VAL B 170 44.08 19.88 18.66
N PHE B 171 42.93 20.26 19.23
CA PHE B 171 42.14 21.37 18.71
C PHE B 171 42.62 22.73 19.23
N GLU B 172 43.45 22.76 20.29
CA GLU B 172 43.99 23.96 20.92
C GLU B 172 44.65 24.94 19.94
N THR B 173 45.39 24.41 18.95
CA THR B 173 46.10 25.20 17.95
C THR B 173 45.18 25.74 16.82
N LEU B 174 43.98 25.15 16.66
CA LEU B 174 43.02 25.56 15.63
C LEU B 174 42.25 26.76 16.14
N THR B 175 42.91 27.91 16.23
CA THR B 175 42.32 29.14 16.78
C THR B 175 41.33 29.86 15.87
N ASN B 176 41.02 29.26 14.70
CA ASN B 176 40.03 29.79 13.77
C ASN B 176 38.76 28.91 13.67
N LEU B 177 38.75 27.75 14.36
CA LEU B 177 37.66 26.78 14.38
C LEU B 177 36.37 27.31 14.95
N GLU B 178 35.33 27.28 14.13
CA GLU B 178 34.03 27.74 14.53
C GLU B 178 33.00 26.61 14.66
N LEU B 179 33.24 25.45 14.05
CA LEU B 179 32.32 24.32 14.14
C LEU B 179 33.11 23.08 14.38
N LEU B 180 32.76 22.33 15.42
CA LEU B 180 33.42 21.07 15.71
C LEU B 180 32.34 20.05 15.95
N SER B 181 32.28 19.02 15.09
CA SER B 181 31.30 17.97 15.19
C SER B 181 31.96 16.66 15.55
N LEU B 182 31.73 16.18 16.76
CA LEU B 182 32.28 14.90 17.22
C LEU B 182 31.17 13.87 17.51
N SER B 183 29.93 14.12 17.07
CA SER B 183 28.77 13.26 17.32
C SER B 183 28.96 11.83 16.84
N PHE B 184 28.27 10.88 17.45
CA PHE B 184 28.33 9.46 17.08
C PHE B 184 29.77 8.93 17.05
N ASN B 185 30.43 9.05 18.22
CA ASN B 185 31.80 8.63 18.52
C ASN B 185 31.83 8.32 20.01
N SER B 186 32.50 7.25 20.42
CA SER B 186 32.56 6.91 21.84
C SER B 186 33.56 7.83 22.54
N LEU B 187 33.09 8.98 23.05
CA LEU B 187 33.99 9.93 23.71
C LEU B 187 34.10 9.72 25.20
N SER B 188 32.96 9.57 25.89
CA SER B 188 32.88 9.39 27.35
C SER B 188 33.20 10.65 28.18
N HIS B 189 33.98 11.57 27.61
CA HIS B 189 34.35 12.82 28.27
C HIS B 189 34.43 13.92 27.20
N VAL B 190 34.06 15.16 27.56
CA VAL B 190 34.17 16.33 26.68
C VAL B 190 35.65 16.61 26.50
N PRO B 191 36.18 16.65 25.27
CA PRO B 191 37.62 16.89 25.11
C PRO B 191 38.10 18.21 25.74
N PRO B 192 39.22 18.15 26.47
CA PRO B 192 39.77 19.39 27.02
C PRO B 192 40.56 20.18 25.95
N LYS B 193 40.92 21.43 26.28
CA LYS B 193 41.70 22.33 25.42
C LYS B 193 41.06 22.58 24.05
N LEU B 194 39.78 23.00 24.07
CA LEU B 194 39.01 23.38 22.89
C LEU B 194 39.25 24.89 22.64
N PRO B 195 39.33 25.33 21.37
CA PRO B 195 39.57 26.76 21.09
C PRO B 195 38.37 27.64 21.38
N SER B 196 38.62 28.79 22.02
CA SER B 196 37.58 29.79 22.35
C SER B 196 36.91 30.42 21.11
N SER B 197 37.42 30.14 19.91
CA SER B 197 36.82 30.62 18.67
C SER B 197 35.53 29.85 18.31
N LEU B 198 35.32 28.65 18.89
CA LEU B 198 34.16 27.78 18.65
C LEU B 198 32.82 28.45 18.74
N ARG B 199 31.92 28.08 17.83
CA ARG B 199 30.57 28.61 17.80
C ARG B 199 29.55 27.50 17.86
N LYS B 200 29.83 26.35 17.24
CA LYS B 200 28.93 25.20 17.23
C LYS B 200 29.69 23.97 17.67
N LEU B 201 29.25 23.35 18.79
CA LEU B 201 29.88 22.15 19.34
C LEU B 201 28.86 21.03 19.39
N PHE B 202 29.00 20.07 18.47
CA PHE B 202 28.10 18.93 18.32
C PHE B 202 28.70 17.73 19.01
N LEU B 203 28.06 17.27 20.09
CA LEU B 203 28.51 16.13 20.87
C LEU B 203 27.37 15.14 21.11
N SER B 204 26.52 14.95 20.10
CA SER B 204 25.39 14.02 20.20
C SER B 204 25.82 12.57 20.18
N ASN B 205 25.20 11.70 21.00
CA ASN B 205 25.50 10.27 21.08
C ASN B 205 26.99 10.00 21.16
N THR B 206 27.61 10.57 22.19
CA THR B 206 29.04 10.48 22.42
C THR B 206 29.39 9.71 23.70
N GLN B 207 28.39 9.14 24.37
CA GLN B 207 28.54 8.39 25.62
C GLN B 207 29.05 9.27 26.77
N ILE B 208 28.68 10.55 26.74
CA ILE B 208 29.08 11.47 27.80
C ILE B 208 27.98 11.50 28.86
N LYS B 209 28.21 10.77 29.95
CA LYS B 209 27.25 10.65 31.04
C LYS B 209 27.32 11.86 32.01
N TYR B 210 28.47 12.59 32.06
CA TYR B 210 28.63 13.72 32.97
C TYR B 210 29.26 14.93 32.30
N ILE B 211 28.72 16.12 32.58
CA ILE B 211 29.20 17.41 32.09
C ILE B 211 29.59 18.26 33.30
N SER B 212 30.89 18.58 33.40
CA SER B 212 31.46 19.34 34.50
C SER B 212 31.54 20.84 34.23
N GLU B 213 31.83 21.62 35.27
CA GLU B 213 31.98 23.06 35.25
C GLU B 213 33.11 23.50 34.29
N GLU B 214 34.22 22.73 34.23
CA GLU B 214 35.35 23.12 33.39
C GLU B 214 35.26 22.69 31.92
N ASP B 215 34.23 21.91 31.56
CA ASP B 215 34.09 21.40 30.19
C ASP B 215 33.86 22.49 29.14
N PHE B 216 32.95 23.43 29.42
CA PHE B 216 32.69 24.52 28.50
C PHE B 216 32.96 25.90 29.13
N LYS B 217 34.01 26.04 29.98
CA LYS B 217 34.33 27.34 30.61
C LYS B 217 34.90 28.36 29.60
N GLY B 218 35.85 27.92 28.78
CA GLY B 218 36.50 28.81 27.83
C GLY B 218 35.69 29.20 26.61
N LEU B 219 34.64 28.44 26.30
CA LEU B 219 33.83 28.66 25.09
C LEU B 219 32.84 29.81 25.22
N ILE B 220 33.35 31.05 25.30
CA ILE B 220 32.52 32.24 25.48
C ILE B 220 31.86 32.77 24.19
N ASN B 221 32.22 32.19 23.02
CA ASN B 221 31.62 32.54 21.73
C ASN B 221 30.64 31.47 21.21
N LEU B 222 30.42 30.40 21.99
CA LEU B 222 29.56 29.28 21.65
C LEU B 222 28.12 29.75 21.52
N THR B 223 27.52 29.45 20.35
CA THR B 223 26.14 29.76 19.98
C THR B 223 25.28 28.50 19.84
N LEU B 224 25.88 27.32 19.61
CA LEU B 224 25.16 26.06 19.52
C LEU B 224 25.89 25.00 20.32
N LEU B 225 25.14 24.18 21.09
CA LEU B 225 25.70 23.08 21.85
C LEU B 225 24.71 21.93 21.81
N ASP B 226 25.11 20.84 21.13
CA ASP B 226 24.31 19.64 21.00
C ASP B 226 24.84 18.53 21.92
N LEU B 227 24.06 18.17 22.94
CA LEU B 227 24.39 17.11 23.88
C LEU B 227 23.34 15.95 23.89
N SER B 228 22.49 15.89 22.85
CA SER B 228 21.45 14.88 22.71
C SER B 228 22.00 13.45 22.61
N GLY B 229 21.25 12.46 23.08
CA GLY B 229 21.62 11.04 23.01
C GLY B 229 22.71 10.58 23.96
N ASN B 230 22.89 11.30 25.04
CA ASN B 230 23.88 10.95 26.05
C ASN B 230 23.04 10.64 27.26
N CYS B 231 22.94 9.34 27.57
CA CYS B 231 22.02 8.73 28.50
C CYS B 231 20.64 8.70 27.77
N PRO B 232 20.50 7.98 26.64
CA PRO B 232 19.25 8.06 25.86
C PRO B 232 18.03 7.38 26.46
N ARG B 233 16.84 7.87 26.09
CA ARG B 233 15.57 7.28 26.47
C ARG B 233 15.43 6.18 25.44
N CYS B 234 15.90 4.97 25.84
CA CYS B 234 16.10 3.84 24.96
C CYS B 234 14.85 3.22 24.31
N PHE B 235 13.68 3.20 25.00
CA PHE B 235 12.48 2.63 24.37
C PHE B 235 12.01 3.45 23.15
N ASN B 236 12.29 4.77 23.16
CA ASN B 236 11.95 5.76 22.14
C ASN B 236 13.09 6.08 21.16
N ALA B 237 14.30 5.57 21.40
CA ALA B 237 15.48 5.90 20.62
C ALA B 237 15.42 5.55 19.13
N PRO B 238 15.95 6.46 18.26
CA PRO B 238 16.02 6.15 16.82
C PRO B 238 17.22 5.26 16.46
N PHE B 239 18.13 5.00 17.42
CA PHE B 239 19.34 4.21 17.23
C PHE B 239 19.43 3.13 18.30
N PRO B 240 20.03 1.97 17.97
CA PRO B 240 20.24 0.93 19.00
C PRO B 240 21.05 1.52 20.15
N CYS B 241 20.52 1.43 21.38
CA CYS B 241 21.17 2.12 22.49
C CYS B 241 21.23 1.34 23.78
N VAL B 242 22.18 1.74 24.61
CA VAL B 242 22.34 1.23 25.95
C VAL B 242 22.13 2.44 26.85
N PRO B 243 21.17 2.38 27.78
CA PRO B 243 20.96 3.54 28.67
C PRO B 243 22.00 3.62 29.77
N CYS B 244 22.13 4.80 30.37
CA CYS B 244 23.05 4.98 31.49
C CYS B 244 22.59 4.11 32.66
N ASP B 245 23.54 3.56 33.44
CA ASP B 245 23.24 2.64 34.54
C ASP B 245 22.10 3.13 35.47
N GLY B 246 21.05 2.31 35.56
CA GLY B 246 19.86 2.59 36.34
C GLY B 246 18.90 3.56 35.67
N GLY B 247 18.93 3.61 34.34
CA GLY B 247 18.12 4.53 33.54
C GLY B 247 18.35 6.00 33.83
N ALA B 248 19.47 6.32 34.54
CA ALA B 248 19.85 7.67 34.94
C ALA B 248 19.96 8.66 33.77
N SER B 249 19.78 9.95 34.08
CA SER B 249 19.83 11.03 33.09
C SER B 249 21.26 11.56 32.93
N ILE B 250 21.48 12.46 31.96
CA ILE B 250 22.79 13.09 31.81
C ILE B 250 23.01 14.00 33.04
N ASN B 251 24.18 13.89 33.64
CA ASN B 251 24.51 14.63 34.84
C ASN B 251 25.14 15.92 34.39
N ILE B 252 24.41 17.05 34.48
CA ILE B 252 24.97 18.34 34.09
C ILE B 252 25.18 19.18 35.33
N ASP B 253 26.42 19.57 35.60
CA ASP B 253 26.76 20.40 36.76
C ASP B 253 25.98 21.72 36.77
N ARG B 254 25.68 22.24 37.95
CA ARG B 254 24.94 23.49 38.09
C ARG B 254 25.55 24.67 37.28
N PHE B 255 26.89 24.72 37.20
CA PHE B 255 27.60 25.77 36.48
C PHE B 255 28.30 25.30 35.19
N ALA B 256 27.71 24.32 34.47
CA ALA B 256 28.33 23.81 33.26
C ALA B 256 28.23 24.81 32.11
N PHE B 257 27.08 25.48 32.01
CA PHE B 257 26.76 26.46 30.97
C PHE B 257 26.85 27.89 31.52
N GLN B 258 27.84 28.12 32.36
CA GLN B 258 28.08 29.36 33.09
C GLN B 258 28.59 30.52 32.23
N ASN B 259 29.55 30.24 31.34
CA ASN B 259 30.11 31.30 30.49
C ASN B 259 29.63 31.21 29.03
N LEU B 260 28.54 30.45 28.77
CA LEU B 260 27.94 30.28 27.44
C LEU B 260 26.85 31.34 27.26
N THR B 261 27.26 32.61 27.34
CA THR B 261 26.37 33.78 27.25
C THR B 261 25.79 34.02 25.87
N GLN B 262 26.45 33.48 24.83
CA GLN B 262 26.01 33.63 23.45
C GLN B 262 25.16 32.47 22.94
N LEU B 263 24.78 31.51 23.79
CA LEU B 263 24.06 30.33 23.30
C LEU B 263 22.68 30.64 22.77
N ARG B 264 22.44 30.19 21.54
CA ARG B 264 21.19 30.32 20.82
C ARG B 264 20.52 28.95 20.70
N TYR B 265 21.28 27.87 20.53
CA TYR B 265 20.73 26.53 20.36
C TYR B 265 21.30 25.54 21.34
N LEU B 266 20.44 24.84 22.07
CA LEU B 266 20.86 23.82 23.00
C LEU B 266 20.00 22.58 22.76
N ASN B 267 20.64 21.47 22.40
CA ASN B 267 19.95 20.24 22.11
C ASN B 267 20.22 19.23 23.24
N LEU B 268 19.18 18.93 24.01
CA LEU B 268 19.25 17.98 25.13
C LEU B 268 18.23 16.84 24.95
N SER B 269 17.93 16.48 23.68
CA SER B 269 16.99 15.43 23.30
C SER B 269 17.53 14.09 23.69
N SER B 270 16.65 13.20 24.13
CA SER B 270 17.03 11.85 24.52
C SER B 270 18.23 11.81 25.48
N THR B 271 18.13 12.55 26.57
CA THR B 271 19.16 12.54 27.62
C THR B 271 18.59 12.03 28.97
N SER B 272 17.41 11.38 28.92
CA SER B 272 16.69 10.79 30.05
C SER B 272 16.45 11.75 31.19
N LEU B 273 16.35 13.05 30.89
CA LEU B 273 16.15 14.07 31.92
C LEU B 273 14.84 13.93 32.65
N ARG B 274 14.91 13.96 33.99
CA ARG B 274 13.72 13.89 34.85
C ARG B 274 13.47 15.26 35.49
N LYS B 275 14.56 16.05 35.75
CA LYS B 275 14.59 17.39 36.34
C LYS B 275 15.45 18.30 35.46
N ILE B 276 15.08 19.57 35.38
CA ILE B 276 15.81 20.58 34.63
C ILE B 276 16.24 21.66 35.60
N ASN B 277 17.54 21.78 35.80
CA ASN B 277 18.13 22.75 36.72
C ASN B 277 17.99 24.15 36.11
N ALA B 278 17.15 25.01 36.72
CA ALA B 278 16.90 26.36 36.23
C ALA B 278 18.12 27.24 36.19
N ALA B 279 19.18 26.89 36.95
CA ALA B 279 20.44 27.63 36.97
C ALA B 279 21.24 27.49 35.65
N TRP B 280 20.92 26.49 34.82
CA TRP B 280 21.57 26.29 33.53
C TRP B 280 21.30 27.44 32.56
N PHE B 281 20.19 28.18 32.74
CA PHE B 281 19.79 29.25 31.82
C PHE B 281 19.97 30.68 32.38
N LYS B 282 20.55 30.81 33.58
CA LYS B 282 20.75 32.10 34.21
C LYS B 282 21.64 33.00 33.37
N ASN B 283 22.59 32.42 32.62
CA ASN B 283 23.51 33.23 31.82
C ASN B 283 23.27 33.16 30.33
N MET B 284 22.18 32.53 29.88
CA MET B 284 21.82 32.48 28.46
C MET B 284 20.48 33.19 28.23
N PRO B 285 20.49 34.54 28.25
CA PRO B 285 19.26 35.28 27.96
C PRO B 285 18.89 35.28 26.46
N HIS B 286 19.80 34.83 25.57
CA HIS B 286 19.55 34.84 24.14
C HIS B 286 19.21 33.50 23.55
N LEU B 287 18.98 32.48 24.40
CA LEU B 287 18.63 31.15 23.94
C LEU B 287 17.36 31.23 23.10
N LYS B 288 17.46 30.77 21.87
CA LYS B 288 16.39 30.86 20.91
C LYS B 288 15.69 29.51 20.66
N VAL B 289 16.46 28.40 20.62
CA VAL B 289 15.93 27.07 20.37
C VAL B 289 16.38 26.09 21.45
N LEU B 290 15.44 25.40 22.10
CA LEU B 290 15.76 24.44 23.14
C LEU B 290 15.02 23.15 22.84
N ASP B 291 15.77 22.06 22.58
CA ASP B 291 15.22 20.78 22.24
C ASP B 291 15.28 19.85 23.45
N LEU B 292 14.11 19.52 24.02
CA LEU B 292 14.02 18.62 25.16
C LEU B 292 13.11 17.41 24.82
N GLU B 293 13.05 17.02 23.54
CA GLU B 293 12.27 15.87 23.10
C GLU B 293 12.89 14.58 23.67
N PHE B 294 12.05 13.52 23.82
CA PHE B 294 12.51 12.21 24.22
C PHE B 294 13.14 12.16 25.59
N ASN B 295 12.51 12.81 26.57
CA ASN B 295 12.98 12.80 27.94
C ASN B 295 11.84 12.36 28.89
N TYR B 296 11.97 12.51 30.21
CA TYR B 296 10.95 12.12 31.18
C TYR B 296 10.45 13.38 31.88
N LEU B 297 10.04 14.39 31.10
CA LEU B 297 9.72 15.70 31.65
C LEU B 297 8.24 16.06 31.83
N VAL B 298 7.34 15.07 32.03
CA VAL B 298 5.92 15.37 32.26
C VAL B 298 5.73 16.25 33.50
N GLY B 299 6.50 15.96 34.55
CA GLY B 299 6.45 16.70 35.79
C GLY B 299 7.02 18.08 35.65
N GLU B 300 8.08 18.23 34.83
CA GLU B 300 8.71 19.53 34.59
C GLU B 300 7.84 20.43 33.71
N ILE B 301 7.06 19.85 32.80
CA ILE B 301 6.11 20.64 32.00
C ILE B 301 4.99 21.21 32.93
N ALA B 302 4.63 20.49 34.00
CA ALA B 302 3.61 20.89 34.96
C ALA B 302 4.05 21.94 35.98
N SER B 303 5.36 22.04 36.26
CA SER B 303 5.87 22.95 37.28
C SER B 303 7.33 23.28 36.98
N GLY B 304 7.58 23.77 35.78
CA GLY B 304 8.92 24.07 35.34
C GLY B 304 9.44 25.39 35.86
N ALA B 305 10.44 25.34 36.75
CA ALA B 305 11.06 26.57 37.23
C ALA B 305 11.89 27.20 36.09
N PHE B 306 12.45 26.34 35.17
CA PHE B 306 13.26 26.74 34.03
C PHE B 306 12.50 27.62 33.03
N LEU B 307 11.17 27.50 32.99
CA LEU B 307 10.29 28.28 32.11
C LEU B 307 10.41 29.80 32.34
N THR B 308 10.78 30.19 33.56
CA THR B 308 10.97 31.60 33.90
C THR B 308 12.36 32.15 33.46
N MET B 309 13.25 31.29 32.92
CA MET B 309 14.60 31.69 32.51
C MET B 309 14.76 31.85 30.99
N LEU B 310 13.68 31.70 30.21
CA LEU B 310 13.75 31.75 28.74
C LEU B 310 12.87 32.83 28.06
N PRO B 311 13.19 34.11 28.29
CA PRO B 311 12.38 35.19 27.70
C PRO B 311 12.61 35.42 26.22
N ARG B 312 13.69 34.89 25.65
CA ARG B 312 13.96 35.06 24.23
C ARG B 312 13.85 33.76 23.42
N LEU B 313 13.29 32.71 24.03
CA LEU B 313 13.11 31.43 23.39
C LEU B 313 12.03 31.57 22.36
N GLU B 314 12.29 31.11 21.13
CA GLU B 314 11.35 31.12 20.03
C GLU B 314 10.83 29.71 19.74
N ILE B 315 11.70 28.69 19.79
CA ILE B 315 11.27 27.31 19.57
C ILE B 315 11.52 26.42 20.76
N LEU B 316 10.48 25.77 21.25
CA LEU B 316 10.55 24.85 22.37
C LEU B 316 9.96 23.54 21.92
N ASP B 317 10.70 22.46 22.10
CA ASP B 317 10.23 21.16 21.73
C ASP B 317 10.31 20.24 22.95
N LEU B 318 9.15 19.87 23.46
CA LEU B 318 9.02 18.99 24.60
C LEU B 318 8.24 17.74 24.15
N SER B 319 8.54 17.21 22.96
CA SER B 319 7.86 16.06 22.38
C SER B 319 8.32 14.74 22.96
N PHE B 320 7.48 13.70 22.79
CA PHE B 320 7.72 12.33 23.19
C PHE B 320 8.26 12.23 24.59
N ASN B 321 7.66 13.01 25.49
CA ASN B 321 7.98 12.96 26.90
C ASN B 321 6.89 12.20 27.68
N TYR B 322 6.14 11.26 27.02
CA TYR B 322 5.06 10.49 27.64
C TYR B 322 5.55 9.57 28.74
N ILE B 323 4.66 9.26 29.70
CA ILE B 323 4.97 8.33 30.78
C ILE B 323 4.51 6.96 30.29
N LYS B 324 5.42 5.98 30.26
CA LYS B 324 5.13 4.63 29.80
C LYS B 324 3.99 4.00 30.63
N GLY B 325 2.93 3.57 29.95
CA GLY B 325 1.77 2.97 30.58
C GLY B 325 0.62 3.91 30.87
N SER B 326 0.85 5.20 30.78
CA SER B 326 -0.06 6.29 31.13
C SER B 326 -0.82 6.91 29.93
N TYR B 327 -2.07 7.33 30.18
CA TYR B 327 -2.93 7.99 29.20
C TYR B 327 -3.75 8.95 30.05
N PRO B 328 -3.15 10.07 30.51
CA PRO B 328 -3.88 10.99 31.41
C PRO B 328 -5.04 11.68 30.75
N GLN B 329 -6.01 12.13 31.55
CA GLN B 329 -7.18 12.80 31.03
C GLN B 329 -6.77 14.17 30.43
N HIS B 330 -5.89 14.91 31.10
CA HIS B 330 -5.52 16.24 30.62
C HIS B 330 -4.01 16.47 30.51
N ILE B 331 -3.62 17.57 29.84
CA ILE B 331 -2.23 17.94 29.77
C ILE B 331 -1.98 18.97 30.88
N ASN B 332 -0.99 18.73 31.79
CA ASN B 332 -0.72 19.69 32.84
C ASN B 332 0.40 20.57 32.36
N ILE B 333 0.06 21.83 32.01
CA ILE B 333 0.96 22.88 31.51
C ILE B 333 1.14 23.92 32.62
N SER B 334 2.39 24.16 33.02
CA SER B 334 2.72 25.14 34.05
C SER B 334 2.31 26.54 33.62
N ARG B 335 1.78 27.32 34.58
CA ARG B 335 1.42 28.72 34.32
C ARG B 335 2.69 29.52 33.94
N ASN B 336 3.90 29.03 34.33
CA ASN B 336 5.19 29.66 33.99
C ASN B 336 5.52 29.58 32.47
N PHE B 337 4.66 28.92 31.67
CA PHE B 337 4.71 28.91 30.21
C PHE B 337 4.35 30.31 29.64
N SER B 338 3.63 31.14 30.43
CA SER B 338 3.27 32.53 30.12
C SER B 338 4.47 33.46 30.17
N LYS B 339 5.59 33.01 30.80
CA LYS B 339 6.87 33.71 30.92
C LYS B 339 7.82 33.45 29.72
N LEU B 340 7.29 32.79 28.64
CA LEU B 340 8.01 32.49 27.39
C LEU B 340 7.52 33.51 26.36
N LEU B 341 7.76 34.81 26.63
CA LEU B 341 7.29 35.93 25.82
C LEU B 341 7.69 35.92 24.36
N SER B 342 8.85 35.33 24.00
CA SER B 342 9.30 35.32 22.60
C SER B 342 8.88 34.09 21.82
N LEU B 343 8.17 33.14 22.45
CA LEU B 343 7.78 31.87 21.82
C LEU B 343 7.01 32.03 20.53
N ARG B 344 7.49 31.39 19.48
CA ARG B 344 6.90 31.34 18.16
C ARG B 344 6.30 29.95 17.89
N ALA B 345 7.00 28.89 18.35
CA ALA B 345 6.59 27.50 18.09
C ALA B 345 6.69 26.61 19.29
N LEU B 346 5.63 25.88 19.60
CA LEU B 346 5.66 24.93 20.70
C LEU B 346 5.37 23.57 20.11
N HIS B 347 6.30 22.60 20.31
CA HIS B 347 6.10 21.24 19.83
C HIS B 347 5.84 20.31 21.00
N LEU B 348 4.65 19.75 21.04
CA LEU B 348 4.21 18.91 22.13
C LEU B 348 3.63 17.61 21.58
N ARG B 349 4.32 16.96 20.64
CA ARG B 349 3.85 15.66 20.12
C ARG B 349 4.15 14.58 21.15
N GLY B 350 3.44 13.47 21.09
CA GLY B 350 3.71 12.35 21.97
C GLY B 350 3.69 12.59 23.47
N TYR B 351 2.87 13.54 23.92
CA TYR B 351 2.64 13.71 25.35
C TYR B 351 1.64 12.61 25.78
N VAL B 352 0.65 12.30 24.91
CA VAL B 352 -0.37 11.25 24.99
C VAL B 352 -1.34 11.53 26.14
N PHE B 353 -2.46 12.19 25.79
CA PHE B 353 -3.50 12.55 26.73
C PHE B 353 -4.90 12.51 26.06
N GLN B 354 -5.98 12.52 26.87
CA GLN B 354 -7.33 12.32 26.32
C GLN B 354 -8.16 13.56 25.95
N GLU B 355 -8.11 14.64 26.72
CA GLU B 355 -8.93 15.80 26.45
C GLU B 355 -8.20 17.10 26.69
N LEU B 356 -8.27 17.98 25.69
CA LEU B 356 -7.69 19.30 25.80
C LEU B 356 -8.82 20.25 26.12
N ARG B 357 -8.77 20.82 27.33
CA ARG B 357 -9.75 21.81 27.78
C ARG B 357 -9.22 23.21 27.55
N GLU B 358 -10.14 24.16 27.43
CA GLU B 358 -9.83 25.57 27.19
C GLU B 358 -8.89 26.13 28.26
N ASP B 359 -9.05 25.68 29.50
CA ASP B 359 -8.25 26.17 30.62
C ASP B 359 -6.83 25.61 30.70
N ASP B 360 -6.58 24.39 30.17
CA ASP B 360 -5.25 23.79 30.22
C ASP B 360 -4.24 24.61 29.39
N PHE B 361 -4.72 25.29 28.35
CA PHE B 361 -3.92 26.10 27.44
C PHE B 361 -3.97 27.61 27.72
N GLN B 362 -4.50 28.02 28.89
CA GLN B 362 -4.59 29.40 29.35
C GLN B 362 -3.19 30.05 29.45
N PRO B 363 -2.13 29.39 29.99
CA PRO B 363 -0.80 30.05 30.02
C PRO B 363 -0.25 30.48 28.66
N LEU B 364 -0.64 29.80 27.59
CA LEU B 364 -0.15 30.10 26.24
C LEU B 364 -0.91 31.20 25.53
N MET B 365 -2.13 31.52 25.96
CA MET B 365 -2.97 32.51 25.28
C MET B 365 -2.47 33.96 25.34
N GLN B 366 -1.47 34.25 26.17
CA GLN B 366 -0.94 35.59 26.28
C GLN B 366 0.33 35.85 25.49
N LEU B 367 0.93 34.79 24.90
CA LEU B 367 2.15 34.85 24.13
C LEU B 367 1.86 35.54 22.80
N PRO B 368 2.39 36.77 22.64
CA PRO B 368 2.05 37.56 21.45
C PRO B 368 2.61 37.05 20.15
N ASN B 369 3.69 36.27 20.18
CA ASN B 369 4.31 35.83 18.92
C ASN B 369 4.16 34.32 18.64
N LEU B 370 3.33 33.61 19.43
CA LEU B 370 3.08 32.16 19.32
C LEU B 370 2.22 31.86 18.11
N SER B 371 2.86 31.41 17.00
CA SER B 371 2.18 31.12 15.75
C SER B 371 2.00 29.62 15.44
N THR B 372 2.75 28.73 16.10
CA THR B 372 2.62 27.29 15.87
C THR B 372 2.41 26.52 17.17
N ILE B 373 1.34 25.69 17.23
CA ILE B 373 1.13 24.75 18.31
C ILE B 373 1.14 23.36 17.64
N ASN B 374 2.10 22.52 17.98
CA ASN B 374 2.23 21.19 17.40
C ASN B 374 1.74 20.15 18.38
N LEU B 375 0.51 19.65 18.21
CA LEU B 375 -0.05 18.65 19.08
C LEU B 375 -0.29 17.31 18.37
N GLY B 376 0.53 16.99 17.38
CA GLY B 376 0.41 15.74 16.65
C GLY B 376 0.76 14.56 17.52
N ILE B 377 0.24 13.36 17.16
CA ILE B 377 0.47 12.07 17.83
C ILE B 377 0.25 12.16 19.33
N ASN B 378 -0.91 12.68 19.73
CA ASN B 378 -1.27 12.80 21.15
C ASN B 378 -2.48 11.92 21.56
N PHE B 379 -3.22 11.39 20.57
CA PHE B 379 -4.41 10.54 20.75
C PHE B 379 -5.51 11.29 21.52
N ILE B 380 -5.59 12.61 21.34
CA ILE B 380 -6.59 13.43 22.02
C ILE B 380 -7.95 13.06 21.46
N LYS B 381 -8.88 12.68 22.33
CA LYS B 381 -10.23 12.29 21.93
C LYS B 381 -11.18 13.46 21.78
N GLN B 382 -10.97 14.51 22.57
CA GLN B 382 -11.86 15.65 22.59
C GLN B 382 -11.06 16.90 22.76
N ILE B 383 -11.33 17.92 21.93
CA ILE B 383 -10.69 19.22 22.06
C ILE B 383 -11.77 20.28 22.10
N ASP B 384 -11.65 21.23 23.04
CA ASP B 384 -12.57 22.35 23.10
C ASP B 384 -12.03 23.37 22.09
N PHE B 385 -12.43 23.26 20.80
CA PHE B 385 -11.90 24.10 19.70
C PHE B 385 -12.09 25.60 19.89
N LYS B 386 -13.04 26.05 20.77
CA LYS B 386 -13.20 27.47 21.02
C LYS B 386 -11.94 28.09 21.64
N LEU B 387 -11.06 27.28 22.28
CA LEU B 387 -9.83 27.78 22.91
C LEU B 387 -8.90 28.44 21.90
N PHE B 388 -8.87 27.97 20.65
CA PHE B 388 -7.97 28.48 19.61
C PHE B 388 -8.21 29.94 19.22
N GLN B 389 -9.45 30.39 19.38
CA GLN B 389 -9.82 31.78 19.13
C GLN B 389 -9.11 32.71 20.11
N ASN B 390 -8.95 32.28 21.38
CA ASN B 390 -8.31 33.07 22.42
C ASN B 390 -6.76 33.18 22.25
N PHE B 391 -6.24 33.01 21.02
CA PHE B 391 -4.81 33.16 20.75
C PHE B 391 -4.53 34.40 19.91
N SER B 392 -3.51 35.16 20.30
CA SER B 392 -3.12 36.40 19.60
C SER B 392 -2.88 36.22 18.07
N ASN B 393 -1.88 35.40 17.64
CA ASN B 393 -1.66 35.23 16.21
C ASN B 393 -1.18 33.85 15.85
N LEU B 394 -2.07 32.87 16.03
CA LEU B 394 -1.81 31.49 15.68
C LEU B 394 -1.99 31.37 14.17
N GLU B 395 -1.10 30.66 13.48
CA GLU B 395 -1.24 30.43 12.04
C GLU B 395 -1.10 28.95 11.65
N ILE B 396 -0.62 28.08 12.56
CA ILE B 396 -0.51 26.63 12.35
C ILE B 396 -1.06 25.91 13.59
N ILE B 397 -2.16 25.14 13.42
CA ILE B 397 -2.76 24.31 14.47
C ILE B 397 -2.63 22.88 13.97
N TYR B 398 -1.61 22.17 14.42
CA TYR B 398 -1.29 20.84 13.95
C TYR B 398 -1.84 19.77 14.91
N LEU B 399 -2.90 19.09 14.48
CA LEU B 399 -3.56 18.10 15.29
C LEU B 399 -3.64 16.74 14.60
N SER B 400 -2.69 16.44 13.73
CA SER B 400 -2.65 15.16 13.04
C SER B 400 -2.35 14.03 14.01
N GLU B 401 -2.89 12.81 13.71
CA GLU B 401 -2.73 11.61 14.51
C GLU B 401 -3.27 11.76 15.91
N ASN B 402 -4.44 12.39 15.99
CA ASN B 402 -5.19 12.46 17.24
C ASN B 402 -6.44 11.55 17.09
N ARG B 403 -7.37 11.59 18.06
CA ARG B 403 -8.57 10.77 17.97
C ARG B 403 -9.86 11.60 17.95
N ILE B 404 -9.88 12.75 17.26
CA ILE B 404 -11.08 13.57 17.17
C ILE B 404 -12.13 12.85 16.31
N SER B 405 -13.34 12.74 16.83
CA SER B 405 -14.49 12.04 16.25
C SER B 405 -15.49 13.05 15.60
N PRO B 406 -16.54 12.59 14.86
CA PRO B 406 -17.55 13.53 14.38
C PRO B 406 -18.32 14.14 15.56
N LEU B 407 -18.35 15.48 15.61
CA LEU B 407 -18.97 16.26 16.68
C LEU B 407 -20.42 16.48 16.37
N VAL B 408 -21.32 15.86 17.14
CA VAL B 408 -22.75 15.96 16.94
C VAL B 408 -23.38 16.77 18.07
N PHE B 435 20.59 6.16 5.35
CA PHE B 435 20.13 7.38 6.02
C PHE B 435 21.12 8.55 5.88
N ASP B 436 20.67 9.78 6.20
CA ASP B 436 21.50 10.96 6.14
C ASP B 436 22.09 11.20 7.51
N PRO B 437 23.43 11.18 7.62
CA PRO B 437 24.06 11.45 8.94
C PRO B 437 24.10 12.92 9.32
N HIS B 438 23.85 13.82 8.36
CA HIS B 438 23.80 15.27 8.55
C HIS B 438 22.34 15.69 8.76
N SER B 439 21.56 14.89 9.46
CA SER B 439 20.17 15.21 9.70
C SER B 439 19.85 15.40 11.19
N ASN B 440 18.70 16.00 11.48
CA ASN B 440 18.19 16.25 12.81
C ASN B 440 17.39 15.01 13.14
N PHE B 441 17.92 14.16 14.00
CA PHE B 441 17.28 12.88 14.33
C PHE B 441 16.16 12.97 15.34
N TYR B 442 16.08 14.04 16.13
CA TYR B 442 15.05 14.13 17.18
C TYR B 442 13.96 15.17 16.92
N HIS B 443 14.16 16.06 15.93
CA HIS B 443 13.17 17.09 15.61
C HIS B 443 12.58 16.94 14.22
N PHE B 444 11.25 17.17 14.10
CA PHE B 444 10.55 17.18 12.81
C PHE B 444 10.81 18.54 12.16
N THR B 445 11.78 18.58 11.23
CA THR B 445 12.25 19.79 10.54
C THR B 445 11.39 20.25 9.33
N ARG B 446 10.76 19.29 8.63
CA ARG B 446 9.88 19.57 7.47
C ARG B 446 8.67 20.43 7.89
N PRO B 447 8.07 21.23 6.98
CA PRO B 447 6.89 22.02 7.40
C PRO B 447 5.76 21.09 7.84
N LEU B 448 5.11 21.38 8.99
CA LEU B 448 4.02 20.60 9.56
C LEU B 448 2.87 20.49 8.57
N ILE B 449 2.50 21.64 7.99
CA ILE B 449 1.48 21.78 6.96
C ILE B 449 2.20 22.23 5.69
N LYS B 450 1.74 21.75 4.51
CA LYS B 450 2.34 22.14 3.24
C LYS B 450 2.35 23.67 3.11
N PRO B 451 3.50 24.26 2.76
CA PRO B 451 3.57 25.72 2.63
C PRO B 451 2.53 26.26 1.67
N GLN B 452 2.23 25.52 0.60
CA GLN B 452 1.22 25.92 -0.39
C GLN B 452 -0.14 26.09 0.24
N CYS B 453 -0.44 25.37 1.33
CA CYS B 453 -1.70 25.44 2.05
C CYS B 453 -1.62 26.58 3.07
N ALA B 454 -0.60 26.54 3.93
CA ALA B 454 -0.39 27.50 4.99
C ALA B 454 -0.30 28.97 4.53
N ALA B 455 0.23 29.19 3.30
CA ALA B 455 0.33 30.49 2.65
C ALA B 455 -0.98 31.25 2.53
N TYR B 456 -2.11 30.55 2.64
CA TYR B 456 -3.43 31.19 2.50
C TYR B 456 -3.94 31.81 3.78
N GLY B 457 -3.48 31.32 4.92
CA GLY B 457 -3.93 31.81 6.22
C GLY B 457 -3.82 30.76 7.32
N LYS B 458 -4.58 30.94 8.42
CA LYS B 458 -4.65 30.04 9.59
C LYS B 458 -4.88 28.62 9.09
N ALA B 459 -4.00 27.69 9.44
CA ALA B 459 -4.05 26.31 8.97
C ALA B 459 -4.44 25.38 10.10
N LEU B 460 -5.34 24.45 9.81
CA LEU B 460 -5.80 23.47 10.77
C LEU B 460 -5.56 22.08 10.19
N ASP B 461 -4.67 21.31 10.79
CA ASP B 461 -4.41 19.96 10.30
C ASP B 461 -5.11 18.97 11.19
N LEU B 462 -6.18 18.34 10.70
CA LEU B 462 -6.93 17.32 11.42
C LEU B 462 -6.86 15.99 10.64
N SER B 463 -5.73 15.70 10.00
CA SER B 463 -5.57 14.47 9.25
C SER B 463 -5.29 13.31 10.19
N LEU B 464 -5.58 12.07 9.75
CA LEU B 464 -5.34 10.87 10.53
C LEU B 464 -5.97 10.92 11.89
N ASN B 465 -7.24 11.38 11.94
CA ASN B 465 -8.07 11.44 13.14
C ASN B 465 -9.26 10.43 13.00
N SER B 466 -10.34 10.49 13.83
CA SER B 466 -11.47 9.53 13.66
C SER B 466 -12.74 10.23 13.22
N ILE B 467 -12.57 11.15 12.30
CA ILE B 467 -13.67 11.93 11.75
C ILE B 467 -14.22 11.12 10.57
N PHE B 468 -15.00 10.07 10.84
CA PHE B 468 -15.54 9.20 9.78
C PHE B 468 -16.71 9.82 9.00
N PHE B 469 -17.28 10.94 9.52
CA PHE B 469 -18.26 11.82 8.89
C PHE B 469 -18.09 13.23 9.45
N ILE B 470 -18.53 14.27 8.73
CA ILE B 470 -18.41 15.65 9.20
C ILE B 470 -19.63 15.97 10.06
N GLY B 471 -19.40 16.00 11.38
CA GLY B 471 -20.47 16.26 12.33
C GLY B 471 -21.14 17.60 12.17
N PRO B 472 -22.41 17.71 12.58
CA PRO B 472 -23.10 19.01 12.49
C PRO B 472 -22.34 20.18 13.14
N ASN B 473 -21.61 19.90 14.24
CA ASN B 473 -20.86 20.89 14.99
C ASN B 473 -19.35 20.73 14.85
N GLN B 474 -18.90 20.06 13.78
CA GLN B 474 -17.49 19.74 13.56
C GLN B 474 -16.55 20.93 13.58
N PHE B 475 -17.01 22.05 13.00
CA PHE B 475 -16.16 23.23 12.90
C PHE B 475 -16.73 24.44 13.65
N GLU B 476 -17.57 24.22 14.66
CA GLU B 476 -18.13 25.32 15.45
C GLU B 476 -17.07 25.93 16.35
N ASN B 477 -17.16 27.24 16.57
CA ASN B 477 -16.22 27.99 17.41
C ASN B 477 -14.79 28.00 16.89
N LEU B 478 -14.60 27.77 15.58
CA LEU B 478 -13.25 27.77 15.03
C LEU B 478 -12.91 29.14 14.51
N PRO B 479 -11.63 29.57 14.61
CA PRO B 479 -11.24 30.85 14.02
C PRO B 479 -11.41 30.87 12.48
N ASP B 480 -10.96 31.93 11.79
CA ASP B 480 -11.09 32.01 10.33
C ASP B 480 -10.05 31.09 9.70
N ILE B 481 -10.40 29.82 9.47
CA ILE B 481 -9.47 28.85 8.89
C ILE B 481 -9.42 29.03 7.36
N ALA B 482 -8.22 29.18 6.80
CA ALA B 482 -8.05 29.29 5.35
C ALA B 482 -7.43 28.04 4.72
N CYS B 483 -6.83 27.18 5.52
CA CYS B 483 -6.16 25.98 5.07
C CYS B 483 -6.63 24.83 5.99
N LEU B 484 -7.29 23.81 5.43
CA LEU B 484 -7.78 22.71 6.24
C LEU B 484 -7.40 21.33 5.67
N ASN B 485 -6.73 20.51 6.49
CA ASN B 485 -6.38 19.15 6.14
C ASN B 485 -7.28 18.16 6.88
N LEU B 486 -8.07 17.41 6.15
CA LEU B 486 -8.90 16.35 6.72
C LEU B 486 -8.51 15.01 6.08
N SER B 487 -7.22 14.84 5.68
CA SER B 487 -6.75 13.65 5.00
C SER B 487 -6.78 12.41 5.88
N ALA B 488 -6.97 11.25 5.26
CA ALA B 488 -6.92 9.95 5.91
C ALA B 488 -7.75 9.85 7.19
N ASN B 489 -9.02 10.22 7.08
CA ASN B 489 -9.93 10.12 8.22
C ASN B 489 -10.98 9.01 8.06
N SER B 490 -10.93 8.26 6.92
CA SER B 490 -11.94 7.26 6.61
C SER B 490 -13.32 7.94 6.52
N ASN B 491 -13.33 9.19 6.02
CA ASN B 491 -14.51 10.02 5.98
C ASN B 491 -15.40 9.68 4.81
N ALA B 492 -16.60 9.17 5.08
CA ALA B 492 -17.52 8.81 4.00
C ALA B 492 -18.77 9.72 3.97
N GLN B 493 -18.59 11.01 4.30
CA GLN B 493 -19.63 12.03 4.25
C GLN B 493 -20.26 12.21 2.85
N VAL B 494 -21.57 12.46 2.81
CA VAL B 494 -22.29 12.78 1.57
C VAL B 494 -22.31 14.31 1.54
N LEU B 495 -21.35 14.91 0.83
CA LEU B 495 -21.20 16.36 0.73
C LEU B 495 -22.41 17.00 0.06
N SER B 496 -23.07 17.91 0.78
CA SER B 496 -24.31 18.55 0.33
C SER B 496 -24.26 20.06 0.18
N GLY B 497 -23.28 20.73 0.79
CA GLY B 497 -23.18 22.18 0.72
C GLY B 497 -23.49 22.88 2.03
N THR B 498 -23.44 22.14 3.16
CA THR B 498 -23.70 22.69 4.49
C THR B 498 -22.60 22.38 5.52
N GLU B 499 -21.74 21.40 5.24
CA GLU B 499 -20.74 20.87 6.16
C GLU B 499 -19.66 21.84 6.56
N PHE B 500 -19.25 22.69 5.66
CA PHE B 500 -18.19 23.65 5.92
C PHE B 500 -18.70 25.07 6.06
N SER B 501 -19.98 25.25 6.45
CA SER B 501 -20.53 26.59 6.56
C SER B 501 -19.99 27.37 7.75
N ALA B 502 -19.48 26.69 8.80
CA ALA B 502 -18.94 27.36 9.98
C ALA B 502 -17.54 27.97 9.75
N ILE B 503 -16.82 27.48 8.75
CA ILE B 503 -15.52 28.01 8.37
C ILE B 503 -15.58 28.25 6.85
N PRO B 504 -16.35 29.29 6.40
CA PRO B 504 -16.60 29.42 4.95
C PRO B 504 -15.47 30.02 4.13
N HIS B 505 -14.37 30.46 4.75
CA HIS B 505 -13.29 31.08 4.00
C HIS B 505 -12.11 30.18 3.76
N VAL B 506 -12.36 28.86 3.64
CA VAL B 506 -11.28 27.91 3.34
C VAL B 506 -10.89 28.11 1.89
N LYS B 507 -9.59 28.25 1.64
CA LYS B 507 -9.01 28.49 0.35
C LYS B 507 -8.31 27.24 -0.20
N TYR B 508 -7.75 26.40 0.67
CA TYR B 508 -7.06 25.17 0.31
C TYR B 508 -7.65 24.08 1.21
N LEU B 509 -8.29 23.07 0.62
CA LEU B 509 -8.90 21.96 1.36
C LEU B 509 -8.31 20.61 0.92
N ASP B 510 -7.67 19.91 1.84
CA ASP B 510 -7.09 18.60 1.56
C ASP B 510 -8.05 17.53 2.11
N LEU B 511 -8.72 16.83 1.21
CA LEU B 511 -9.65 15.76 1.57
C LEU B 511 -9.11 14.39 1.09
N THR B 512 -7.81 14.24 0.84
CA THR B 512 -7.26 12.98 0.30
C THR B 512 -7.36 11.75 1.20
N ASN B 513 -7.31 10.54 0.60
CA ASN B 513 -7.36 9.29 1.31
C ASN B 513 -8.58 9.16 2.19
N ASN B 514 -9.71 9.47 1.62
CA ASN B 514 -10.99 9.36 2.28
C ASN B 514 -11.95 8.56 1.38
N ARG B 515 -13.23 8.47 1.80
CA ARG B 515 -14.27 7.72 1.13
C ARG B 515 -15.47 8.62 0.87
N LEU B 516 -15.20 9.86 0.47
CA LEU B 516 -16.19 10.90 0.22
C LEU B 516 -17.09 10.64 -0.94
N ASP B 517 -18.31 11.18 -0.81
CA ASP B 517 -19.38 11.14 -1.79
C ASP B 517 -19.66 12.61 -2.16
N PHE B 518 -19.25 13.02 -3.36
CA PHE B 518 -19.46 14.37 -3.87
C PHE B 518 -20.32 14.35 -5.13
N ASP B 519 -21.32 13.48 -5.16
CA ASP B 519 -22.21 13.38 -6.31
C ASP B 519 -23.30 14.48 -6.30
N ASN B 520 -23.56 15.12 -5.13
CA ASN B 520 -24.48 16.24 -5.06
C ASN B 520 -23.80 17.44 -5.76
N ALA B 521 -24.50 18.13 -6.68
CA ALA B 521 -23.97 19.30 -7.40
C ALA B 521 -23.73 20.54 -6.48
N SER B 522 -24.17 20.45 -5.23
CA SER B 522 -23.98 21.49 -4.24
C SER B 522 -22.78 21.18 -3.31
N ALA B 523 -22.06 20.06 -3.52
CA ALA B 523 -20.98 19.64 -2.67
C ALA B 523 -19.88 20.69 -2.60
N LEU B 524 -19.52 21.14 -1.38
CA LEU B 524 -18.45 22.13 -1.12
C LEU B 524 -18.71 23.54 -1.66
N THR B 525 -19.91 23.80 -2.19
CA THR B 525 -20.23 25.13 -2.73
C THR B 525 -20.30 26.22 -1.64
N GLU B 526 -20.45 25.84 -0.35
CA GLU B 526 -20.44 26.79 0.77
C GLU B 526 -19.04 27.46 0.95
N LEU B 527 -17.99 26.86 0.37
CA LEU B 527 -16.62 27.35 0.38
C LEU B 527 -16.42 28.10 -0.92
N SER B 528 -17.10 29.22 -1.03
CA SER B 528 -17.11 30.06 -2.23
C SER B 528 -15.75 30.63 -2.61
N ASP B 529 -14.80 30.74 -1.65
CA ASP B 529 -13.45 31.27 -1.91
C ASP B 529 -12.43 30.21 -2.25
N LEU B 530 -12.84 28.91 -2.27
CA LEU B 530 -11.97 27.76 -2.52
C LEU B 530 -11.14 27.94 -3.76
N GLU B 531 -9.82 27.81 -3.63
CA GLU B 531 -8.84 27.91 -4.70
C GLU B 531 -8.19 26.56 -4.97
N VAL B 532 -7.79 25.80 -3.93
CA VAL B 532 -7.20 24.48 -4.12
C VAL B 532 -8.05 23.38 -3.47
N LEU B 533 -8.31 22.29 -4.19
CA LEU B 533 -9.09 21.16 -3.70
C LEU B 533 -8.39 19.86 -4.03
N ASP B 534 -7.95 19.13 -2.99
CA ASP B 534 -7.28 17.86 -3.19
C ASP B 534 -8.22 16.70 -2.81
N LEU B 535 -8.68 15.95 -3.80
CA LEU B 535 -9.59 14.81 -3.61
C LEU B 535 -8.89 13.50 -4.03
N SER B 536 -7.53 13.43 -4.02
CA SER B 536 -6.78 12.23 -4.39
C SER B 536 -7.12 11.02 -3.57
N TYR B 537 -7.10 9.83 -4.18
CA TYR B 537 -7.30 8.53 -3.52
C TYR B 537 -8.63 8.47 -2.80
N ASN B 538 -9.68 8.76 -3.53
CA ASN B 538 -11.01 8.76 -2.96
C ASN B 538 -11.91 7.76 -3.66
N SER B 539 -12.76 7.06 -2.90
CA SER B 539 -13.67 6.07 -3.50
C SER B 539 -14.92 5.96 -2.63
N HIS B 540 -16.09 5.69 -3.24
CA HIS B 540 -17.33 5.51 -2.49
C HIS B 540 -17.17 4.35 -1.50
N TYR B 541 -17.63 4.53 -0.26
CA TYR B 541 -17.48 3.53 0.79
C TYR B 541 -18.27 2.25 0.54
N PHE B 542 -19.43 2.36 -0.14
CA PHE B 542 -20.36 1.24 -0.32
C PHE B 542 -20.53 0.76 -1.76
N ARG B 543 -20.37 1.61 -2.78
CA ARG B 543 -20.52 1.17 -4.18
C ARG B 543 -19.47 0.11 -4.53
N ILE B 544 -19.97 -1.06 -4.96
CA ILE B 544 -19.20 -2.24 -5.31
C ILE B 544 -19.28 -2.50 -6.81
N ALA B 545 -20.50 -2.63 -7.38
CA ALA B 545 -20.67 -2.95 -8.80
C ALA B 545 -20.46 -1.77 -9.77
N GLY B 546 -21.05 -0.62 -9.47
CA GLY B 546 -20.93 0.55 -10.34
C GLY B 546 -20.60 1.80 -9.57
N VAL B 547 -19.59 2.57 -10.02
CA VAL B 547 -19.21 3.81 -9.35
C VAL B 547 -19.20 4.98 -10.36
N THR B 548 -20.35 5.64 -10.50
CA THR B 548 -20.51 6.75 -11.43
C THR B 548 -20.31 8.11 -10.74
N HIS B 549 -19.46 8.97 -11.33
CA HIS B 549 -19.17 10.28 -10.75
C HIS B 549 -20.06 11.39 -11.31
N HIS B 550 -20.23 12.48 -10.57
CA HIS B 550 -21.03 13.62 -10.99
C HIS B 550 -20.14 14.79 -10.59
N LEU B 551 -19.57 15.51 -11.56
CA LEU B 551 -18.63 16.59 -11.26
C LEU B 551 -19.19 17.97 -11.62
N GLU B 552 -20.51 18.12 -11.50
CA GLU B 552 -21.20 19.38 -11.76
C GLU B 552 -20.83 20.44 -10.70
N PHE B 553 -20.46 20.00 -9.45
CA PHE B 553 -20.12 20.89 -8.34
C PHE B 553 -18.96 21.87 -8.68
N ILE B 554 -18.08 21.49 -9.58
CA ILE B 554 -16.91 22.26 -10.02
C ILE B 554 -17.24 23.55 -10.78
N GLN B 555 -18.38 23.57 -11.48
CA GLN B 555 -18.81 24.77 -12.18
C GLN B 555 -19.27 25.89 -11.23
N ASN B 556 -19.61 25.57 -9.97
CA ASN B 556 -20.07 26.57 -8.99
C ASN B 556 -18.99 27.52 -8.47
N PHE B 557 -17.71 27.12 -8.55
CA PHE B 557 -16.60 27.90 -8.02
C PHE B 557 -16.08 28.99 -8.94
N THR B 558 -16.07 30.23 -8.44
CA THR B 558 -15.57 31.33 -9.22
C THR B 558 -14.06 31.54 -9.05
N ASN B 559 -13.43 30.97 -7.99
CA ASN B 559 -12.00 31.16 -7.76
C ASN B 559 -11.17 29.85 -7.76
N LEU B 560 -11.80 28.69 -8.02
CA LEU B 560 -11.08 27.42 -7.99
C LEU B 560 -9.98 27.37 -9.07
N LYS B 561 -8.73 27.14 -8.67
CA LYS B 561 -7.59 27.14 -9.57
C LYS B 561 -6.97 25.75 -9.75
N VAL B 562 -6.81 25.02 -8.65
CA VAL B 562 -6.19 23.69 -8.69
C VAL B 562 -7.14 22.62 -8.18
N LEU B 563 -7.36 21.56 -8.97
CA LEU B 563 -8.20 20.43 -8.58
C LEU B 563 -7.45 19.15 -8.86
N ASN B 564 -7.29 18.33 -7.83
CA ASN B 564 -6.61 17.06 -7.96
C ASN B 564 -7.62 15.93 -7.73
N LEU B 565 -7.97 15.23 -8.79
CA LEU B 565 -8.88 14.06 -8.76
C LEU B 565 -8.08 12.79 -9.04
N SER B 566 -6.78 12.76 -8.69
CA SER B 566 -5.96 11.61 -8.95
C SER B 566 -6.44 10.40 -8.16
N HIS B 567 -6.28 9.23 -8.77
CA HIS B 567 -6.63 7.94 -8.22
C HIS B 567 -8.04 7.88 -7.66
N ASN B 568 -9.01 8.51 -8.36
CA ASN B 568 -10.42 8.42 -8.01
C ASN B 568 -11.12 7.29 -8.81
N ASN B 569 -10.41 6.68 -9.81
CA ASN B 569 -10.88 5.60 -10.65
C ASN B 569 -12.18 5.98 -11.36
N ILE B 570 -12.19 7.18 -11.95
CA ILE B 570 -13.34 7.73 -12.68
C ILE B 570 -13.48 7.12 -14.08
N TYR B 571 -14.58 6.40 -14.31
CA TYR B 571 -14.82 5.77 -15.62
C TYR B 571 -16.17 6.14 -16.24
N THR B 572 -17.04 6.82 -15.49
CA THR B 572 -18.34 7.24 -16.02
C THR B 572 -18.88 8.46 -15.29
N LEU B 573 -19.61 9.33 -16.02
CA LEU B 573 -20.24 10.51 -15.44
C LEU B 573 -21.79 10.38 -15.50
N THR B 574 -22.50 11.01 -14.56
CA THR B 574 -23.95 10.87 -14.45
C THR B 574 -24.74 11.74 -15.52
N ASP B 575 -25.27 12.94 -15.16
CA ASP B 575 -26.10 13.77 -16.03
C ASP B 575 -25.23 14.65 -16.92
N LYS B 576 -24.20 15.26 -16.31
CA LYS B 576 -23.26 16.11 -17.01
C LYS B 576 -22.07 15.26 -17.44
N TYR B 577 -21.94 15.03 -18.76
CA TYR B 577 -20.83 14.27 -19.32
C TYR B 577 -19.54 15.15 -19.52
N ASN B 578 -19.67 16.49 -19.34
CA ASN B 578 -18.62 17.49 -19.51
C ASN B 578 -18.28 18.28 -18.23
N LEU B 579 -16.97 18.42 -17.95
CA LEU B 579 -16.46 19.23 -16.85
C LEU B 579 -16.40 20.69 -17.34
N GLU B 580 -16.83 21.66 -16.50
CA GLU B 580 -16.84 23.08 -16.85
C GLU B 580 -16.34 24.01 -15.71
N SER B 581 -15.48 24.98 -16.03
CA SER B 581 -14.96 25.99 -15.09
C SER B 581 -14.32 27.16 -15.82
N LYS B 582 -14.62 28.38 -15.39
CA LYS B 582 -14.04 29.59 -15.96
C LYS B 582 -12.69 29.93 -15.30
N SER B 583 -12.43 29.44 -14.07
CA SER B 583 -11.24 29.78 -13.29
C SER B 583 -10.19 28.69 -13.24
N LEU B 584 -10.58 27.38 -13.27
CA LEU B 584 -9.65 26.25 -13.16
C LEU B 584 -8.49 26.37 -14.10
N VAL B 585 -7.28 26.26 -13.55
CA VAL B 585 -5.99 26.48 -14.16
C VAL B 585 -5.14 25.19 -14.22
N GLU B 586 -5.34 24.26 -13.27
CA GLU B 586 -4.65 22.99 -13.21
C GLU B 586 -5.62 21.85 -12.83
N LEU B 587 -5.60 20.77 -13.62
CA LEU B 587 -6.43 19.62 -13.34
C LEU B 587 -5.54 18.40 -13.34
N VAL B 588 -5.50 17.67 -12.20
CA VAL B 588 -4.75 16.45 -12.11
C VAL B 588 -5.76 15.31 -12.24
N PHE B 589 -5.70 14.57 -13.34
CA PHE B 589 -6.62 13.47 -13.61
C PHE B 589 -5.92 12.10 -13.67
N SER B 590 -4.72 11.95 -13.07
CA SER B 590 -4.03 10.66 -13.11
C SER B 590 -4.77 9.57 -12.34
N GLY B 591 -4.51 8.31 -12.66
CA GLY B 591 -5.15 7.20 -11.97
C GLY B 591 -6.64 7.05 -12.19
N ASN B 592 -7.13 7.55 -13.32
CA ASN B 592 -8.55 7.44 -13.67
C ASN B 592 -8.72 6.52 -14.90
N ARG B 593 -9.93 6.44 -15.50
CA ARG B 593 -10.14 5.56 -16.65
C ARG B 593 -10.54 6.28 -17.92
N LEU B 594 -9.66 7.19 -18.40
CA LEU B 594 -9.93 7.89 -19.65
C LEU B 594 -9.98 6.94 -20.84
N ASP B 595 -9.38 5.71 -20.71
CA ASP B 595 -9.45 4.68 -21.73
C ASP B 595 -10.91 4.24 -21.87
N ILE B 596 -11.64 4.07 -20.75
CA ILE B 596 -13.05 3.72 -20.77
C ILE B 596 -13.90 4.89 -21.28
N LEU B 597 -13.72 6.10 -20.72
CA LEU B 597 -14.47 7.29 -21.14
C LEU B 597 -14.31 7.61 -22.64
N TRP B 598 -13.07 7.68 -23.14
CA TRP B 598 -12.82 8.00 -24.55
C TRP B 598 -13.07 6.80 -25.50
N ASN B 599 -13.34 5.60 -24.95
CA ASN B 599 -13.71 4.40 -25.72
C ASN B 599 -15.24 4.22 -25.76
N ASP B 600 -16.02 5.28 -25.45
CA ASP B 600 -17.47 5.26 -25.39
C ASP B 600 -18.04 5.06 -26.77
N ASP B 601 -18.99 4.11 -26.89
CA ASP B 601 -19.67 3.84 -28.15
C ASP B 601 -20.43 5.07 -28.63
N ASP B 602 -21.06 5.80 -27.70
CA ASP B 602 -21.83 6.99 -28.06
C ASP B 602 -21.01 8.29 -28.11
N ASN B 603 -19.70 8.23 -27.80
CA ASN B 603 -18.80 9.38 -27.78
C ASN B 603 -19.34 10.49 -26.87
N ARG B 604 -19.80 10.10 -25.67
CA ARG B 604 -20.34 11.03 -24.69
C ARG B 604 -19.27 11.90 -24.05
N TYR B 605 -18.05 11.37 -23.91
CA TYR B 605 -16.98 12.08 -23.25
C TYR B 605 -15.96 12.66 -24.23
N ILE B 606 -16.41 13.04 -25.43
CA ILE B 606 -15.55 13.59 -26.48
C ILE B 606 -15.09 15.04 -26.17
N SER B 607 -15.85 15.77 -25.33
CA SER B 607 -15.51 17.15 -24.93
C SER B 607 -15.44 17.26 -23.40
N ILE B 608 -15.00 16.17 -22.72
CA ILE B 608 -14.96 16.03 -21.27
C ILE B 608 -14.26 17.19 -20.57
N PHE B 609 -13.18 17.77 -21.15
CA PHE B 609 -12.47 18.87 -20.51
C PHE B 609 -12.50 20.18 -21.29
N LYS B 610 -13.35 20.29 -22.33
CA LYS B 610 -13.44 21.48 -23.18
C LYS B 610 -13.98 22.71 -22.44
N GLY B 611 -14.84 22.46 -21.44
CA GLY B 611 -15.44 23.50 -20.62
C GLY B 611 -14.49 24.19 -19.65
N LEU B 612 -13.28 23.63 -19.46
CA LEU B 612 -12.27 24.20 -18.57
C LEU B 612 -11.53 25.24 -19.38
N LYS B 613 -12.19 26.34 -19.68
CA LYS B 613 -11.71 27.42 -20.52
C LYS B 613 -10.40 28.10 -20.07
N ASN B 614 -10.01 28.00 -18.78
CA ASN B 614 -8.81 28.66 -18.26
C ASN B 614 -7.64 27.72 -17.94
N LEU B 615 -7.78 26.43 -18.25
CA LEU B 615 -6.76 25.43 -17.91
C LEU B 615 -5.46 25.66 -18.65
N THR B 616 -4.32 25.53 -17.94
CA THR B 616 -2.96 25.66 -18.48
C THR B 616 -2.12 24.40 -18.16
N ARG B 617 -2.57 23.58 -17.16
CA ARG B 617 -1.90 22.33 -16.79
C ARG B 617 -2.89 21.17 -16.69
N LEU B 618 -2.68 20.10 -17.44
CA LEU B 618 -3.55 18.94 -17.41
C LEU B 618 -2.70 17.68 -17.29
N ASP B 619 -2.95 16.88 -16.26
CA ASP B 619 -2.24 15.63 -16.02
C ASP B 619 -3.15 14.46 -16.35
N LEU B 620 -2.84 13.74 -17.42
CA LEU B 620 -3.60 12.56 -17.85
C LEU B 620 -2.77 11.27 -17.75
N SER B 621 -1.71 11.27 -16.92
CA SER B 621 -0.90 10.09 -16.73
C SER B 621 -1.69 8.97 -16.05
N LEU B 622 -1.21 7.72 -16.17
CA LEU B 622 -1.86 6.59 -15.51
C LEU B 622 -3.36 6.42 -15.80
N ASN B 623 -3.80 6.67 -17.04
CA ASN B 623 -5.21 6.45 -17.41
C ASN B 623 -5.38 5.26 -18.36
N ARG B 624 -4.36 4.37 -18.47
CA ARG B 624 -4.34 3.18 -19.33
C ARG B 624 -4.66 3.47 -20.81
N LEU B 625 -4.28 4.65 -21.29
CA LEU B 625 -4.58 5.06 -22.66
C LEU B 625 -3.73 4.38 -23.72
N LYS B 626 -4.38 3.64 -24.64
CA LYS B 626 -3.68 3.04 -25.78
C LYS B 626 -3.59 4.07 -26.94
N HIS B 627 -4.56 4.99 -27.03
CA HIS B 627 -4.60 6.05 -28.06
C HIS B 627 -5.69 7.07 -27.71
N ILE B 628 -5.47 8.36 -28.03
CA ILE B 628 -6.48 9.39 -27.77
C ILE B 628 -7.17 9.75 -29.08
N PRO B 629 -8.50 9.54 -29.17
CA PRO B 629 -9.23 9.90 -30.40
C PRO B 629 -8.92 11.30 -30.91
N ASN B 630 -8.72 11.49 -32.21
CA ASN B 630 -8.39 12.81 -32.77
C ASN B 630 -9.33 13.92 -32.32
N GLU B 631 -10.66 13.64 -32.28
CA GLU B 631 -11.65 14.62 -31.85
C GLU B 631 -11.60 14.83 -30.34
N ALA B 632 -11.22 13.80 -29.55
CA ALA B 632 -11.09 13.95 -28.11
C ALA B 632 -9.85 14.79 -27.79
N PHE B 633 -8.77 14.67 -28.59
CA PHE B 633 -7.54 15.44 -28.39
C PHE B 633 -7.79 16.90 -28.80
N LEU B 634 -8.41 17.10 -29.95
CA LEU B 634 -8.75 18.45 -30.41
C LEU B 634 -9.66 19.20 -29.43
N ASN B 635 -10.42 18.48 -28.59
CA ASN B 635 -11.31 19.11 -27.65
C ASN B 635 -10.66 19.44 -26.30
N LEU B 636 -9.35 19.19 -26.13
CA LEU B 636 -8.65 19.61 -24.90
C LEU B 636 -8.58 21.17 -24.96
N PRO B 637 -8.55 21.89 -23.82
CA PRO B 637 -8.53 23.36 -23.89
C PRO B 637 -7.33 23.93 -24.66
N ALA B 638 -7.56 24.84 -25.62
CA ALA B 638 -6.48 25.43 -26.40
C ALA B 638 -5.53 26.32 -25.56
N SER B 639 -5.92 26.62 -24.32
CA SER B 639 -5.17 27.45 -23.40
C SER B 639 -4.04 26.70 -22.71
N LEU B 640 -3.83 25.39 -22.99
CA LEU B 640 -2.82 24.57 -22.34
C LEU B 640 -1.42 25.01 -22.56
N THR B 641 -0.59 24.89 -21.54
CA THR B 641 0.83 25.16 -21.64
C THR B 641 1.64 23.93 -21.26
N GLU B 642 1.10 23.05 -20.39
CA GLU B 642 1.75 21.83 -19.93
C GLU B 642 0.74 20.71 -19.99
N LEU B 643 1.04 19.70 -20.79
CA LEU B 643 0.16 18.55 -20.96
C LEU B 643 0.97 17.28 -20.65
N HIS B 644 0.51 16.47 -19.68
CA HIS B 644 1.24 15.24 -19.33
C HIS B 644 0.40 14.01 -19.69
N ILE B 645 0.80 13.23 -20.69
CA ILE B 645 0.12 11.98 -21.02
C ILE B 645 1.09 10.80 -20.74
N ASN B 646 2.05 10.98 -19.80
CA ASN B 646 3.05 9.98 -19.47
C ASN B 646 2.49 8.75 -18.77
N ASP B 647 3.23 7.64 -18.78
CA ASP B 647 2.87 6.40 -18.08
C ASP B 647 1.45 5.91 -18.41
N ASN B 648 1.19 5.83 -19.69
CA ASN B 648 -0.04 5.26 -20.24
C ASN B 648 0.49 4.08 -21.14
N MET B 649 -0.22 3.72 -22.22
CA MET B 649 0.22 2.67 -23.14
C MET B 649 0.09 3.14 -24.59
N LEU B 650 0.23 4.47 -24.83
CA LEU B 650 0.06 5.08 -26.14
C LEU B 650 0.87 4.42 -27.23
N LYS B 651 0.18 3.85 -28.21
CA LYS B 651 0.79 3.25 -29.38
C LYS B 651 0.82 4.26 -30.55
N PHE B 652 -0.03 5.30 -30.52
CA PHE B 652 -0.14 6.31 -31.56
C PHE B 652 -0.33 7.72 -30.98
N PHE B 653 0.33 8.68 -31.59
CA PHE B 653 0.17 10.10 -31.27
C PHE B 653 0.06 10.88 -32.60
N ASN B 654 -1.04 11.62 -32.78
CA ASN B 654 -1.22 12.42 -33.98
C ASN B 654 -0.60 13.79 -33.72
N TRP B 655 0.68 13.97 -34.12
CA TRP B 655 1.47 15.20 -33.97
C TRP B 655 0.84 16.43 -34.60
N THR B 656 0.06 16.24 -35.67
CA THR B 656 -0.60 17.31 -36.41
C THR B 656 -1.50 18.12 -35.51
N LEU B 657 -2.20 17.45 -34.57
CA LEU B 657 -3.13 18.10 -33.65
C LEU B 657 -2.48 19.14 -32.76
N LEU B 658 -1.14 19.11 -32.62
CA LEU B 658 -0.44 20.13 -31.81
C LEU B 658 -0.63 21.56 -32.33
N GLN B 659 -1.22 21.72 -33.54
CA GLN B 659 -1.54 22.98 -34.20
C GLN B 659 -2.60 23.75 -33.45
N GLN B 660 -3.56 23.03 -32.81
CA GLN B 660 -4.65 23.65 -32.06
C GLN B 660 -4.24 24.15 -30.68
N PHE B 661 -2.95 24.05 -30.31
CA PHE B 661 -2.43 24.46 -28.99
C PHE B 661 -1.26 25.44 -29.13
N PRO B 662 -1.55 26.71 -29.47
CA PRO B 662 -0.47 27.69 -29.66
C PRO B 662 0.32 28.07 -28.41
N ARG B 663 -0.16 27.66 -27.22
CA ARG B 663 0.52 28.03 -25.98
C ARG B 663 1.28 26.88 -25.34
N LEU B 664 1.18 25.65 -25.92
CA LEU B 664 1.85 24.44 -25.45
C LEU B 664 3.37 24.58 -25.42
N GLU B 665 3.95 24.48 -24.19
CA GLU B 665 5.37 24.60 -23.90
C GLU B 665 6.00 23.31 -23.40
N LEU B 666 5.21 22.43 -22.79
CA LEU B 666 5.71 21.17 -22.26
C LEU B 666 4.75 20.09 -22.67
N LEU B 667 5.25 19.08 -23.39
CA LEU B 667 4.48 17.89 -23.78
C LEU B 667 5.23 16.72 -23.16
N ASP B 668 4.60 15.99 -22.24
CA ASP B 668 5.25 14.87 -21.57
C ASP B 668 4.63 13.56 -22.02
N LEU B 669 5.36 12.81 -22.82
CA LEU B 669 4.90 11.54 -23.35
C LEU B 669 5.69 10.33 -22.89
N ARG B 670 6.49 10.46 -21.83
CA ARG B 670 7.32 9.38 -21.28
C ARG B 670 6.54 8.14 -20.91
N GLY B 671 7.22 6.99 -20.89
CA GLY B 671 6.60 5.77 -20.43
C GLY B 671 5.41 5.31 -21.23
N ASN B 672 5.46 5.43 -22.55
CA ASN B 672 4.39 4.95 -23.42
C ASN B 672 4.97 3.89 -24.38
N LYS B 673 4.35 3.65 -25.53
CA LYS B 673 4.83 2.66 -26.50
C LYS B 673 4.89 3.24 -27.92
N LEU B 674 5.11 4.56 -28.04
CA LEU B 674 5.16 5.27 -29.30
C LEU B 674 6.33 4.81 -30.16
N LEU B 675 6.12 4.70 -31.50
CA LEU B 675 7.15 4.27 -32.46
C LEU B 675 7.54 5.35 -33.47
N PHE B 676 6.64 6.29 -33.73
CA PHE B 676 6.90 7.32 -34.72
C PHE B 676 6.91 8.75 -34.17
N LEU B 677 7.74 9.56 -34.81
CA LEU B 677 7.93 10.97 -34.56
C LEU B 677 7.68 11.68 -35.89
N THR B 678 7.01 12.82 -35.88
CA THR B 678 6.76 13.54 -37.12
C THR B 678 8.06 14.19 -37.61
N ASP B 679 8.19 14.32 -38.92
CA ASP B 679 9.32 14.99 -39.57
C ASP B 679 9.04 16.51 -39.78
N SER B 680 7.80 16.96 -39.48
CA SER B 680 7.33 18.31 -39.65
C SER B 680 6.90 18.93 -38.30
N LEU B 681 7.72 18.77 -37.24
CA LEU B 681 7.36 19.32 -35.93
C LEU B 681 7.20 20.84 -35.94
N SER B 682 8.03 21.57 -36.73
CA SER B 682 7.89 23.04 -36.82
C SER B 682 6.60 23.48 -37.58
N ASP B 683 6.02 22.59 -38.39
CA ASP B 683 4.75 22.86 -39.07
C ASP B 683 3.56 22.77 -38.07
N PHE B 684 3.72 22.06 -36.93
CA PHE B 684 2.64 21.88 -35.97
C PHE B 684 2.76 22.71 -34.71
N THR B 685 3.94 23.21 -34.39
CA THR B 685 4.15 23.98 -33.17
C THR B 685 5.25 25.02 -33.30
N SER B 686 5.16 26.06 -32.51
CA SER B 686 6.19 27.09 -32.40
C SER B 686 6.43 27.49 -30.92
N SER B 687 5.69 26.90 -29.97
CA SER B 687 5.74 27.24 -28.56
C SER B 687 6.46 26.20 -27.72
N LEU B 688 6.43 24.93 -28.17
CA LEU B 688 6.99 23.77 -27.48
C LEU B 688 8.44 23.93 -27.11
N ARG B 689 8.75 23.86 -25.83
CA ARG B 689 10.09 24.04 -25.30
C ARG B 689 10.67 22.74 -24.73
N THR B 690 9.82 21.88 -24.14
CA THR B 690 10.25 20.64 -23.52
C THR B 690 9.38 19.51 -24.06
N LEU B 691 10.02 18.49 -24.60
CA LEU B 691 9.31 17.34 -25.15
C LEU B 691 9.97 16.16 -24.50
N LEU B 692 9.23 15.41 -23.66
CA LEU B 692 9.82 14.28 -22.96
C LEU B 692 9.31 13.00 -23.59
N LEU B 693 10.21 12.26 -24.21
CA LEU B 693 9.87 11.02 -24.90
C LEU B 693 10.59 9.79 -24.37
N SER B 694 11.25 9.86 -23.20
CA SER B 694 11.96 8.68 -22.68
C SER B 694 11.06 7.50 -22.38
N HIS B 695 11.61 6.26 -22.43
CA HIS B 695 10.83 5.06 -22.18
C HIS B 695 9.72 4.91 -23.20
N ASN B 696 10.09 4.89 -24.45
CA ASN B 696 9.17 4.68 -25.56
C ASN B 696 9.86 3.70 -26.54
N ARG B 697 9.28 3.44 -27.72
CA ARG B 697 9.87 2.50 -28.68
C ARG B 697 10.32 3.23 -29.94
N ILE B 698 10.86 4.44 -29.78
CA ILE B 698 11.31 5.23 -30.92
C ILE B 698 12.62 4.67 -31.44
N SER B 699 12.62 4.21 -32.70
CA SER B 699 13.86 3.69 -33.31
C SER B 699 14.41 4.58 -34.40
N HIS B 700 13.67 5.60 -34.85
CA HIS B 700 14.16 6.48 -35.91
C HIS B 700 13.84 7.93 -35.64
N LEU B 701 14.86 8.79 -35.69
CA LEU B 701 14.77 10.24 -35.54
C LEU B 701 14.64 10.82 -36.95
N PRO B 702 13.49 11.42 -37.29
CA PRO B 702 13.28 11.88 -38.67
C PRO B 702 14.10 13.09 -39.11
N SER B 703 14.43 13.09 -40.42
CA SER B 703 15.19 14.10 -41.15
C SER B 703 14.62 15.49 -41.01
N GLY B 704 15.33 16.31 -40.26
CA GLY B 704 14.87 17.67 -40.01
C GLY B 704 13.90 17.66 -38.85
N PHE B 705 14.27 16.99 -37.75
CA PHE B 705 13.47 16.94 -36.55
C PHE B 705 13.88 18.16 -35.68
N LEU B 706 15.21 18.28 -35.38
CA LEU B 706 15.83 19.33 -34.57
C LEU B 706 16.00 20.68 -35.29
N SER B 707 16.49 20.68 -36.55
CA SER B 707 16.78 21.90 -37.33
C SER B 707 15.55 22.77 -37.70
N GLU B 708 14.35 22.35 -37.28
CA GLU B 708 13.14 23.09 -37.62
C GLU B 708 12.54 23.81 -36.39
N VAL B 709 12.54 23.11 -35.24
CA VAL B 709 11.95 23.59 -33.99
C VAL B 709 12.88 24.52 -33.16
N SER B 710 12.85 25.82 -33.49
CA SER B 710 13.61 26.86 -32.81
C SER B 710 13.17 27.09 -31.35
N SER B 711 11.93 26.68 -31.01
CA SER B 711 11.42 26.83 -29.64
C SER B 711 11.93 25.74 -28.72
N LEU B 712 12.20 24.54 -29.25
CA LEU B 712 12.65 23.39 -28.47
C LEU B 712 13.96 23.63 -27.75
N LYS B 713 13.92 23.57 -26.43
CA LYS B 713 15.03 23.81 -25.53
C LYS B 713 15.50 22.52 -24.87
N HIS B 714 14.57 21.64 -24.50
CA HIS B 714 14.87 20.36 -23.85
C HIS B 714 14.22 19.18 -24.57
N LEU B 715 15.04 18.27 -25.12
CA LEU B 715 14.53 17.08 -25.81
C LEU B 715 15.01 15.80 -25.11
N ASP B 716 14.06 15.06 -24.52
CA ASP B 716 14.37 13.83 -23.83
C ASP B 716 14.06 12.64 -24.73
N LEU B 717 15.10 12.02 -25.27
CA LEU B 717 14.94 10.81 -26.07
C LEU B 717 15.65 9.60 -25.43
N SER B 718 15.96 9.66 -24.13
CA SER B 718 16.65 8.56 -23.45
C SER B 718 15.77 7.30 -23.33
N SER B 719 16.36 6.15 -23.07
CA SER B 719 15.66 4.89 -22.91
C SER B 719 14.65 4.59 -24.03
N ASN B 720 15.10 4.71 -25.28
CA ASN B 720 14.30 4.41 -26.46
C ASN B 720 15.02 3.26 -27.25
N LEU B 721 14.79 3.12 -28.57
CA LEU B 721 15.40 2.05 -29.38
C LEU B 721 16.24 2.58 -30.53
N LEU B 722 16.85 3.74 -30.36
CA LEU B 722 17.67 4.36 -31.40
C LEU B 722 18.99 3.68 -31.59
N LYS B 723 19.25 3.22 -32.79
CA LYS B 723 20.53 2.64 -33.13
C LYS B 723 21.49 3.71 -33.64
N THR B 724 20.98 4.78 -34.25
CA THR B 724 21.82 5.85 -34.80
C THR B 724 21.03 7.15 -34.91
N ILE B 725 21.75 8.27 -35.09
CA ILE B 725 21.17 9.59 -35.34
C ILE B 725 21.79 10.07 -36.65
N ASN B 726 21.01 9.90 -37.74
CA ASN B 726 21.34 10.21 -39.13
C ASN B 726 21.90 11.60 -39.40
N LYS B 727 22.58 11.76 -40.56
CA LYS B 727 23.09 13.05 -41.01
C LYS B 727 21.89 13.97 -41.30
N SER B 728 20.85 13.42 -41.98
CA SER B 728 19.63 14.12 -42.36
C SER B 728 18.80 14.69 -41.18
N ALA B 729 18.85 14.06 -39.99
CA ALA B 729 18.14 14.60 -38.82
C ALA B 729 19.00 15.65 -38.05
N LEU B 730 20.16 16.05 -38.64
CA LEU B 730 21.14 17.00 -38.11
C LEU B 730 21.41 18.14 -39.14
N LYS B 737 18.55 26.05 -31.17
CA LYS B 737 18.35 26.67 -29.84
C LYS B 737 18.13 25.65 -28.70
N LEU B 738 18.58 24.40 -28.93
CA LEU B 738 18.47 23.28 -28.00
C LEU B 738 19.53 23.40 -26.92
N SER B 739 19.15 23.30 -25.65
CA SER B 739 20.06 23.40 -24.52
C SER B 739 20.31 22.06 -23.78
N MET B 740 19.45 21.06 -24.00
CA MET B 740 19.59 19.75 -23.40
C MET B 740 19.07 18.65 -24.29
N LEU B 741 19.83 17.58 -24.41
CA LEU B 741 19.43 16.43 -25.21
C LEU B 741 19.76 15.19 -24.39
N GLU B 742 18.73 14.45 -23.96
CA GLU B 742 18.96 13.22 -23.21
C GLU B 742 18.99 12.02 -24.17
N LEU B 743 20.06 11.23 -24.16
CA LEU B 743 20.16 10.10 -25.09
C LEU B 743 20.60 8.77 -24.47
N HIS B 744 20.86 8.75 -23.17
CA HIS B 744 21.31 7.54 -22.49
C HIS B 744 20.26 6.42 -22.59
N GLY B 745 20.68 5.16 -22.56
CA GLY B 745 19.73 4.05 -22.57
C GLY B 745 19.24 3.58 -23.91
N ASN B 746 19.94 3.98 -24.98
CA ASN B 746 19.55 3.62 -26.35
C ASN B 746 20.53 2.62 -26.90
N PRO B 747 20.07 1.66 -27.75
CA PRO B 747 21.00 0.67 -28.32
C PRO B 747 21.81 1.17 -29.52
N PHE B 748 22.71 2.12 -29.26
CA PHE B 748 23.56 2.72 -30.27
C PHE B 748 24.44 1.73 -30.95
N GLU B 749 24.48 1.79 -32.27
CA GLU B 749 25.31 0.99 -33.15
C GLU B 749 26.54 1.86 -33.44
N CYS B 750 27.66 1.48 -32.85
CA CYS B 750 28.90 2.21 -32.91
C CYS B 750 29.82 1.83 -34.07
N THR B 751 29.28 1.89 -35.29
CA THR B 751 30.06 1.69 -36.52
C THR B 751 30.50 3.13 -37.00
N CYS B 752 31.01 3.30 -38.24
CA CYS B 752 31.36 4.64 -38.73
C CYS B 752 30.11 5.57 -38.87
N ASP B 753 28.88 4.98 -38.76
CA ASP B 753 27.59 5.67 -38.82
C ASP B 753 27.37 6.60 -37.63
N ILE B 754 27.97 6.26 -36.48
CA ILE B 754 27.86 7.12 -35.30
C ILE B 754 28.80 8.36 -35.38
N GLY B 755 29.72 8.38 -36.35
CA GLY B 755 30.67 9.46 -36.56
C GLY B 755 30.06 10.79 -36.92
N ASP B 756 28.95 10.78 -37.66
CA ASP B 756 28.26 12.01 -38.05
C ASP B 756 27.68 12.69 -36.81
N PHE B 757 27.02 11.89 -35.94
CA PHE B 757 26.44 12.40 -34.71
C PHE B 757 27.55 12.89 -33.75
N ARG B 758 28.67 12.20 -33.71
CA ARG B 758 29.80 12.59 -32.89
C ARG B 758 30.36 13.94 -33.33
N ARG B 759 30.41 14.21 -34.66
CA ARG B 759 30.87 15.52 -35.19
C ARG B 759 29.87 16.63 -34.77
N TRP B 760 28.57 16.30 -34.82
CA TRP B 760 27.49 17.18 -34.41
C TRP B 760 27.66 17.60 -32.95
N MET B 761 27.97 16.63 -32.08
CA MET B 761 28.19 16.87 -30.64
C MET B 761 29.37 17.80 -30.37
N ASP B 762 30.38 17.77 -31.24
CA ASP B 762 31.56 18.62 -31.09
C ASP B 762 31.30 20.06 -31.59
N GLU B 763 30.43 20.23 -32.59
CA GLU B 763 30.09 21.56 -33.13
C GLU B 763 29.15 22.33 -32.21
N HIS B 764 28.23 21.63 -31.55
CA HIS B 764 27.24 22.27 -30.71
C HIS B 764 27.51 21.99 -29.24
N LEU B 765 28.54 22.63 -28.69
CA LEU B 765 28.90 22.44 -27.29
C LEU B 765 27.89 23.04 -26.31
N ASN B 766 27.00 23.94 -26.78
CA ASN B 766 25.97 24.55 -25.93
C ASN B 766 24.88 23.52 -25.54
N VAL B 767 24.63 22.53 -26.44
CA VAL B 767 23.68 21.43 -26.23
C VAL B 767 24.23 20.47 -25.18
N LYS B 768 23.82 20.63 -23.92
CA LYS B 768 24.29 19.75 -22.86
C LYS B 768 23.66 18.38 -22.98
N ILE B 769 24.47 17.34 -23.12
CA ILE B 769 24.01 15.97 -23.20
C ILE B 769 24.38 15.34 -21.87
N PRO B 770 23.41 15.20 -20.96
CA PRO B 770 23.74 14.62 -19.66
C PRO B 770 23.98 13.12 -19.72
N ARG B 771 24.71 12.62 -18.70
CA ARG B 771 25.05 11.22 -18.49
C ARG B 771 25.71 10.61 -19.71
N LEU B 772 26.79 11.24 -20.20
CA LEU B 772 27.53 10.73 -21.38
C LEU B 772 28.13 9.35 -21.16
N VAL B 773 28.41 8.98 -19.89
CA VAL B 773 28.89 7.63 -19.55
C VAL B 773 27.81 6.56 -19.74
N ASP B 774 26.52 6.96 -19.81
CA ASP B 774 25.37 6.09 -20.02
C ASP B 774 24.83 6.09 -21.45
N VAL B 775 25.44 6.89 -22.36
CA VAL B 775 25.11 6.90 -23.78
C VAL B 775 26.13 5.88 -24.30
N ILE B 776 25.73 4.59 -24.30
CA ILE B 776 26.58 3.42 -24.55
C ILE B 776 26.29 2.64 -25.84
N CYS B 777 27.34 2.03 -26.42
CA CYS B 777 27.30 1.18 -27.60
C CYS B 777 26.68 -0.12 -27.24
N ALA B 778 25.72 -0.56 -28.03
CA ALA B 778 25.11 -1.87 -27.89
C ALA B 778 25.76 -2.86 -28.86
N SER B 779 26.18 -2.37 -30.04
CA SER B 779 26.83 -3.15 -31.10
C SER B 779 27.89 -2.28 -31.80
N PRO B 780 28.95 -2.87 -32.39
CA PRO B 780 29.16 -4.31 -32.41
C PRO B 780 29.76 -4.80 -31.08
N GLY B 781 30.06 -6.09 -30.98
CA GLY B 781 30.56 -6.70 -29.74
C GLY B 781 31.85 -6.03 -29.26
N ASP B 782 32.76 -5.69 -30.19
CA ASP B 782 34.03 -5.04 -29.78
C ASP B 782 33.71 -3.70 -29.10
N GLN B 783 32.75 -2.94 -29.66
CA GLN B 783 32.45 -1.56 -29.18
C GLN B 783 31.41 -1.61 -28.05
N ARG B 784 30.84 -2.79 -27.78
CA ARG B 784 29.79 -2.92 -26.73
C ARG B 784 30.38 -2.62 -25.35
N GLY B 785 29.61 -1.94 -24.50
CA GLY B 785 30.02 -1.60 -23.12
C GLY B 785 30.81 -0.30 -23.04
N LYS B 786 31.08 0.32 -24.19
CA LYS B 786 31.81 1.58 -24.24
C LYS B 786 30.88 2.77 -24.50
N SER B 787 31.20 3.96 -23.97
CA SER B 787 30.42 5.15 -24.24
C SER B 787 30.59 5.52 -25.73
N ILE B 788 29.54 6.04 -26.39
CA ILE B 788 29.66 6.43 -27.81
C ILE B 788 30.75 7.50 -28.02
N VAL B 789 31.14 8.24 -26.97
CA VAL B 789 32.17 9.27 -27.06
C VAL B 789 33.57 8.70 -26.87
N SER B 790 33.72 7.62 -26.08
CA SER B 790 35.03 7.02 -25.85
C SER B 790 35.45 6.16 -27.03
N LEU B 791 35.18 6.59 -28.27
CA LEU B 791 35.57 5.84 -29.47
C LEU B 791 36.56 6.62 -30.34
N GLU B 792 37.49 5.90 -30.99
CA GLU B 792 38.47 6.50 -31.88
C GLU B 792 37.95 6.55 -33.31
N LEU B 793 37.38 7.69 -33.67
CA LEU B 793 36.81 7.93 -34.98
C LEU B 793 37.86 8.09 -36.09
N THR B 794 39.18 8.04 -35.76
CA THR B 794 40.25 8.19 -36.77
C THR B 794 40.23 7.02 -37.80
N THR B 795 39.67 5.85 -37.42
CA THR B 795 39.48 4.69 -38.31
C THR B 795 38.46 5.04 -39.44
N CYS B 796 37.60 6.05 -39.21
CA CYS B 796 36.59 6.51 -40.15
C CYS B 796 37.02 7.83 -40.85
C1 NAG C . -30.74 -12.17 0.27
C2 NAG C . -29.53 -12.23 -0.67
C3 NAG C . -29.42 -13.64 -1.24
C4 NAG C . -29.43 -14.70 -0.15
C5 NAG C . -30.63 -14.50 0.76
C6 NAG C . -30.65 -15.42 1.95
C7 NAG C . -28.72 -10.35 -2.03
C8 NAG C . -28.94 -9.53 -3.26
N2 NAG C . -29.66 -11.25 -1.74
O3 NAG C . -28.23 -13.74 -2.02
O4 NAG C . -29.55 -16.00 -0.70
O5 NAG C . -30.62 -13.16 1.28
O6 NAG C . -31.91 -15.31 2.59
O7 NAG C . -27.73 -10.21 -1.33
C1 NAG C . -28.37 -16.73 -0.87
C2 NAG C . -28.69 -18.23 -0.90
C3 NAG C . -27.37 -18.97 -1.09
C4 NAG C . -26.62 -18.46 -2.33
C5 NAG C . -26.44 -16.95 -2.27
C6 NAG C . -25.83 -16.34 -3.52
C7 NAG C . -30.33 -19.63 0.30
C8 NAG C . -30.76 -20.13 1.63
N2 NAG C . -29.37 -18.68 0.30
O3 NAG C . -27.61 -20.36 -1.19
O4 NAG C . -25.33 -19.05 -2.37
O5 NAG C . -27.71 -16.32 -2.07
O6 NAG C . -26.72 -16.32 -4.63
O7 NAG C . -30.80 -20.07 -0.74
C1 BMA C . -25.06 -20.02 -3.33
C2 BMA C . -23.55 -20.17 -3.40
C3 BMA C . -23.20 -21.28 -4.39
C4 BMA C . -23.87 -22.59 -3.96
C5 BMA C . -25.39 -22.37 -3.86
C6 BMA C . -26.13 -23.57 -3.30
O2 BMA C . -23.03 -20.48 -2.10
O3 BMA C . -21.78 -21.38 -4.43
O4 BMA C . -23.60 -23.63 -4.89
O5 BMA C . -25.66 -21.27 -2.97
O6 BMA C . -25.67 -23.87 -1.99
C1 MAN C . -21.08 -21.00 -5.61
C2 MAN C . -19.86 -21.92 -5.71
C3 MAN C . -18.86 -21.56 -4.61
C4 MAN C . -18.49 -20.08 -4.65
C5 MAN C . -19.75 -19.21 -4.63
C6 MAN C . -19.44 -17.74 -4.87
O2 MAN C . -19.26 -21.85 -6.99
O3 MAN C . -17.67 -22.35 -4.74
O4 MAN C . -17.73 -19.75 -3.50
O5 MAN C . -20.67 -19.62 -5.65
O6 MAN C . -20.63 -16.97 -4.96
C1 MAN C . -19.77 -22.77 -7.97
C2 MAN C . -19.41 -24.21 -7.57
C3 MAN C . -17.91 -24.43 -7.72
C4 MAN C . -17.43 -24.04 -9.12
C5 MAN C . -17.85 -22.61 -9.44
C6 MAN C . -17.52 -22.19 -10.85
O2 MAN C . -20.18 -25.14 -8.33
O3 MAN C . -17.53 -25.77 -7.39
O4 MAN C . -16.01 -24.15 -9.19
O5 MAN C . -19.27 -22.48 -9.28
O6 MAN C . -17.55 -20.77 -10.97
C1 MAN C . -26.16 -25.08 -1.46
C2 MAN C . -25.59 -25.25 -0.03
C3 MAN C . -24.10 -25.61 -0.10
C4 MAN C . -23.87 -26.82 -0.99
C5 MAN C . -24.46 -26.58 -2.39
C6 MAN C . -24.39 -27.79 -3.30
O2 MAN C . -26.32 -26.24 0.69
O3 MAN C . -23.55 -25.82 1.21
O4 MAN C . -22.46 -27.06 -1.09
O5 MAN C . -25.86 -26.23 -2.27
O6 MAN C . -25.01 -27.51 -4.56
C1 NAG D . -7.48 -10.09 12.29
C2 NAG D . -7.81 -11.27 11.37
C3 NAG D . -7.32 -10.92 9.97
C4 NAG D . -7.90 -9.59 9.50
C5 NAG D . -7.55 -8.48 10.50
C6 NAG D . -8.14 -7.14 10.16
C7 NAG D . -7.73 -13.49 12.49
C8 NAG D . -6.84 -14.41 13.28
N2 NAG D . -7.11 -12.43 11.90
O3 NAG D . -7.69 -11.97 9.09
O4 NAG D . -7.41 -9.20 8.21
O5 NAG D . -8.05 -8.86 11.79
O6 NAG D . -9.55 -7.19 10.05
O7 NAG D . -8.93 -13.67 12.39
C1 NAG D . -8.26 -9.42 7.11
C2 NAG D . -7.82 -8.52 5.95
C3 NAG D . -8.71 -8.83 4.75
C4 NAG D . -8.69 -10.31 4.40
C5 NAG D . -8.97 -11.18 5.63
C6 NAG D . -8.70 -12.66 5.39
C7 NAG D . -6.79 -6.37 6.60
C8 NAG D . -7.05 -4.94 6.95
N2 NAG D . -7.87 -7.10 6.28
O3 NAG D . -8.20 -8.11 3.63
O4 NAG D . -9.74 -10.60 3.47
O5 NAG D . -8.11 -10.77 6.71
O6 NAG D . -7.33 -12.99 5.61
O7 NAG D . -5.66 -6.87 6.64
C1 BMA D . -9.44 -10.64 2.08
C2 BMA D . -9.78 -12.05 1.56
C3 BMA D . -9.69 -12.09 0.03
C4 BMA D . -10.54 -10.98 -0.59
C5 BMA D . -10.08 -9.63 -0.04
C6 BMA D . -10.84 -8.42 -0.58
O2 BMA D . -11.08 -12.46 1.98
O3 BMA D . -10.08 -13.38 -0.45
O4 BMA D . -10.40 -11.01 -2.01
O5 BMA D . -10.21 -9.63 1.39
O6 BMA D . -12.14 -8.23 -0.01
C1 NAG E . 1.38 -16.19 8.74
C2 NAG E . 0.21 -15.81 7.83
C3 NAG E . -0.94 -16.80 8.06
C4 NAG E . -0.47 -18.24 7.92
C5 NAG E . 0.72 -18.51 8.83
C6 NAG E . 1.34 -19.88 8.64
C7 NAG E . -0.04 -13.46 7.17
C8 NAG E . -0.52 -12.10 7.58
N2 NAG E . -0.24 -14.45 8.04
O3 NAG E . -1.92 -16.50 7.09
O4 NAG E . -1.54 -19.13 8.24
O5 NAG E . 1.76 -17.55 8.55
O6 NAG E . 1.74 -20.11 7.30
O7 NAG E . 0.56 -13.64 6.11
C1 NAG E . -1.80 -20.19 7.37
C2 NAG E . -2.86 -21.08 8.03
C3 NAG E . -3.13 -22.24 7.08
C4 NAG E . -3.55 -21.73 5.71
C5 NAG E . -2.53 -20.73 5.15
C6 NAG E . -3.02 -20.04 3.92
C7 NAG E . -2.73 -21.11 10.49
C8 NAG E . -2.03 -21.69 11.68
N2 NAG E . -2.33 -21.58 9.30
O3 NAG E . -4.17 -23.03 7.61
O4 NAG E . -3.75 -22.81 4.81
O5 NAG E . -2.28 -19.71 6.13
O6 NAG E . -2.08 -19.07 3.49
O7 NAG E . -3.61 -20.25 10.59
C1 BMA E . -5.00 -22.88 4.16
C2 BMA E . -4.84 -23.76 2.92
C3 BMA E . -6.19 -23.96 2.24
C4 BMA E . -7.23 -24.45 3.23
C5 BMA E . -7.29 -23.49 4.42
C6 BMA E . -8.30 -23.88 5.48
O2 BMA E . -4.26 -25.01 3.29
O3 BMA E . -6.07 -24.87 1.17
O4 BMA E . -8.52 -24.41 2.60
O5 BMA E . -5.99 -23.41 5.03
O6 BMA E . -7.82 -24.88 6.38
C1 MAN E . -6.10 -24.38 -0.16
C2 MAN E . -6.37 -25.56 -1.10
C3 MAN E . -5.14 -26.48 -1.16
C4 MAN E . -3.87 -25.71 -1.47
C5 MAN E . -3.70 -24.53 -0.49
C6 MAN E . -2.53 -23.65 -0.83
O2 MAN E . -6.84 -25.14 -2.38
O3 MAN E . -5.32 -27.54 -2.09
O4 MAN E . -2.75 -26.57 -1.30
O5 MAN E . -4.87 -23.71 -0.53
O6 MAN E . -2.42 -22.57 0.10
C1 MAN E . -8.17 -24.52 -2.36
C2 MAN E . -9.26 -25.48 -2.92
C3 MAN E . -9.26 -25.49 -4.44
C4 MAN E . -9.26 -24.08 -5.03
C5 MAN E . -8.07 -23.31 -4.46
C6 MAN E . -7.96 -21.88 -4.95
O2 MAN E . -10.53 -25.09 -2.41
O3 MAN E . -10.37 -26.25 -4.95
O4 MAN E . -9.20 -24.12 -6.45
O5 MAN E . -8.20 -23.26 -3.02
O6 MAN E . -6.79 -21.25 -4.43
C1 MAN E . -8.46 -26.13 6.31
C2 MAN E . -9.86 -26.03 6.96
C3 MAN E . -10.21 -27.25 7.82
C4 MAN E . -9.65 -28.54 7.22
C5 MAN E . -8.12 -28.47 7.13
C6 MAN E . -7.52 -29.28 6.00
O2 MAN E . -10.84 -25.83 5.95
O3 MAN E . -11.61 -27.36 8.07
O4 MAN E . -10.06 -29.68 7.97
O5 MAN E . -7.63 -27.11 6.99
O6 MAN E . -6.21 -29.74 6.34
C1 NAG F . 20.28 19.01 17.88
C2 NAG F . 20.37 18.21 16.58
C3 NAG F . 21.16 19.02 15.54
C4 NAG F . 20.59 20.42 15.38
C5 NAG F . 20.47 21.11 16.74
C6 NAG F . 19.78 22.44 16.68
C7 NAG F . 20.46 15.75 16.45
C8 NAG F . 21.34 14.54 16.62
N2 NAG F . 21.02 16.92 16.80
O3 NAG F . 21.15 18.33 14.30
O4 NAG F . 21.45 21.23 14.60
O5 NAG F . 19.70 20.29 17.62
O6 NAG F . 19.91 23.07 17.95
O7 NAG F . 19.31 15.67 16.03
C1 NAG F . 21.15 21.36 13.24
C2 NAG F . 21.78 22.64 12.68
C3 NAG F . 21.34 22.72 11.21
C4 NAG F . 21.77 21.47 10.44
C5 NAG F . 21.24 20.22 11.12
C6 NAG F . 21.73 18.92 10.52
C7 NAG F . 22.13 24.88 13.65
C8 NAG F . 21.45 26.09 14.19
N2 NAG F . 21.34 23.82 13.41
O3 NAG F . 21.88 23.89 10.62
O4 NAG F . 21.24 21.49 9.11
O5 NAG F . 21.61 20.22 12.51
O6 NAG F . 23.09 18.64 10.84
O7 NAG F . 23.33 24.85 13.42
C1 BMA F . 22.11 21.76 8.04
C2 BMA F . 21.42 21.33 6.74
C3 BMA F . 22.31 21.71 5.57
C4 BMA F . 22.61 23.21 5.59
C5 BMA F . 23.24 23.62 6.92
C6 BMA F . 23.37 25.12 7.07
O2 BMA F . 20.16 21.98 6.65
O3 BMA F . 21.78 21.33 4.30
O4 BMA F . 23.46 23.57 4.51
O5 BMA F . 22.39 23.18 8.01
O6 BMA F . 22.09 25.76 6.99
C1 MAN F . 21.91 19.97 3.86
C2 MAN F . 22.57 19.91 2.48
C3 MAN F . 21.64 20.49 1.42
C4 MAN F . 20.25 19.86 1.49
C5 MAN F . 19.68 19.91 2.91
C6 MAN F . 18.39 19.18 3.08
O2 MAN F . 22.88 18.56 2.15
O3 MAN F . 22.22 20.35 0.13
O4 MAN F . 19.36 20.52 0.60
O5 MAN F . 20.63 19.33 3.82
O6 MAN F . 17.89 19.32 4.41
C1 MAN F . 22.12 27.16 6.93
C2 MAN F . 20.67 27.67 6.86
C3 MAN F . 20.09 27.42 5.46
C4 MAN F . 21.00 28.01 4.39
C5 MAN F . 22.40 27.42 4.51
C6 MAN F . 23.40 28.03 3.56
O2 MAN F . 20.61 29.05 7.20
O3 MAN F . 18.77 27.96 5.35
O4 MAN F . 20.46 27.73 3.11
O5 MAN F . 22.91 27.66 5.85
O6 MAN F . 24.70 27.48 3.73
C1 NAG G . -2.38 16.50 5.10
C2 NAG G . -1.14 17.10 4.45
C3 NAG G . -0.37 15.97 3.77
C4 NAG G . -0.09 14.82 4.73
C5 NAG G . -1.40 14.33 5.35
C6 NAG G . -1.22 13.23 6.37
C7 NAG G . -1.41 19.43 3.67
C8 NAG G . -2.27 20.31 2.79
N2 NAG G . -1.58 18.09 3.49
O3 NAG G . 0.87 16.51 3.31
O4 NAG G . 0.57 13.73 4.10
O5 NAG G . -2.04 15.43 6.00
O6 NAG G . -0.35 13.64 7.42
O7 NAG G . -0.63 19.90 4.48
C1 NAG G . 1.95 13.57 4.32
C2 NAG G . 2.36 12.14 4.00
C3 NAG G . 3.88 12.06 4.17
C4 NAG G . 4.57 13.04 3.25
C5 NAG G . 4.05 14.46 3.47
C6 NAG G . 4.52 15.45 2.42
C7 NAG G . 0.65 10.42 4.48
C8 NAG G . 0.07 9.49 5.51
N2 NAG G . 1.70 11.16 4.87
O3 NAG G . 4.29 10.72 3.89
O4 NAG G . 5.98 13.08 3.53
O5 NAG G . 2.62 14.47 3.44
O6 NAG G . 3.66 15.47 1.28
O7 NAG G . 0.16 10.50 3.34
C1 BMA G . 6.87 12.25 2.81
C2 BMA G . 7.86 13.15 2.03
C3 BMA G . 9.00 12.32 1.44
C4 BMA G . 9.66 11.44 2.50
C5 BMA G . 8.59 10.57 3.18
C6 BMA G . 9.12 9.65 4.29
O2 BMA G . 8.40 14.16 2.89
O3 BMA G . 9.98 13.18 0.85
O4 BMA G . 10.69 10.64 1.92
O5 BMA G . 7.57 11.40 3.75
O6 BMA G . 9.36 10.32 5.53
C1 NAG H . -2.64 16.95 -6.17
C2 NAG H . -1.40 16.53 -5.39
C3 NAG H . -0.68 17.77 -4.88
C4 NAG H . -0.38 18.74 -6.02
C5 NAG H . -1.66 19.08 -6.77
C6 NAG H . -1.44 19.91 -8.02
C7 NAG H . -1.47 14.36 -4.27
C8 NAG H . -1.91 13.61 -3.05
N2 NAG H . -1.73 15.65 -4.27
O3 NAG H . 0.54 17.33 -4.30
O4 NAG H . 0.20 19.93 -5.50
O5 NAG H . -2.28 17.86 -7.21
O6 NAG H . -0.53 19.25 -8.92
O7 NAG H . -0.91 13.79 -5.21
C1 NAG H . 1.34 20.43 -6.13
C2 NAG H . 1.67 21.79 -5.53
C3 NAG H . 2.92 22.32 -6.24
C4 NAG H . 4.07 21.32 -6.10
C5 NAG H . 3.65 19.93 -6.58
C6 NAG H . 4.66 18.87 -6.26
C7 NAG H . -0.31 23.05 -4.80
C8 NAG H . -1.46 23.90 -5.25
N2 NAG H . 0.54 22.68 -5.77
O3 NAG H . 3.30 23.54 -5.64
O4 NAG H . 5.20 21.78 -6.82
O5 NAG H . 2.44 19.55 -5.90
O6 NAG H . 4.19 17.62 -6.73
O7 NAG H . -0.17 22.70 -3.64
C1 BMA H . 6.41 21.87 -6.11
C2 BMA H . 7.55 21.90 -7.11
C3 BMA H . 8.88 22.05 -6.38
C4 BMA H . 8.85 23.23 -5.43
C5 BMA H . 7.64 23.15 -4.50
C6 BMA H . 7.48 24.34 -3.57
O2 BMA H . 7.35 22.94 -8.06
O3 BMA H . 9.95 22.18 -7.31
O4 BMA H . 10.01 23.21 -4.61
O5 BMA H . 6.44 23.03 -5.28
O6 BMA H . 6.86 25.48 -4.18
C1 MAN H . 10.78 21.04 -7.54
C2 MAN H . 12.09 21.54 -8.19
C3 MAN H . 11.79 22.06 -9.59
C4 MAN H . 11.02 21.05 -10.44
C5 MAN H . 9.77 20.55 -9.70
C6 MAN H . 9.06 19.41 -10.40
O2 MAN H . 13.08 20.52 -8.18
O3 MAN H . 12.99 22.44 -10.24
O4 MAN H . 10.61 21.67 -11.66
O5 MAN H . 10.14 20.07 -8.40
O6 MAN H . 7.97 18.94 -9.62
C1 MAN H . 7.70 26.60 -4.41
C2 MAN H . 7.94 27.34 -3.06
C3 MAN H . 8.01 28.86 -3.24
C4 MAN H . 8.67 29.25 -4.57
C5 MAN H . 7.89 28.68 -5.76
C6 MAN H . 8.73 28.39 -6.98
O2 MAN H . 9.15 26.86 -2.45
O3 MAN H . 8.66 29.49 -2.14
O4 MAN H . 8.75 30.67 -4.69
O5 MAN H . 7.15 27.47 -5.42
O6 MAN H . 7.97 28.54 -8.18
C1 NAG I . 11.72 -7.55 30.78
C2 NAG I . 12.80 -6.59 31.26
C3 NAG I . 12.94 -6.81 32.77
C4 NAG I . 11.62 -6.52 33.47
C5 NAG I . 10.51 -7.38 32.90
C6 NAG I . 9.13 -6.99 33.40
C7 NAG I . 14.84 -5.86 30.11
C8 NAG I . 16.03 -6.30 29.30
N2 NAG I . 14.06 -6.83 30.58
O3 NAG I . 13.98 -6.00 33.31
O4 NAG I . 11.74 -6.79 34.86
O5 NAG I . 10.47 -7.27 31.46
O6 NAG I . 8.83 -5.63 33.12
O7 NAG I . 14.60 -4.66 30.33
C1 NAG J . -30.03 -24.91 20.49
C2 NAG J . -31.50 -25.28 20.23
C3 NAG J . -31.60 -26.79 20.46
C4 NAG J . -30.64 -27.56 19.55
C5 NAG J . -29.21 -27.10 19.78
C6 NAG J . -28.25 -27.68 18.76
C7 NAG J . -33.22 -23.63 20.83
C8 NAG J . -34.00 -23.01 21.95
N2 NAG J . -32.33 -24.57 21.18
O3 NAG J . -32.93 -27.22 20.24
O4 NAG J . -30.76 -28.96 19.78
O5 NAG J . -29.14 -25.67 19.66
O6 NAG J . -27.18 -26.77 18.45
O7 NAG J . -33.40 -23.31 19.65
C1 NAG K . 28.34 -28.39 -2.48
C2 NAG K . 29.57 -27.99 -3.29
C3 NAG K . 30.65 -29.04 -2.99
C4 NAG K . 30.95 -29.08 -1.50
C5 NAG K . 29.66 -29.35 -0.71
C6 NAG K . 29.83 -29.24 0.80
C7 NAG K . 29.34 -26.86 -5.45
C8 NAG K . 28.98 -27.01 -6.90
N2 NAG K . 29.27 -27.97 -4.71
O3 NAG K . 31.83 -28.71 -3.72
O4 NAG K . 31.90 -30.10 -1.22
O5 NAG K . 28.66 -28.40 -1.08
O6 NAG K . 28.97 -30.12 1.49
O7 NAG K . 29.69 -25.78 -4.96
C1 NAG L . -25.73 -15.76 -36.78
C2 NAG L . -25.45 -14.51 -37.61
C3 NAG L . -26.38 -14.55 -38.83
C4 NAG L . -26.15 -15.85 -39.62
C5 NAG L . -26.35 -17.07 -38.71
C6 NAG L . -25.99 -18.38 -39.39
C7 NAG L . -26.54 -12.89 -36.04
C8 NAG L . -26.38 -11.56 -35.36
N2 NAG L . -25.58 -13.23 -36.92
O3 NAG L . -26.09 -13.43 -39.66
O4 NAG L . -27.05 -15.92 -40.73
O5 NAG L . -25.50 -16.94 -37.56
O6 NAG L . -26.09 -19.50 -38.52
O7 NAG L . -27.50 -13.62 -35.78
C1 NAG M . 6.71 -31.69 16.62
C2 NAG M . 5.54 -30.87 17.17
C3 NAG M . 4.28 -31.72 17.02
C4 NAG M . 4.05 -32.08 15.55
C5 NAG M . 5.28 -32.78 14.98
C6 NAG M . 5.21 -33.03 13.49
C7 NAG M . 5.40 -31.01 19.72
C8 NAG M . 6.07 -30.47 20.94
N2 NAG M . 5.74 -30.38 18.55
O3 NAG M . 3.15 -31.01 17.55
O4 NAG M . 2.91 -32.91 15.41
O5 NAG M . 6.46 -31.99 15.23
O6 NAG M . 4.90 -31.86 12.75
O7 NAG M . 4.60 -31.93 19.77
C1 QLH N . -20.86 8.05 7.07
C2 QLH N . -21.66 9.15 6.79
C3 QLH N . -22.60 9.59 7.70
C8 QLH N . -23.77 8.64 11.02
C9 QLH N . -22.98 7.54 11.33
C10 QLH N . -22.05 7.09 10.44
C12 QLH N . -23.42 10.73 7.41
C14 QLH N . -19.00 6.23 7.65
C15 QLH N . -18.05 5.15 8.20
C16 QLH N . -18.77 3.81 8.14
C19 QLH N . -20.83 2.59 8.80
C4 QLH N . -20.98 7.37 8.26
C5 QLH N . -21.92 7.77 9.23
C6 QLH N . -22.75 8.88 8.97
N7 QLH N . -23.63 9.27 9.88
N11 QLH N . -20.18 6.27 8.51
N13 QLH N . -24.06 11.63 7.17
C17 QLH N . -20.06 3.89 8.95
C18 QLH N . -20.93 5.03 8.40
N20 QLH N . -16.84 5.09 7.38
F21 QLH N . -20.21 1.58 9.54
F22 QLH N . -22.13 2.77 9.27
F23 QLH N . -20.88 2.22 7.47
C1 NAG O . -28.03 18.03 -2.30
C2 NAG O . -29.29 17.23 -2.60
C3 NAG O . -30.47 18.13 -2.28
C4 NAG O . -30.43 18.53 -0.81
C5 NAG O . -29.12 19.27 -0.53
C6 NAG O . -28.92 19.57 0.95
C7 NAG O . -29.65 15.61 -4.42
C8 NAG O . -29.54 15.36 -5.90
N2 NAG O . -29.31 16.83 -4.01
O3 NAG O . -31.70 17.48 -2.58
O4 NAG O . -31.55 19.37 -0.48
O5 NAG O . -28.00 18.47 -0.94
O6 NAG O . -28.94 18.38 1.74
O7 NAG O . -30.04 14.75 -3.64
C1 NAG P . 7.61 39.42 17.93
C2 NAG P . 8.68 40.01 18.86
C3 NAG P . 9.04 41.38 18.28
C4 NAG P . 9.56 41.25 16.85
C5 NAG P . 8.53 40.56 15.96
C6 NAG P . 9.11 40.20 14.60
C7 NAG P . 8.65 39.49 21.27
C8 NAG P . 8.00 39.80 22.58
N2 NAG P . 8.15 40.14 20.20
O3 NAG P . 10.04 42.01 19.08
O4 NAG P . 9.89 42.54 16.33
O5 NAG P . 8.09 39.33 16.58
O6 NAG P . 8.53 39.04 14.03
O7 NAG P . 9.57 38.69 21.16
C1 NAG Q . -4.53 13.57 -37.51
C2 NAG Q . -4.66 12.51 -38.60
C3 NAG Q . -5.18 13.19 -39.87
C4 NAG Q . -6.50 13.91 -39.58
C5 NAG Q . -6.33 14.89 -38.43
C6 NAG Q . -7.64 15.50 -37.98
C7 NAG Q . -3.27 10.49 -38.66
C8 NAG Q . -1.92 9.93 -38.98
N2 NAG Q . -3.41 11.81 -38.87
O3 NAG Q . -5.37 12.21 -40.89
O4 NAG Q . -6.95 14.60 -40.75
O5 NAG Q . -5.78 14.21 -37.28
O6 NAG Q . -7.47 16.84 -37.49
O7 NAG Q . -4.19 9.80 -38.23
C1 NAG R . -7.60 32.46 -15.27
C2 NAG R . -8.44 33.35 -14.36
C3 NAG R . -7.64 34.63 -14.11
C4 NAG R . -6.27 34.31 -13.50
C5 NAG R . -5.51 33.25 -14.29
C6 NAG R . -4.35 32.68 -13.53
C7 NAG R . -10.89 33.53 -14.24
C8 NAG R . -12.14 33.95 -14.97
N2 NAG R . -9.75 33.67 -14.92
O3 NAG R . -8.36 35.50 -13.24
O4 NAG R . -5.51 35.51 -13.46
O5 NAG R . -6.38 32.14 -14.59
O6 NAG R . -3.10 33.24 -13.93
O7 NAG R . -10.91 33.11 -13.10
C1 QLH S . 3.60 2.99 23.27
C2 QLH S . 3.93 2.23 24.37
C3 QLH S . 3.60 2.65 25.66
C8 QLH S . 1.94 5.50 27.19
C9 QLH S . 1.60 6.30 26.11
C10 QLH S . 1.91 5.90 24.85
C12 QLH S . 3.94 1.86 26.80
C14 QLH S . 2.70 4.21 21.06
C15 QLH S . 2.03 5.04 19.97
C16 QLH S . 2.79 6.36 19.83
C19 QLH S . 3.79 8.28 21.04
C4 QLH S . 2.94 4.20 23.41
C5 QLH S . 2.58 4.67 24.69
C6 QLH S . 2.91 3.91 25.83
N7 QLH S . 2.57 4.36 27.04
N11 QLH S . 2.60 4.96 22.31
N13 QLH S . 4.21 1.24 27.71
C17 QLH S . 2.85 7.10 21.17
C18 QLH S . 3.41 6.17 22.25
N20 QLH S . 2.08 4.31 18.70
F21 QLH S . 3.23 9.24 20.18
F22 QLH S . 3.99 8.86 22.29
F23 QLH S . 5.01 7.85 20.53
C FMT T . 11.45 12.57 14.62
O1 FMT T . 10.84 13.55 15.06
O2 FMT T . 12.42 12.83 13.64
#